data_7TXY
#
_entry.id   7TXY
#
_cell.length_a   68.800
_cell.length_b   83.855
_cell.length_c   110.272
_cell.angle_alpha   85.590
_cell.angle_beta   73.100
_cell.angle_gamma   89.260
#
_symmetry.space_group_name_H-M   'P 1'
#
loop_
_entity.id
_entity.type
_entity.pdbx_description
1 polymer '2-amino-5-chlorophenol 1,6-dioxygenase subunit alpha'
2 polymer '2-aminophenol 1,6-dioxygenase subunit beta'
3 non-polymer 'FE (II) ION'
4 water water
#
loop_
_entity_poly.entity_id
_entity_poly.type
_entity_poly.pdbx_seq_one_letter_code
_entity_poly.pdbx_strand_id
1 'polypeptide(L)'
;MADRTGIVAGALLPGMPHLLAEHPAPSWSALAGAARDVGARLRRLEPDVVLLLSTQWFTVLGHQFQCDPNPRGEHVDENW
YAYDYGLLDYDLRFDVDFTERWADRVQAGGMQARRTRYDGFPIDTGTIVTSALLDPDRRLRWAQVSCNLYADADTLADVG
RAGAAAARDAGLRAAVVVVTGMSSGLIQQWIEPGQDRIGEPGHDQWNTRVLDLLTAGKVDEVLAVREDFARQAQADSQFR
ALAFAAGAEATTGPAHLHAYGPIWGTGAAVLSWNLPDHP
;
A,C,E,G
2 'polypeptide(L)'
;MSRVFRVPLAPTRGGATTAPRTPAPAPAPTRPGIVAGCLSPHPPHLIYGENPPQNEPRSTGGWETLRWAYERLRARIRDV
HKPDVLIVHAPHWITMVGHHVNCVPNPRGLSVEPIFPHLFRYRYDFRTDVELGEAIAEEASGLGLVTRTLRDPRVRVDYA
TIGALHLANPAWDIPVVSLSANNNPYFYSDASLTEMEVLGEATRLAVEATGRRAVLLASNSLSHLHWHEEPELPEDMERE
HPYNNHQYRWDMKLLEAIRRGPTAPLRDLIPEHIEATASETKAGSLTWMLAAMGWPKVAGDVLGYGTIIGTGNAIVEWLP
EGSHHGGSGGSHHHHHH
;
B,D,F,H
#
# COMPACT_ATOMS: atom_id res chain seq x y z
N ARG A 4 -40.67 16.64 -36.74
CA ARG A 4 -39.76 15.67 -37.33
C ARG A 4 -38.87 15.07 -36.24
N THR A 5 -38.44 13.82 -36.46
CA THR A 5 -37.56 13.12 -35.53
C THR A 5 -36.13 13.10 -36.06
N GLY A 6 -35.20 12.81 -35.16
CA GLY A 6 -33.80 12.67 -35.53
C GLY A 6 -33.05 14.00 -35.52
N ILE A 7 -31.93 14.01 -36.24
CA ILE A 7 -31.10 15.19 -36.36
C ILE A 7 -31.76 16.15 -37.35
N VAL A 8 -32.06 17.37 -36.90
CA VAL A 8 -32.80 18.33 -37.71
C VAL A 8 -32.05 19.64 -37.90
N ALA A 9 -30.91 19.83 -37.27
CA ALA A 9 -30.15 21.07 -37.43
C ALA A 9 -28.70 20.80 -37.05
N GLY A 10 -27.83 21.68 -37.54
CA GLY A 10 -26.40 21.54 -37.28
C GLY A 10 -25.75 22.90 -37.19
N ALA A 11 -24.64 22.96 -36.46
CA ALA A 11 -23.90 24.20 -36.29
C ALA A 11 -22.45 23.89 -35.98
N LEU A 12 -21.58 24.77 -36.46
CA LEU A 12 -20.13 24.68 -36.25
C LEU A 12 -19.65 26.04 -35.78
N LEU A 13 -18.84 26.07 -34.73
CA LEU A 13 -18.38 27.33 -34.17
C LEU A 13 -17.01 27.12 -33.54
N PRO A 14 -16.22 28.17 -33.41
CA PRO A 14 -14.93 28.04 -32.72
C PRO A 14 -15.14 27.91 -31.22
N GLY A 15 -14.05 27.59 -30.53
CA GLY A 15 -14.14 27.30 -29.11
C GLY A 15 -13.08 27.97 -28.27
N MET A 16 -12.28 28.86 -28.85
CA MET A 16 -11.25 29.50 -28.06
C MET A 16 -11.84 30.57 -27.16
N PRO A 17 -11.28 30.77 -25.97
CA PRO A 17 -11.93 31.64 -24.98
C PRO A 17 -11.92 33.12 -25.35
N HIS A 18 -11.17 33.50 -26.39
CA HIS A 18 -11.09 34.90 -26.79
C HIS A 18 -12.44 35.46 -27.18
N LEU A 19 -13.38 34.61 -27.58
CA LEU A 19 -14.71 35.09 -27.95
C LEU A 19 -15.43 35.76 -26.80
N LEU A 20 -15.00 35.52 -25.56
CA LEU A 20 -15.61 36.11 -24.38
C LEU A 20 -14.77 37.24 -23.79
N ALA A 21 -13.79 37.75 -24.54
CA ALA A 21 -12.91 38.78 -24.02
C ALA A 21 -13.70 40.05 -23.69
N GLU A 22 -13.25 40.75 -22.66
CA GLU A 22 -13.86 42.03 -22.32
C GLU A 22 -13.53 43.09 -23.37
N HIS A 23 -12.31 43.05 -23.91
CA HIS A 23 -11.85 43.95 -24.95
C HIS A 23 -11.48 43.12 -26.17
N PRO A 24 -12.47 42.60 -26.90
CA PRO A 24 -12.17 41.68 -27.99
C PRO A 24 -11.70 42.38 -29.25
N ALA A 25 -10.89 41.66 -30.02
CA ALA A 25 -10.60 42.10 -31.37
C ALA A 25 -11.89 42.13 -32.19
N PRO A 26 -11.98 43.01 -33.19
CA PRO A 26 -13.23 43.07 -33.96
C PRO A 26 -13.68 41.71 -34.48
N SER A 27 -12.73 40.86 -34.86
CA SER A 27 -13.09 39.54 -35.39
C SER A 27 -13.65 38.63 -34.29
N TRP A 28 -13.11 38.73 -33.07
CA TRP A 28 -13.63 37.89 -31.99
C TRP A 28 -15.07 38.28 -31.67
N SER A 29 -15.33 39.59 -31.57
CA SER A 29 -16.69 40.03 -31.26
C SER A 29 -17.66 39.68 -32.39
N ALA A 30 -17.19 39.67 -33.63
CA ALA A 30 -18.06 39.29 -34.74
C ALA A 30 -18.36 37.80 -34.69
N LEU A 31 -17.35 36.98 -34.40
CA LEU A 31 -17.57 35.55 -34.25
C LEU A 31 -18.46 35.27 -33.05
N ALA A 32 -18.21 35.94 -31.92
CA ALA A 32 -19.04 35.75 -30.74
C ALA A 32 -20.48 36.14 -31.02
N GLY A 33 -20.69 37.30 -31.65
CA GLY A 33 -22.05 37.72 -31.95
C GLY A 33 -22.77 36.72 -32.84
N ALA A 34 -22.07 36.21 -33.85
CA ALA A 34 -22.67 35.21 -34.72
C ALA A 34 -23.03 33.96 -33.93
N ALA A 35 -22.15 33.54 -33.02
CA ALA A 35 -22.43 32.37 -32.20
C ALA A 35 -23.69 32.58 -31.37
N ARG A 36 -23.80 33.72 -30.71
CA ARG A 36 -24.99 34.00 -29.91
C ARG A 36 -26.24 33.94 -30.78
N ASP A 37 -26.16 34.43 -32.02
CA ASP A 37 -27.30 34.35 -32.92
C ASP A 37 -27.66 32.91 -33.23
N VAL A 38 -26.65 32.08 -33.54
CA VAL A 38 -26.89 30.66 -33.77
C VAL A 38 -27.55 30.04 -32.55
N GLY A 39 -27.11 30.43 -31.35
CA GLY A 39 -27.70 29.89 -30.14
C GLY A 39 -29.18 30.23 -30.00
N ALA A 40 -29.55 31.46 -30.31
CA ALA A 40 -30.96 31.83 -30.25
C ALA A 40 -31.79 31.02 -31.23
N ARG A 41 -31.26 30.82 -32.45
CA ARG A 41 -31.96 30.00 -33.42
C ARG A 41 -32.06 28.56 -32.95
N LEU A 42 -30.95 28.02 -32.44
CA LEU A 42 -30.96 26.64 -31.94
C LEU A 42 -32.00 26.48 -30.84
N ARG A 43 -31.99 27.37 -29.86
CA ARG A 43 -32.95 27.25 -28.76
C ARG A 43 -34.38 27.45 -29.26
N ARG A 44 -34.58 28.28 -30.28
CA ARG A 44 -35.91 28.43 -30.86
CA ARG A 44 -35.91 28.43 -30.86
C ARG A 44 -36.39 27.11 -31.47
N LEU A 45 -35.48 26.34 -32.05
CA LEU A 45 -35.83 25.01 -32.54
CA LEU A 45 -35.84 25.01 -32.54
C LEU A 45 -36.30 24.11 -31.41
N GLU A 46 -35.82 24.35 -30.20
CA GLU A 46 -36.21 23.58 -29.02
C GLU A 46 -35.90 22.10 -29.20
N PRO A 47 -34.63 21.75 -29.44
CA PRO A 47 -34.29 20.33 -29.54
C PRO A 47 -34.39 19.64 -28.19
N ASP A 48 -34.79 18.37 -28.21
CA ASP A 48 -34.77 17.57 -27.00
C ASP A 48 -33.35 17.40 -26.48
N VAL A 49 -32.39 17.24 -27.40
CA VAL A 49 -30.99 17.04 -27.05
C VAL A 49 -30.14 17.61 -28.19
N VAL A 50 -28.91 17.99 -27.86
CA VAL A 50 -27.95 18.50 -28.83
C VAL A 50 -26.71 17.64 -28.72
N LEU A 51 -26.45 16.84 -29.75
CA LEU A 51 -25.21 16.06 -29.80
C LEU A 51 -24.04 17.01 -29.98
N LEU A 52 -22.95 16.74 -29.26
CA LEU A 52 -21.85 17.68 -29.17
C LEU A 52 -20.51 16.98 -29.33
N LEU A 53 -19.62 17.61 -30.09
CA LEU A 53 -18.22 17.19 -30.16
C LEU A 53 -17.37 18.45 -30.18
N SER A 54 -16.44 18.55 -29.25
CA SER A 54 -15.48 19.64 -29.20
C SER A 54 -14.09 19.05 -29.37
N THR A 55 -13.29 19.67 -30.24
CA THR A 55 -11.96 19.15 -30.52
C THR A 55 -11.05 19.23 -29.30
N GLN A 56 -11.37 20.07 -28.32
CA GLN A 56 -10.50 20.23 -27.16
C GLN A 56 -10.76 19.19 -26.08
N TRP A 57 -11.82 18.40 -26.18
CA TRP A 57 -11.92 17.15 -25.41
C TRP A 57 -11.56 16.03 -26.38
N PHE A 58 -10.28 15.69 -26.42
CA PHE A 58 -9.76 14.68 -27.33
C PHE A 58 -9.44 13.41 -26.56
N THR A 59 -9.31 12.33 -27.31
CA THR A 59 -8.88 11.06 -26.76
C THR A 59 -8.07 10.31 -27.81
N VAL A 60 -7.47 9.20 -27.39
CA VAL A 60 -6.72 8.33 -28.30
C VAL A 60 -7.09 6.89 -28.04
N LEU A 61 -8.09 6.65 -27.19
CA LEU A 61 -8.46 5.29 -26.80
C LEU A 61 -9.98 5.18 -26.81
N GLY A 62 -10.52 4.52 -27.81
CA GLY A 62 -11.94 4.38 -27.88
C GLY A 62 -12.63 5.73 -28.01
N HIS A 63 -13.90 5.75 -27.60
CA HIS A 63 -14.74 6.93 -27.70
C HIS A 63 -15.41 7.15 -26.35
N GLN A 64 -15.03 8.24 -25.69
CA GLN A 64 -15.52 8.54 -24.35
C GLN A 64 -16.75 9.43 -24.41
N PHE A 65 -17.72 9.12 -23.55
CA PHE A 65 -18.98 9.86 -23.50
C PHE A 65 -19.15 10.48 -22.11
N GLN A 66 -19.67 11.70 -22.09
CA GLN A 66 -19.89 12.43 -20.84
C GLN A 66 -21.14 11.88 -20.15
N CYS A 67 -20.94 11.20 -19.02
CA CYS A 67 -22.05 10.62 -18.27
C CYS A 67 -22.26 11.27 -16.92
N ASP A 68 -21.56 12.36 -16.63
CA ASP A 68 -21.88 13.19 -15.48
C ASP A 68 -23.06 14.08 -15.86
N PRO A 69 -24.20 13.99 -15.17
CA PRO A 69 -25.37 14.77 -15.60
C PRO A 69 -25.19 16.28 -15.48
N ASN A 70 -24.33 16.76 -14.60
CA ASN A 70 -24.25 18.20 -14.30
C ASN A 70 -22.86 18.58 -13.81
N PRO A 71 -21.89 18.63 -14.71
CA PRO A 71 -20.60 19.25 -14.36
C PRO A 71 -20.77 20.76 -14.20
N ARG A 72 -20.17 21.30 -13.15
CA ARG A 72 -20.25 22.74 -12.91
C ARG A 72 -19.08 23.16 -12.04
N GLY A 73 -18.71 24.43 -12.17
CA GLY A 73 -17.62 24.99 -11.40
C GLY A 73 -17.01 26.17 -12.14
N GLU A 74 -15.75 26.44 -11.81
CA GLU A 74 -14.97 27.47 -12.47
C GLU A 74 -13.73 26.82 -13.07
N HIS A 75 -13.39 27.24 -14.28
CA HIS A 75 -12.25 26.70 -15.00
C HIS A 75 -11.35 27.86 -15.41
N VAL A 76 -10.07 27.76 -15.05
CA VAL A 76 -9.07 28.72 -15.49
C VAL A 76 -8.23 28.03 -16.56
N ASP A 77 -8.34 28.51 -17.80
CA ASP A 77 -7.74 27.82 -18.93
C ASP A 77 -6.23 27.75 -18.79
N GLU A 78 -5.68 26.60 -19.17
CA GLU A 78 -4.27 26.32 -18.98
CA GLU A 78 -4.27 26.32 -18.98
C GLU A 78 -3.37 27.20 -19.84
N ASN A 79 -3.93 27.86 -20.85
CA ASN A 79 -3.15 28.71 -21.76
C ASN A 79 -3.40 30.19 -21.57
N TRP A 80 -4.63 30.58 -21.25
CA TRP A 80 -5.04 31.98 -21.25
C TRP A 80 -5.38 32.49 -19.86
N TYR A 81 -4.87 31.81 -18.82
CA TYR A 81 -5.11 32.20 -17.44
C TYR A 81 -4.80 33.67 -17.18
N ALA A 82 -3.82 34.23 -17.89
CA ALA A 82 -3.38 35.60 -17.63
C ALA A 82 -4.34 36.65 -18.18
N TYR A 83 -5.34 36.24 -18.95
CA TYR A 83 -6.30 37.16 -19.54
C TYR A 83 -7.66 37.00 -18.89
N ASP A 84 -8.50 38.03 -19.01
CA ASP A 84 -9.80 38.00 -18.38
C ASP A 84 -10.65 36.85 -18.91
N TYR A 85 -10.49 36.48 -20.17
CA TYR A 85 -11.24 35.37 -20.76
C TYR A 85 -10.63 34.02 -20.42
N GLY A 86 -9.57 33.97 -19.62
CA GLY A 86 -9.06 32.69 -19.13
C GLY A 86 -9.81 32.14 -17.95
N LEU A 87 -10.59 32.99 -17.28
CA LEU A 87 -11.42 32.58 -16.15
C LEU A 87 -12.84 32.35 -16.67
N LEU A 88 -13.32 31.11 -16.58
CA LEU A 88 -14.60 30.73 -17.15
C LEU A 88 -15.40 29.94 -16.13
N ASP A 89 -16.64 30.37 -15.92
CA ASP A 89 -17.61 29.61 -15.14
C ASP A 89 -18.42 28.72 -16.07
N TYR A 90 -18.83 27.57 -15.56
CA TYR A 90 -19.61 26.66 -16.37
C TYR A 90 -20.62 25.92 -15.51
N ASP A 91 -21.72 25.53 -16.15
CA ASP A 91 -22.77 24.75 -15.49
C ASP A 91 -23.51 24.06 -16.64
N LEU A 92 -23.16 22.80 -16.89
CA LEU A 92 -23.62 22.08 -18.06
C LEU A 92 -24.56 20.95 -17.65
N ARG A 93 -25.61 20.72 -18.45
CA ARG A 93 -26.53 19.61 -18.23
C ARG A 93 -26.42 18.65 -19.40
N PHE A 94 -26.12 17.39 -19.11
CA PHE A 94 -25.98 16.33 -20.11
C PHE A 94 -27.11 15.33 -19.93
N ASP A 95 -27.71 14.93 -21.04
CA ASP A 95 -28.73 13.89 -21.05
C ASP A 95 -28.00 12.55 -21.06
N VAL A 96 -27.69 12.04 -19.86
CA VAL A 96 -26.83 10.87 -19.76
C VAL A 96 -27.56 9.61 -20.20
N ASP A 97 -28.90 9.61 -20.23
CA ASP A 97 -29.62 8.41 -20.62
C ASP A 97 -29.68 8.26 -22.13
N PHE A 98 -29.92 9.35 -22.87
CA PHE A 98 -29.74 9.26 -24.32
C PHE A 98 -28.29 8.93 -24.65
N THR A 99 -27.35 9.52 -23.92
CA THR A 99 -25.95 9.21 -24.10
C THR A 99 -25.70 7.71 -23.97
N GLU A 100 -26.41 7.06 -23.05
CA GLU A 100 -26.28 5.61 -22.89
C GLU A 100 -26.74 4.89 -24.14
N ARG A 101 -27.86 5.30 -24.72
CA ARG A 101 -28.34 4.70 -25.96
C ARG A 101 -27.32 4.89 -27.08
N TRP A 102 -26.73 6.08 -27.16
CA TRP A 102 -25.75 6.37 -28.20
C TRP A 102 -24.48 5.54 -27.98
N ALA A 103 -23.99 5.49 -26.74
CA ALA A 103 -22.82 4.68 -26.45
C ALA A 103 -23.09 3.21 -26.80
N ASP A 104 -24.30 2.72 -26.51
CA ASP A 104 -24.66 1.35 -26.85
C ASP A 104 -24.58 1.12 -28.36
N ARG A 105 -25.17 2.04 -29.15
CA ARG A 105 -25.08 1.93 -30.60
C ARG A 105 -23.63 1.88 -31.06
N VAL A 106 -22.74 2.64 -30.42
CA VAL A 106 -21.34 2.65 -30.81
C VAL A 106 -20.68 1.31 -30.50
N GLN A 107 -20.98 0.74 -29.34
CA GLN A 107 -20.44 -0.58 -29.01
C GLN A 107 -20.99 -1.64 -29.96
N ALA A 108 -22.28 -1.52 -30.32
CA ALA A 108 -22.86 -2.46 -31.29
C ALA A 108 -22.16 -2.38 -32.65
N GLY A 109 -21.50 -1.28 -32.95
CA GLY A 109 -20.78 -1.11 -34.19
C GLY A 109 -19.34 -1.57 -34.16
N GLY A 110 -18.92 -2.25 -33.09
CA GLY A 110 -17.58 -2.77 -32.99
C GLY A 110 -16.58 -1.83 -32.34
N MET A 111 -17.00 -0.64 -31.91
CA MET A 111 -16.12 0.34 -31.30
C MET A 111 -16.21 0.28 -29.77
N GLN A 112 -15.17 0.76 -29.12
CA GLN A 112 -15.09 0.75 -27.66
C GLN A 112 -15.72 2.05 -27.14
N ALA A 113 -16.95 1.95 -26.65
CA ALA A 113 -17.63 3.08 -26.02
C ALA A 113 -17.31 3.09 -24.53
N ARG A 114 -16.83 4.24 -24.05
CA ARG A 114 -16.33 4.37 -22.68
C ARG A 114 -17.13 5.43 -21.94
N ARG A 115 -17.92 4.98 -20.97
CA ARG A 115 -18.70 5.90 -20.15
C ARG A 115 -17.79 6.64 -19.18
N THR A 116 -17.99 7.96 -19.09
CA THR A 116 -17.11 8.83 -18.30
C THR A 116 -17.95 9.55 -17.26
N ARG A 117 -17.82 9.14 -16.00
CA ARG A 117 -18.48 9.82 -14.87
C ARG A 117 -17.51 9.78 -13.70
N TYR A 118 -16.70 10.83 -13.58
CA TYR A 118 -15.67 10.92 -12.55
C TYR A 118 -15.68 12.31 -11.93
N ASP A 119 -15.63 12.36 -10.60
CA ASP A 119 -15.44 13.63 -9.93
C ASP A 119 -14.10 14.22 -10.31
N GLY A 120 -14.09 15.49 -10.68
CA GLY A 120 -12.87 16.16 -11.06
C GLY A 120 -12.44 15.92 -12.50
N PHE A 121 -13.25 15.25 -13.30
CA PHE A 121 -12.90 15.07 -14.70
C PHE A 121 -12.77 16.44 -15.36
N PRO A 122 -11.74 16.65 -16.17
CA PRO A 122 -11.55 17.99 -16.76
C PRO A 122 -12.59 18.31 -17.81
N ILE A 123 -13.07 19.55 -17.80
CA ILE A 123 -14.02 20.06 -18.80
C ILE A 123 -13.24 21.00 -19.72
N ASP A 124 -13.38 20.78 -21.03
CA ASP A 124 -12.56 21.50 -21.99
C ASP A 124 -13.10 22.91 -22.22
N THR A 125 -12.19 23.82 -22.53
CA THR A 125 -12.55 25.23 -22.68
C THR A 125 -13.54 25.41 -23.81
N GLY A 126 -13.39 24.64 -24.90
CA GLY A 126 -14.29 24.79 -26.03
C GLY A 126 -15.74 24.57 -25.65
N THR A 127 -16.01 23.54 -24.84
CA THR A 127 -17.38 23.26 -24.45
C THR A 127 -17.92 24.35 -23.54
N ILE A 128 -17.09 24.88 -22.64
CA ILE A 128 -17.54 25.93 -21.74
C ILE A 128 -17.89 27.18 -22.53
N VAL A 129 -17.03 27.55 -23.49
CA VAL A 129 -17.29 28.75 -24.29
C VAL A 129 -18.56 28.58 -25.11
N THR A 130 -18.74 27.40 -25.72
CA THR A 130 -19.93 27.15 -26.52
C THR A 130 -21.20 27.28 -25.69
N SER A 131 -21.18 26.75 -24.47
CA SER A 131 -22.35 26.88 -23.60
C SER A 131 -22.63 28.35 -23.30
N ALA A 132 -21.58 29.13 -23.02
CA ALA A 132 -21.78 30.54 -22.68
C ALA A 132 -22.35 31.31 -23.86
N LEU A 133 -21.93 30.97 -25.08
CA LEU A 133 -22.39 31.70 -26.25
C LEU A 133 -23.76 31.23 -26.71
N LEU A 134 -23.95 29.91 -26.80
CA LEU A 134 -25.17 29.36 -27.36
C LEU A 134 -26.30 29.25 -26.33
N ASP A 135 -25.97 29.15 -25.04
CA ASP A 135 -26.96 28.78 -24.01
C ASP A 135 -26.59 29.45 -22.71
N PRO A 136 -26.70 30.77 -22.63
CA PRO A 136 -26.35 31.46 -21.37
C PRO A 136 -27.20 31.02 -20.19
N ASP A 137 -28.47 30.68 -20.42
CA ASP A 137 -29.39 30.32 -19.35
C ASP A 137 -29.44 28.82 -19.11
N ARG A 138 -28.59 28.04 -19.78
CA ARG A 138 -28.49 26.60 -19.53
C ARG A 138 -29.82 25.90 -19.77
N ARG A 139 -30.44 26.21 -20.91
CA ARG A 139 -31.68 25.56 -21.32
C ARG A 139 -31.45 24.27 -22.08
N LEU A 140 -30.30 24.14 -22.74
CA LEU A 140 -30.06 22.99 -23.60
C LEU A 140 -29.59 21.78 -22.80
N ARG A 141 -29.86 20.60 -23.34
CA ARG A 141 -29.39 19.34 -22.78
C ARG A 141 -28.46 18.69 -23.80
N TRP A 142 -27.21 18.47 -23.40
CA TRP A 142 -26.17 18.03 -24.32
C TRP A 142 -25.95 16.52 -24.24
N ALA A 143 -25.37 15.98 -25.32
CA ALA A 143 -24.87 14.61 -25.34
C ALA A 143 -23.52 14.67 -26.06
N GLN A 144 -22.44 14.47 -25.33
CA GLN A 144 -21.09 14.76 -25.82
C GLN A 144 -20.24 13.51 -25.91
N VAL A 145 -19.51 13.41 -27.02
CA VAL A 145 -18.51 12.38 -27.22
C VAL A 145 -17.16 13.06 -27.41
N SER A 146 -16.10 12.34 -27.04
CA SER A 146 -14.76 12.84 -27.24
C SER A 146 -14.42 12.89 -28.72
N CYS A 147 -13.30 13.55 -29.03
CA CYS A 147 -12.77 13.67 -30.38
C CYS A 147 -11.51 12.81 -30.45
N ASN A 148 -11.66 11.57 -30.89
CA ASN A 148 -10.53 10.66 -30.99
C ASN A 148 -9.59 11.12 -32.10
N LEU A 149 -8.35 11.40 -31.73
CA LEU A 149 -7.33 11.86 -32.66
C LEU A 149 -6.46 10.74 -33.20
N TYR A 150 -6.55 9.53 -32.63
CA TYR A 150 -5.68 8.42 -32.95
C TYR A 150 -6.26 7.54 -34.04
N ALA A 151 -7.53 7.15 -33.90
CA ALA A 151 -8.20 6.37 -34.93
C ALA A 151 -8.47 7.25 -36.15
N ASP A 152 -8.85 6.59 -37.25
CA ASP A 152 -9.13 7.30 -38.50
C ASP A 152 -10.27 8.28 -38.31
N ALA A 153 -10.27 9.33 -39.13
CA ALA A 153 -11.35 10.31 -39.07
C ALA A 153 -12.69 9.66 -39.41
N ASP A 154 -12.68 8.61 -40.23
CA ASP A 154 -13.93 7.98 -40.63
C ASP A 154 -14.57 7.22 -39.48
N THR A 155 -13.77 6.76 -38.51
CA THR A 155 -14.35 6.14 -37.32
C THR A 155 -15.16 7.16 -36.53
N LEU A 156 -14.71 8.42 -36.50
CA LEU A 156 -15.49 9.47 -35.85
C LEU A 156 -16.77 9.75 -36.62
N ALA A 157 -16.73 9.62 -37.95
CA ALA A 157 -17.97 9.69 -38.73
C ALA A 157 -18.92 8.57 -38.33
N ASP A 158 -18.38 7.36 -38.11
CA ASP A 158 -19.21 6.25 -37.67
C ASP A 158 -19.91 6.58 -36.36
N VAL A 159 -19.17 7.14 -35.40
CA VAL A 159 -19.78 7.56 -34.13
C VAL A 159 -20.89 8.57 -34.39
N GLY A 160 -20.65 9.50 -35.33
CA GLY A 160 -21.69 10.43 -35.69
C GLY A 160 -22.94 9.76 -36.25
N ARG A 161 -22.74 8.78 -37.14
CA ARG A 161 -23.88 8.05 -37.68
C ARG A 161 -24.63 7.31 -36.59
N ALA A 162 -23.90 6.76 -35.62
CA ALA A 162 -24.55 6.08 -34.50
C ALA A 162 -25.40 7.04 -33.68
N GLY A 163 -24.93 8.28 -33.51
CA GLY A 163 -25.70 9.25 -32.74
C GLY A 163 -27.00 9.64 -33.41
N ALA A 164 -26.96 9.86 -34.73
CA ALA A 164 -28.19 10.22 -35.45
C ALA A 164 -29.18 9.06 -35.43
N ALA A 165 -28.68 7.83 -35.57
CA ALA A 165 -29.57 6.67 -35.50
C ALA A 165 -30.20 6.55 -34.12
N ALA A 166 -29.41 6.73 -33.07
CA ALA A 166 -29.94 6.66 -31.72
C ALA A 166 -30.99 7.73 -31.50
N ALA A 167 -30.72 8.97 -31.96
CA ALA A 167 -31.70 10.03 -31.81
C ALA A 167 -33.03 9.65 -32.46
N ARG A 168 -32.98 8.98 -33.61
CA ARG A 168 -34.21 8.57 -34.29
C ARG A 168 -34.90 7.46 -33.52
N ASP A 169 -34.15 6.45 -33.09
CA ASP A 169 -34.73 5.37 -32.30
C ASP A 169 -35.38 5.91 -31.03
N ALA A 170 -34.77 6.93 -30.43
CA ALA A 170 -35.31 7.54 -29.22
C ALA A 170 -36.44 8.51 -29.49
N GLY A 171 -36.77 8.77 -30.76
CA GLY A 171 -37.84 9.69 -31.08
C GLY A 171 -37.56 11.13 -30.73
N LEU A 172 -36.29 11.53 -30.70
CA LEU A 172 -35.92 12.86 -30.28
C LEU A 172 -35.83 13.80 -31.48
N ARG A 173 -36.17 15.06 -31.23
CA ARG A 173 -35.80 16.16 -32.11
C ARG A 173 -34.45 16.68 -31.62
N ALA A 174 -33.39 16.40 -32.38
CA ALA A 174 -32.05 16.71 -31.93
C ALA A 174 -31.32 17.58 -32.95
N ALA A 175 -30.31 18.28 -32.46
CA ALA A 175 -29.37 19.04 -33.28
C ALA A 175 -27.96 18.57 -32.98
N VAL A 176 -27.03 18.96 -33.84
CA VAL A 176 -25.63 18.63 -33.68
C VAL A 176 -24.83 19.92 -33.66
N VAL A 177 -23.88 20.00 -32.74
CA VAL A 177 -22.98 21.15 -32.60
C VAL A 177 -21.57 20.61 -32.52
N VAL A 178 -20.68 21.13 -33.36
CA VAL A 178 -19.26 20.78 -33.32
C VAL A 178 -18.46 22.03 -33.03
N VAL A 179 -17.55 21.94 -32.08
CA VAL A 179 -16.71 23.05 -31.68
C VAL A 179 -15.32 22.78 -32.25
N THR A 180 -14.94 23.55 -33.26
CA THR A 180 -13.66 23.34 -33.92
C THR A 180 -13.19 24.64 -34.52
N GLY A 181 -11.87 24.79 -34.60
CA GLY A 181 -11.28 25.83 -35.41
C GLY A 181 -11.06 25.33 -36.83
N MET A 182 -10.62 26.26 -37.69
CA MET A 182 -10.20 25.91 -39.03
C MET A 182 -8.68 25.80 -39.03
N SER A 183 -8.00 26.58 -39.87
CA SER A 183 -6.55 26.61 -39.82
C SER A 183 -6.07 26.94 -38.42
N SER A 184 -4.96 26.32 -38.00
CA SER A 184 -4.44 26.46 -36.65
C SER A 184 -3.08 27.14 -36.65
N GLY A 185 -2.89 28.13 -37.52
CA GLY A 185 -1.64 28.86 -37.56
C GLY A 185 -1.53 29.87 -36.44
N LEU A 186 -1.04 29.42 -35.29
CA LEU A 186 -1.04 30.23 -34.08
C LEU A 186 0.13 31.21 -34.10
N ILE A 187 -0.15 32.47 -33.73
CA ILE A 187 0.88 33.50 -33.66
C ILE A 187 1.63 33.32 -32.35
N GLN A 188 2.94 33.06 -32.45
CA GLN A 188 3.78 32.82 -31.28
C GLN A 188 4.27 34.14 -30.69
N GLN A 189 3.32 34.97 -30.28
CA GLN A 189 3.65 36.27 -29.70
CA GLN A 189 3.64 36.28 -29.70
C GLN A 189 2.51 36.72 -28.81
N TRP A 190 2.84 37.62 -27.87
CA TRP A 190 1.86 38.21 -26.97
C TRP A 190 1.28 39.45 -27.64
N ILE A 191 0.36 39.21 -28.58
CA ILE A 191 -0.18 40.27 -29.42
C ILE A 191 -1.26 41.03 -28.67
N GLU A 192 -1.65 42.18 -29.20
CA GLU A 192 -2.76 42.96 -28.69
C GLU A 192 -3.99 42.70 -29.54
N PRO A 193 -5.19 42.98 -29.02
CA PRO A 193 -6.40 42.63 -29.76
C PRO A 193 -6.49 43.27 -31.14
N GLY A 194 -5.84 44.42 -31.33
CA GLY A 194 -5.94 45.10 -32.60
C GLY A 194 -5.04 44.57 -33.70
N GLN A 195 -4.17 43.62 -33.39
CA GLN A 195 -3.16 43.16 -34.34
C GLN A 195 -3.33 41.67 -34.66
N ASP A 196 -4.56 41.17 -34.59
CA ASP A 196 -4.82 39.80 -34.99
C ASP A 196 -4.88 39.68 -36.50
N ARG A 197 -4.76 38.45 -37.00
CA ARG A 197 -4.60 38.18 -38.43
C ARG A 197 -4.53 36.66 -38.60
N ILE A 198 -4.88 36.19 -39.80
CA ILE A 198 -4.56 34.79 -40.12
C ILE A 198 -3.05 34.63 -40.06
N GLY A 199 -2.58 33.54 -39.46
CA GLY A 199 -1.23 33.48 -38.96
C GLY A 199 -0.15 33.10 -39.96
N GLU A 200 -0.50 32.36 -41.00
CA GLU A 200 0.49 31.80 -41.90
C GLU A 200 0.05 31.93 -43.33
N PRO A 201 0.98 31.89 -44.29
CA PRO A 201 0.59 31.96 -45.71
C PRO A 201 -0.29 30.78 -46.10
N GLY A 202 -1.26 31.06 -46.97
CA GLY A 202 -2.13 30.04 -47.51
C GLY A 202 -3.26 29.59 -46.60
N HIS A 203 -3.20 29.90 -45.31
CA HIS A 203 -4.25 29.47 -44.41
C HIS A 203 -5.57 30.14 -44.77
N ASP A 204 -5.54 31.46 -44.98
CA ASP A 204 -6.78 32.20 -45.25
C ASP A 204 -7.45 31.70 -46.52
N GLN A 205 -6.66 31.46 -47.57
CA GLN A 205 -7.24 30.97 -48.82
C GLN A 205 -7.84 29.58 -48.63
N TRP A 206 -7.20 28.74 -47.81
CA TRP A 206 -7.72 27.41 -47.55
C TRP A 206 -9.06 27.49 -46.83
N ASN A 207 -9.13 28.29 -45.76
CA ASN A 207 -10.39 28.43 -45.03
C ASN A 207 -11.51 28.90 -45.95
N THR A 208 -11.25 29.93 -46.74
CA THR A 208 -12.29 30.46 -47.63
C THR A 208 -12.70 29.42 -48.66
N ARG A 209 -11.73 28.66 -49.18
CA ARG A 209 -12.06 27.60 -50.13
C ARG A 209 -13.02 26.61 -49.49
N VAL A 210 -12.71 26.15 -48.27
CA VAL A 210 -13.60 25.22 -47.57
C VAL A 210 -14.95 25.88 -47.31
N LEU A 211 -14.94 27.16 -46.91
CA LEU A 211 -16.19 27.83 -46.58
C LEU A 211 -17.05 28.05 -47.82
N ASP A 212 -16.42 28.30 -48.97
CA ASP A 212 -17.20 28.43 -50.21
C ASP A 212 -17.89 27.12 -50.56
N LEU A 213 -17.20 26.00 -50.35
CA LEU A 213 -17.79 24.71 -50.68
C LEU A 213 -18.95 24.37 -49.76
N LEU A 214 -18.83 24.71 -48.48
CA LEU A 214 -19.89 24.36 -47.52
C LEU A 214 -21.13 25.22 -47.73
N THR A 215 -20.93 26.51 -48.02
CA THR A 215 -22.07 27.38 -48.29
C THR A 215 -22.80 26.99 -49.56
N ALA A 216 -22.16 26.21 -50.44
CA ALA A 216 -22.79 25.72 -51.65
C ALA A 216 -23.30 24.30 -51.52
N GLY A 217 -23.39 23.77 -50.29
CA GLY A 217 -23.85 22.42 -50.08
C GLY A 217 -22.92 21.35 -50.61
N LYS A 218 -21.66 21.69 -50.83
CA LYS A 218 -20.69 20.75 -51.40
C LYS A 218 -19.83 20.15 -50.28
N VAL A 219 -20.49 19.42 -49.39
CA VAL A 219 -19.80 18.92 -48.19
C VAL A 219 -18.91 17.73 -48.52
N ASP A 220 -19.42 16.79 -49.31
CA ASP A 220 -18.62 15.62 -49.67
C ASP A 220 -17.35 15.99 -50.41
N GLU A 221 -17.25 17.21 -50.93
CA GLU A 221 -16.06 17.67 -51.61
C GLU A 221 -15.08 18.35 -50.68
N VAL A 222 -15.55 18.90 -49.56
CA VAL A 222 -14.64 19.29 -48.50
C VAL A 222 -14.05 18.05 -47.85
N LEU A 223 -14.85 16.98 -47.72
CA LEU A 223 -14.36 15.75 -47.11
C LEU A 223 -13.36 15.04 -48.01
N ALA A 224 -13.51 15.17 -49.33
CA ALA A 224 -12.55 14.58 -50.24
C ALA A 224 -11.21 15.29 -50.18
N VAL A 225 -11.19 16.56 -49.81
CA VAL A 225 -9.97 17.34 -49.70
C VAL A 225 -9.57 17.57 -48.24
N ARG A 226 -10.26 16.91 -47.29
CA ARG A 226 -10.00 17.15 -45.88
C ARG A 226 -8.52 16.97 -45.54
N GLU A 227 -7.93 15.86 -45.98
CA GLU A 227 -6.54 15.59 -45.64
C GLU A 227 -5.60 16.64 -46.19
N ASP A 228 -5.94 17.22 -47.36
CA ASP A 228 -5.15 18.32 -47.90
C ASP A 228 -5.30 19.55 -47.03
N PHE A 229 -6.54 19.93 -46.73
CA PHE A 229 -6.80 21.04 -45.83
C PHE A 229 -6.02 20.88 -44.53
N ALA A 230 -6.04 19.68 -43.96
CA ALA A 230 -5.35 19.44 -42.71
C ALA A 230 -3.84 19.64 -42.85
N ARG A 231 -3.25 19.04 -43.89
CA ARG A 231 -1.80 19.09 -44.04
C ARG A 231 -1.31 20.50 -44.29
N GLN A 232 -1.97 21.23 -45.20
CA GLN A 232 -1.43 22.50 -45.66
C GLN A 232 -1.86 23.69 -44.81
N ALA A 233 -3.00 23.60 -44.15
CA ALA A 233 -3.49 24.68 -43.30
C ALA A 233 -3.53 24.31 -41.82
N GLN A 234 -3.00 23.14 -41.45
CA GLN A 234 -3.00 22.68 -40.07
C GLN A 234 -4.39 22.82 -39.44
N ALA A 235 -5.40 22.31 -40.15
CA ALA A 235 -6.76 22.42 -39.68
C ALA A 235 -6.92 21.74 -38.32
N ASP A 236 -7.72 22.37 -37.45
CA ASP A 236 -7.94 21.86 -36.09
C ASP A 236 -8.30 20.38 -36.13
N SER A 237 -7.43 19.55 -35.56
CA SER A 237 -7.70 18.12 -35.44
C SER A 237 -7.98 17.49 -36.80
N GLN A 238 -7.29 18.00 -37.83
CA GLN A 238 -7.48 17.53 -39.20
C GLN A 238 -8.93 17.69 -39.68
N PHE A 239 -9.65 18.64 -39.08
CA PHE A 239 -11.04 18.94 -39.42
C PHE A 239 -11.92 17.69 -39.31
N ARG A 240 -11.53 16.73 -38.48
CA ARG A 240 -12.39 15.56 -38.29
C ARG A 240 -13.70 15.92 -37.60
N ALA A 241 -13.79 17.10 -36.99
CA ALA A 241 -15.07 17.55 -36.47
C ALA A 241 -16.12 17.62 -37.57
N LEU A 242 -15.71 17.97 -38.80
CA LEU A 242 -16.66 17.99 -39.90
C LEU A 242 -17.06 16.58 -40.31
N ALA A 243 -16.10 15.65 -40.32
CA ALA A 243 -16.45 14.26 -40.62
C ALA A 243 -17.48 13.74 -39.63
N PHE A 244 -17.34 14.09 -38.35
CA PHE A 244 -18.33 13.68 -37.36
C PHE A 244 -19.68 14.31 -37.65
N ALA A 245 -19.71 15.62 -37.93
CA ALA A 245 -20.97 16.29 -38.18
C ALA A 245 -21.66 15.73 -39.41
N ALA A 246 -20.91 15.51 -40.48
CA ALA A 246 -21.48 14.90 -41.68
C ALA A 246 -22.00 13.51 -41.41
N GLY A 247 -21.25 12.71 -40.63
CA GLY A 247 -21.73 11.40 -40.25
C GLY A 247 -23.05 11.47 -39.50
N ALA A 248 -23.23 12.50 -38.68
CA ALA A 248 -24.43 12.67 -37.89
C ALA A 248 -25.57 13.33 -38.67
N GLU A 249 -25.45 13.40 -40.00
CA GLU A 249 -26.52 13.91 -40.86
C GLU A 249 -26.87 15.36 -40.52
N ALA A 250 -25.90 16.11 -40.01
CA ALA A 250 -26.14 17.48 -39.58
C ALA A 250 -25.79 18.51 -40.64
N THR A 251 -24.92 18.18 -41.59
CA THR A 251 -24.43 19.13 -42.58
C THR A 251 -25.15 18.95 -43.92
N THR A 252 -26.47 18.89 -43.88
CA THR A 252 -27.26 18.74 -45.09
C THR A 252 -27.69 20.11 -45.60
N GLY A 253 -27.72 20.26 -46.93
CA GLY A 253 -28.12 21.50 -47.54
C GLY A 253 -27.04 22.55 -47.47
N PRO A 254 -27.36 23.77 -47.89
CA PRO A 254 -26.36 24.84 -47.87
C PRO A 254 -26.06 25.31 -46.46
N ALA A 255 -24.78 25.59 -46.21
CA ALA A 255 -24.34 26.11 -44.93
C ALA A 255 -24.47 27.63 -44.92
N HIS A 256 -25.04 28.17 -43.84
CA HIS A 256 -25.15 29.61 -43.65
C HIS A 256 -23.90 30.08 -42.93
N LEU A 257 -23.08 30.89 -43.59
CA LEU A 257 -21.90 31.47 -42.96
C LEU A 257 -22.30 32.71 -42.18
N HIS A 258 -22.15 32.67 -40.86
CA HIS A 258 -22.50 33.80 -40.02
C HIS A 258 -21.33 34.75 -39.80
N ALA A 259 -20.10 34.22 -39.76
CA ALA A 259 -18.93 35.06 -39.53
C ALA A 259 -17.68 34.22 -39.78
N TYR A 260 -16.60 34.91 -40.13
CA TYR A 260 -15.30 34.27 -40.30
C TYR A 260 -14.20 35.29 -40.01
N GLY A 261 -13.16 34.85 -39.32
CA GLY A 261 -12.08 35.73 -38.97
C GLY A 261 -11.01 35.02 -38.17
N PRO A 262 -9.95 35.73 -37.81
CA PRO A 262 -8.86 35.13 -37.04
C PRO A 262 -9.07 35.19 -35.54
N ILE A 263 -8.49 34.21 -34.86
CA ILE A 263 -8.35 34.22 -33.41
C ILE A 263 -6.90 33.84 -33.12
N TRP A 264 -6.07 34.84 -32.80
CA TRP A 264 -4.67 34.64 -32.46
C TRP A 264 -3.94 33.85 -33.55
N GLY A 265 -4.31 34.08 -34.81
CA GLY A 265 -3.69 33.43 -35.94
C GLY A 265 -4.50 32.30 -36.54
N THR A 266 -5.31 31.63 -35.72
CA THR A 266 -6.10 30.51 -36.22
C THR A 266 -7.30 31.02 -37.02
N GLY A 267 -7.81 30.14 -37.88
CA GLY A 267 -9.03 30.42 -38.60
C GLY A 267 -10.24 29.99 -37.78
N ALA A 268 -11.30 30.80 -37.84
CA ALA A 268 -12.48 30.59 -37.03
C ALA A 268 -13.71 31.02 -37.82
N ALA A 269 -14.72 30.16 -37.85
CA ALA A 269 -15.96 30.43 -38.56
C ALA A 269 -17.15 29.93 -37.76
N VAL A 270 -18.26 30.63 -37.90
CA VAL A 270 -19.54 30.21 -37.31
C VAL A 270 -20.47 29.84 -38.46
N LEU A 271 -20.87 28.57 -38.51
CA LEU A 271 -21.70 28.04 -39.56
C LEU A 271 -22.92 27.34 -38.96
N SER A 272 -23.99 27.29 -39.75
CA SER A 272 -25.19 26.57 -39.37
C SER A 272 -25.81 25.91 -40.59
N TRP A 273 -26.49 24.80 -40.36
CA TRP A 273 -27.26 24.11 -41.38
C TRP A 273 -28.70 24.00 -40.91
N ASN A 274 -29.64 24.38 -41.77
CA ASN A 274 -31.06 24.26 -41.49
C ASN A 274 -31.45 25.02 -40.22
N LEU A 275 -30.90 26.22 -40.06
CA LEU A 275 -31.18 27.08 -38.92
C LEU A 275 -31.61 28.47 -39.40
N PRO A 276 -32.73 28.58 -40.10
CA PRO A 276 -33.27 29.90 -40.47
C PRO A 276 -33.60 30.72 -39.23
N ASP A 277 -33.99 31.99 -39.49
CA ASP A 277 -34.42 32.88 -38.42
C ASP A 277 -35.84 32.60 -37.97
N HIS A 278 -36.66 32.03 -38.86
CA HIS A 278 -38.07 31.77 -38.56
C HIS A 278 -38.24 30.41 -37.88
N ARG B 31 32.05 22.20 -10.82
CA ARG B 31 31.04 21.16 -11.01
C ARG B 31 29.72 21.82 -11.41
N PRO B 32 29.00 21.24 -12.38
CA PRO B 32 27.77 21.89 -12.85
C PRO B 32 26.64 21.80 -11.81
N GLY B 33 25.81 22.84 -11.80
CA GLY B 33 24.69 22.86 -10.87
C GLY B 33 23.68 21.77 -11.13
N ILE B 34 23.50 21.40 -12.41
CA ILE B 34 22.63 20.29 -12.77
C ILE B 34 23.41 19.00 -12.56
N VAL B 35 23.08 18.25 -11.51
CA VAL B 35 23.86 17.07 -11.13
C VAL B 35 23.39 15.80 -11.81
N ALA B 36 22.22 15.81 -12.45
CA ALA B 36 21.74 14.62 -13.15
C ALA B 36 20.55 14.99 -14.00
N GLY B 37 20.41 14.29 -15.11
CA GLY B 37 19.24 14.44 -15.97
C GLY B 37 18.66 13.07 -16.28
N CYS B 38 17.34 12.98 -16.24
CA CYS B 38 16.65 11.70 -16.35
C CYS B 38 15.59 11.73 -17.44
N LEU B 39 15.49 10.64 -18.18
CA LEU B 39 14.33 10.33 -19.00
C LEU B 39 13.35 9.59 -18.10
N SER B 40 12.20 10.22 -17.83
CA SER B 40 11.27 9.77 -16.79
C SER B 40 9.86 9.72 -17.34
N PRO B 41 9.51 8.67 -18.08
CA PRO B 41 8.17 8.60 -18.68
C PRO B 41 7.07 8.62 -17.62
N HIS B 42 5.87 9.00 -18.07
CA HIS B 42 4.76 9.27 -17.17
C HIS B 42 3.45 8.54 -17.43
N PRO B 43 3.42 7.45 -18.19
CA PRO B 43 2.12 6.78 -18.41
C PRO B 43 1.41 6.52 -17.09
N PRO B 44 0.10 6.79 -17.05
CA PRO B 44 -0.61 6.66 -15.76
C PRO B 44 -0.61 5.25 -15.23
N HIS B 45 -0.39 4.25 -16.09
CA HIS B 45 -0.36 2.86 -15.67
C HIS B 45 0.69 2.63 -14.59
N LEU B 46 1.79 3.38 -14.61
CA LEU B 46 2.85 3.15 -13.64
C LEU B 46 2.43 3.61 -12.25
N ILE B 47 1.70 4.72 -12.16
CA ILE B 47 1.18 5.16 -10.87
C ILE B 47 0.04 4.24 -10.43
N TYR B 48 -0.86 3.91 -11.36
CA TYR B 48 -1.94 2.97 -11.09
C TYR B 48 -1.42 1.67 -10.49
N GLY B 49 -0.34 1.13 -11.05
CA GLY B 49 0.17 -0.14 -10.59
C GLY B 49 0.79 -0.10 -9.20
N GLU B 50 1.18 1.08 -8.73
CA GLU B 50 1.82 1.23 -7.43
C GLU B 50 0.82 1.37 -6.29
N ASN B 51 -0.40 1.77 -6.58
CA ASN B 51 -1.45 1.97 -5.58
C ASN B 51 -0.98 2.94 -4.51
N PRO B 52 -0.56 4.15 -4.87
CA PRO B 52 -0.13 5.11 -3.86
C PRO B 52 -1.33 5.75 -3.18
N PRO B 53 -1.15 6.31 -1.97
CA PRO B 53 -2.31 6.90 -1.28
C PRO B 53 -2.95 8.04 -2.03
N GLN B 54 -2.17 8.80 -2.81
CA GLN B 54 -2.71 9.97 -3.50
C GLN B 54 -3.62 9.60 -4.65
N ASN B 55 -3.52 8.39 -5.17
CA ASN B 55 -4.27 7.99 -6.36
C ASN B 55 -5.53 7.25 -5.95
N GLU B 56 -6.68 7.70 -6.47
CA GLU B 56 -7.95 7.13 -6.03
C GLU B 56 -8.17 5.73 -6.57
N PRO B 57 -8.00 5.44 -7.87
CA PRO B 57 -8.21 4.08 -8.34
C PRO B 57 -7.22 3.10 -7.74
N ARG B 58 -7.60 1.83 -7.74
CA ARG B 58 -6.79 0.78 -7.15
C ARG B 58 -6.59 -0.35 -8.14
N SER B 59 -5.36 -0.84 -8.22
CA SER B 59 -4.99 -1.89 -9.14
C SER B 59 -4.62 -3.15 -8.35
N THR B 60 -4.43 -4.23 -9.10
CA THR B 60 -3.83 -5.47 -8.60
C THR B 60 -2.36 -5.56 -8.96
N GLY B 61 -1.73 -4.44 -9.34
CA GLY B 61 -0.35 -4.44 -9.76
C GLY B 61 -0.19 -4.12 -11.23
N GLY B 62 0.91 -4.58 -11.83
CA GLY B 62 1.18 -4.35 -13.23
C GLY B 62 2.44 -3.56 -13.48
N TRP B 63 3.10 -3.83 -14.62
CA TRP B 63 4.29 -3.07 -15.05
C TRP B 63 5.33 -3.02 -13.93
N GLU B 64 5.54 -4.18 -13.29
CA GLU B 64 6.40 -4.24 -12.12
C GLU B 64 7.84 -3.86 -12.45
N THR B 65 8.37 -4.34 -13.59
CA THR B 65 9.80 -4.11 -13.85
C THR B 65 10.08 -2.63 -14.06
N LEU B 66 9.17 -1.92 -14.72
CA LEU B 66 9.34 -0.48 -14.87
C LEU B 66 9.21 0.23 -13.53
N ARG B 67 8.30 -0.23 -12.67
CA ARG B 67 8.14 0.39 -11.37
C ARG B 67 9.36 0.13 -10.49
N TRP B 68 9.95 -1.06 -10.60
CA TRP B 68 11.16 -1.35 -9.85
C TRP B 68 12.33 -0.51 -10.34
N ALA B 69 12.41 -0.28 -11.65
CA ALA B 69 13.44 0.60 -12.18
C ALA B 69 13.27 2.01 -11.63
N TYR B 70 12.03 2.47 -11.51
CA TYR B 70 11.78 3.79 -10.93
C TYR B 70 12.18 3.83 -9.46
N GLU B 71 11.94 2.74 -8.72
CA GLU B 71 12.40 2.67 -7.34
C GLU B 71 13.92 2.87 -7.29
N ARG B 72 14.64 2.34 -8.28
CA ARG B 72 16.08 2.59 -8.36
C ARG B 72 16.37 4.06 -8.59
N LEU B 73 15.64 4.70 -9.50
CA LEU B 73 15.86 6.12 -9.75
C LEU B 73 15.54 6.95 -8.52
N ARG B 74 14.46 6.59 -7.81
CA ARG B 74 14.09 7.33 -6.62
C ARG B 74 15.23 7.35 -5.61
N ALA B 75 15.85 6.19 -5.39
CA ALA B 75 16.96 6.12 -4.44
C ALA B 75 18.15 6.94 -4.91
N ARG B 76 18.45 6.90 -6.22
CA ARG B 76 19.52 7.74 -6.75
C ARG B 76 19.27 9.21 -6.45
N ILE B 77 18.04 9.68 -6.71
CA ILE B 77 17.72 11.08 -6.44
C ILE B 77 17.81 11.35 -4.94
N ARG B 78 17.31 10.43 -4.13
CA ARG B 78 17.22 10.64 -2.68
C ARG B 78 18.59 10.50 -2.01
N ASP B 79 19.33 9.46 -2.36
CA ASP B 79 20.52 9.08 -1.61
C ASP B 79 21.82 9.55 -2.21
N VAL B 80 21.84 9.93 -3.49
CA VAL B 80 23.09 10.30 -4.15
C VAL B 80 23.05 11.74 -4.62
N HIS B 81 22.13 12.07 -5.53
CA HIS B 81 22.10 13.40 -6.13
C HIS B 81 21.73 14.46 -5.11
N LYS B 82 20.74 14.17 -4.25
CA LYS B 82 20.29 15.09 -3.21
C LYS B 82 20.10 16.52 -3.75
N PRO B 83 19.18 16.71 -4.68
CA PRO B 83 19.01 18.03 -5.29
C PRO B 83 18.21 18.98 -4.42
N ASP B 84 18.42 20.27 -4.66
CA ASP B 84 17.61 21.32 -4.07
C ASP B 84 16.27 21.49 -4.78
N VAL B 85 16.12 20.91 -5.96
CA VAL B 85 14.95 21.17 -6.80
C VAL B 85 14.85 20.13 -7.90
N LEU B 86 13.63 19.81 -8.30
CA LEU B 86 13.37 18.94 -9.44
C LEU B 86 12.74 19.80 -10.53
N ILE B 87 13.40 19.88 -11.69
CA ILE B 87 12.89 20.59 -12.85
C ILE B 87 12.34 19.57 -13.81
N VAL B 88 11.06 19.70 -14.17
CA VAL B 88 10.37 18.71 -14.99
C VAL B 88 9.81 19.39 -16.23
N HIS B 89 10.03 18.76 -17.39
CA HIS B 89 9.43 19.16 -18.64
C HIS B 89 8.64 17.96 -19.17
N ALA B 90 7.36 18.17 -19.46
CA ALA B 90 6.49 17.09 -19.89
C ALA B 90 5.64 17.58 -21.05
N PRO B 91 5.04 16.66 -21.81
CA PRO B 91 4.41 17.03 -23.07
C PRO B 91 2.96 17.47 -23.03
N HIS B 92 2.25 17.31 -21.91
CA HIS B 92 0.79 17.43 -21.95
C HIS B 92 0.27 18.77 -21.47
N TRP B 93 1.07 19.54 -20.73
CA TRP B 93 0.77 20.96 -20.52
C TRP B 93 1.24 21.68 -21.79
N ILE B 94 0.38 21.64 -22.81
CA ILE B 94 0.72 22.19 -24.11
C ILE B 94 0.39 23.68 -24.11
N THR B 95 1.43 24.51 -24.19
CA THR B 95 1.26 25.96 -24.29
C THR B 95 1.40 26.36 -25.75
N MET B 96 0.33 26.91 -26.31
CA MET B 96 0.32 27.26 -27.72
C MET B 96 1.11 28.53 -28.01
N VAL B 97 1.42 29.34 -26.99
CA VAL B 97 2.20 30.55 -27.15
C VAL B 97 3.42 30.42 -26.25
N GLY B 98 4.57 30.09 -26.85
CA GLY B 98 5.83 30.10 -26.15
C GLY B 98 5.93 29.02 -25.09
N HIS B 99 6.81 29.28 -24.12
CA HIS B 99 7.17 28.33 -23.08
C HIS B 99 6.81 28.94 -21.73
N HIS B 100 5.96 28.27 -20.97
CA HIS B 100 5.48 28.78 -19.70
C HIS B 100 6.19 28.09 -18.53
N VAL B 101 6.32 28.81 -17.43
CA VAL B 101 6.93 28.31 -16.20
C VAL B 101 5.92 28.46 -15.07
N ASN B 102 5.67 27.37 -14.37
CA ASN B 102 4.74 27.40 -13.23
C ASN B 102 5.48 27.97 -12.02
N CYS B 103 5.16 29.21 -11.67
CA CYS B 103 5.72 29.88 -10.50
C CYS B 103 4.71 29.99 -9.36
N VAL B 104 3.69 29.14 -9.35
CA VAL B 104 2.73 29.09 -8.25
C VAL B 104 3.44 28.52 -7.03
N PRO B 105 3.44 29.22 -5.90
CA PRO B 105 4.24 28.74 -4.76
C PRO B 105 3.85 27.35 -4.27
N ASN B 106 2.56 27.02 -4.22
CA ASN B 106 2.10 25.77 -3.62
C ASN B 106 0.96 25.19 -4.44
N PRO B 107 1.26 24.62 -5.61
CA PRO B 107 0.21 23.98 -6.40
C PRO B 107 -0.44 22.82 -5.66
N ARG B 108 -1.77 22.79 -5.70
CA ARG B 108 -2.57 21.73 -5.11
C ARG B 108 -3.78 21.49 -6.00
N GLY B 109 -4.31 20.28 -5.95
CA GLY B 109 -5.51 19.98 -6.69
C GLY B 109 -5.66 18.49 -6.92
N LEU B 110 -6.64 18.14 -7.75
CA LEU B 110 -6.92 16.78 -8.16
C LEU B 110 -6.66 16.64 -9.65
N SER B 111 -5.72 15.78 -10.01
CA SER B 111 -5.32 15.57 -11.40
C SER B 111 -5.95 14.29 -11.92
N VAL B 112 -6.91 14.44 -12.84
CA VAL B 112 -7.60 13.31 -13.46
C VAL B 112 -7.09 13.18 -14.89
N GLU B 113 -6.56 12.01 -15.22
CA GLU B 113 -6.06 11.76 -16.57
C GLU B 113 -7.27 11.58 -17.48
N PRO B 114 -7.50 12.45 -18.45
CA PRO B 114 -8.78 12.40 -19.18
C PRO B 114 -8.97 11.13 -19.99
N ILE B 115 -7.90 10.56 -20.53
CA ILE B 115 -8.03 9.38 -21.37
C ILE B 115 -8.06 8.11 -20.52
N PHE B 116 -7.42 8.12 -19.37
CA PHE B 116 -7.40 6.97 -18.47
C PHE B 116 -7.88 7.36 -17.08
N PRO B 117 -9.08 7.93 -16.98
CA PRO B 117 -9.58 8.38 -15.66
C PRO B 117 -9.79 7.23 -14.70
N HIS B 118 -9.92 6.01 -15.21
CA HIS B 118 -10.03 4.83 -14.36
C HIS B 118 -8.70 4.42 -13.76
N LEU B 119 -7.59 5.00 -14.23
CA LEU B 119 -6.27 4.65 -13.76
C LEU B 119 -5.60 5.71 -12.91
N PHE B 120 -5.96 6.99 -13.10
CA PHE B 120 -5.19 8.08 -12.54
C PHE B 120 -6.13 9.21 -12.14
N ARG B 121 -6.37 9.35 -10.84
CA ARG B 121 -7.09 10.47 -10.24
C ARG B 121 -6.27 10.82 -9.00
N TYR B 122 -5.33 11.75 -9.15
CA TYR B 122 -4.23 11.93 -8.21
C TYR B 122 -4.38 13.25 -7.46
N ARG B 123 -4.39 13.16 -6.13
CA ARG B 123 -4.46 14.34 -5.27
C ARG B 123 -3.03 14.81 -5.00
N TYR B 124 -2.68 15.98 -5.51
CA TYR B 124 -1.30 16.45 -5.46
C TYR B 124 -1.16 17.71 -4.62
N ASP B 125 0.06 17.90 -4.11
CA ASP B 125 0.38 19.03 -3.24
C ASP B 125 1.91 19.13 -3.14
N PHE B 126 2.49 20.17 -3.73
CA PHE B 126 3.94 20.31 -3.73
C PHE B 126 4.31 21.79 -3.74
N ARG B 127 5.60 22.05 -3.52
CA ARG B 127 6.13 23.40 -3.43
C ARG B 127 6.98 23.72 -4.65
N THR B 128 6.82 24.93 -5.16
CA THR B 128 7.59 25.39 -6.31
C THR B 128 8.76 26.24 -5.85
N ASP B 129 9.92 26.03 -6.48
CA ASP B 129 11.07 26.92 -6.34
C ASP B 129 10.80 28.14 -7.22
N VAL B 130 10.02 29.08 -6.66
CA VAL B 130 9.57 30.23 -7.44
C VAL B 130 10.76 31.00 -7.98
N GLU B 131 11.75 31.28 -7.12
CA GLU B 131 12.91 32.06 -7.56
C GLU B 131 13.57 31.42 -8.78
N LEU B 132 13.73 30.10 -8.76
CA LEU B 132 14.34 29.43 -9.91
C LEU B 132 13.43 29.52 -11.13
N GLY B 133 12.14 29.27 -10.95
CA GLY B 133 11.21 29.36 -12.06
C GLY B 133 11.20 30.74 -12.70
N GLU B 134 11.24 31.79 -11.87
CA GLU B 134 11.31 33.14 -12.40
C GLU B 134 12.62 33.36 -13.15
N ALA B 135 13.72 32.81 -12.64
CA ALA B 135 15.01 32.94 -13.32
C ALA B 135 14.99 32.22 -14.66
N ILE B 136 14.38 31.03 -14.71
CA ILE B 136 14.31 30.28 -15.96
C ILE B 136 13.55 31.08 -17.01
N ALA B 137 12.38 31.59 -16.63
CA ALA B 137 11.60 32.43 -17.54
C ALA B 137 12.42 33.64 -18.00
N GLU B 138 13.16 34.25 -17.08
CA GLU B 138 13.95 35.44 -17.43
C GLU B 138 15.07 35.08 -18.40
N GLU B 139 15.78 33.98 -18.14
CA GLU B 139 16.87 33.59 -19.03
C GLU B 139 16.34 33.19 -20.40
N ALA B 140 15.23 32.44 -20.43
CA ALA B 140 14.69 31.99 -21.71
C ALA B 140 14.26 33.17 -22.57
N SER B 141 13.57 34.15 -21.97
CA SER B 141 13.21 35.34 -22.72
C SER B 141 14.46 36.08 -23.18
N GLY B 142 15.49 36.12 -22.34
CA GLY B 142 16.74 36.75 -22.73
C GLY B 142 17.40 36.07 -23.91
N LEU B 143 17.17 34.77 -24.08
CA LEU B 143 17.73 34.03 -25.20
C LEU B 143 16.84 34.04 -26.44
N GLY B 144 15.69 34.73 -26.38
CA GLY B 144 14.86 34.93 -27.55
C GLY B 144 13.59 34.10 -27.60
N LEU B 145 13.26 33.37 -26.55
CA LEU B 145 12.02 32.59 -26.53
C LEU B 145 10.87 33.42 -26.00
N VAL B 146 9.68 33.17 -26.55
CA VAL B 146 8.45 33.72 -25.99
C VAL B 146 8.09 32.92 -24.74
N THR B 147 7.88 33.62 -23.63
CA THR B 147 7.69 32.96 -22.35
C THR B 147 6.56 33.63 -21.58
N ARG B 148 6.13 32.96 -20.51
CA ARG B 148 5.17 33.50 -19.57
C ARG B 148 5.35 32.77 -18.24
N THR B 149 5.14 33.49 -17.15
CA THR B 149 5.19 32.93 -15.80
C THR B 149 3.77 32.78 -15.29
N LEU B 150 3.40 31.55 -14.94
CA LEU B 150 2.08 31.25 -14.40
C LEU B 150 2.09 31.47 -12.90
N ARG B 151 1.19 32.33 -12.42
CA ARG B 151 1.07 32.61 -11.00
C ARG B 151 -0.36 32.42 -10.49
N ASP B 152 -1.24 31.87 -11.32
CA ASP B 152 -2.64 31.67 -10.92
C ASP B 152 -2.78 30.29 -10.31
N PRO B 153 -3.01 30.18 -8.99
CA PRO B 153 -3.11 28.84 -8.38
C PRO B 153 -4.35 28.05 -8.80
N ARG B 154 -5.31 28.68 -9.47
CA ARG B 154 -6.50 27.97 -9.92
C ARG B 154 -6.23 27.09 -11.13
N VAL B 155 -5.10 27.25 -11.81
CA VAL B 155 -4.78 26.40 -12.94
C VAL B 155 -4.37 25.03 -12.43
N ARG B 156 -5.01 23.99 -12.96
CA ARG B 156 -4.72 22.62 -12.56
C ARG B 156 -3.42 22.16 -13.20
N VAL B 157 -2.56 21.52 -12.41
CA VAL B 157 -1.34 20.95 -12.95
C VAL B 157 -1.69 19.72 -13.78
N ASP B 158 -0.99 19.55 -14.90
CA ASP B 158 -1.32 18.48 -15.83
C ASP B 158 -0.89 17.11 -15.29
N TYR B 159 -1.62 16.08 -15.75
CA TYR B 159 -1.45 14.73 -15.24
C TYR B 159 -0.07 14.16 -15.54
N ALA B 160 0.58 14.61 -16.62
CA ALA B 160 1.90 14.06 -16.95
C ALA B 160 2.96 14.61 -16.01
N THR B 161 2.90 15.91 -15.70
CA THR B 161 3.82 16.49 -14.73
C THR B 161 3.67 15.82 -13.37
N ILE B 162 2.42 15.63 -12.92
CA ILE B 162 2.19 14.99 -11.62
C ILE B 162 2.72 13.56 -11.63
N GLY B 163 2.40 12.80 -12.68
CA GLY B 163 2.86 11.42 -12.75
C GLY B 163 4.37 11.31 -12.73
N ALA B 164 5.04 12.15 -13.52
CA ALA B 164 6.50 12.11 -13.55
C ALA B 164 7.09 12.42 -12.17
N LEU B 165 6.57 13.45 -11.51
CA LEU B 165 7.11 13.84 -10.21
C LEU B 165 6.85 12.78 -9.16
N HIS B 166 5.68 12.14 -9.20
CA HIS B 166 5.41 11.05 -8.25
C HIS B 166 6.40 9.92 -8.44
N LEU B 167 6.66 9.54 -9.68
CA LEU B 167 7.55 8.41 -9.93
C LEU B 167 8.98 8.74 -9.51
N ALA B 168 9.40 10.00 -9.65
CA ALA B 168 10.75 10.38 -9.27
C ALA B 168 10.88 10.57 -7.76
N ASN B 169 9.84 11.08 -7.12
CA ASN B 169 9.87 11.34 -5.67
C ASN B 169 8.46 11.33 -5.11
N PRO B 170 7.98 10.16 -4.66
CA PRO B 170 6.60 10.07 -4.15
C PRO B 170 6.40 10.74 -2.80
N ALA B 171 7.45 11.24 -2.16
CA ALA B 171 7.31 11.98 -0.90
C ALA B 171 7.05 13.47 -1.12
N TRP B 172 7.31 13.98 -2.33
CA TRP B 172 6.99 15.35 -2.71
C TRP B 172 7.69 16.38 -1.82
N ASP B 173 8.83 16.00 -1.23
CA ASP B 173 9.53 16.85 -0.29
C ASP B 173 10.72 17.56 -0.91
N ILE B 174 10.74 17.73 -2.23
CA ILE B 174 11.78 18.47 -2.93
C ILE B 174 11.09 19.56 -3.74
N PRO B 175 11.53 20.83 -3.65
CA PRO B 175 10.90 21.87 -4.47
C PRO B 175 10.93 21.51 -5.95
N VAL B 176 9.98 22.05 -6.69
CA VAL B 176 9.76 21.70 -8.08
C VAL B 176 9.69 22.96 -8.92
N VAL B 177 10.11 22.83 -10.19
CA VAL B 177 9.84 23.83 -11.21
C VAL B 177 9.26 23.07 -12.40
N SER B 178 8.01 23.35 -12.72
CA SER B 178 7.30 22.68 -13.80
C SER B 178 7.33 23.57 -15.03
N LEU B 179 7.83 23.03 -16.14
CA LEU B 179 7.89 23.74 -17.41
C LEU B 179 6.81 23.19 -18.35
N SER B 180 6.18 24.09 -19.09
CA SER B 180 5.20 23.70 -20.09
C SER B 180 5.91 23.24 -21.36
N ALA B 181 5.15 22.59 -22.24
CA ALA B 181 5.65 22.09 -23.51
C ALA B 181 5.08 22.93 -24.63
N ASN B 182 5.94 23.68 -25.31
CA ASN B 182 5.53 24.45 -26.47
C ASN B 182 5.10 23.52 -27.59
N ASN B 183 3.85 23.63 -28.02
CA ASN B 183 3.33 22.86 -29.14
C ASN B 183 1.99 23.45 -29.52
N ASN B 184 1.30 22.81 -30.47
CA ASN B 184 0.02 23.28 -30.96
C ASN B 184 -1.06 22.29 -30.52
N PRO B 185 -1.96 22.67 -29.61
CA PRO B 185 -2.97 21.70 -29.14
C PRO B 185 -4.04 21.37 -30.16
N TYR B 186 -4.16 22.16 -31.24
CA TYR B 186 -5.15 21.90 -32.27
C TYR B 186 -4.58 21.15 -33.47
N PHE B 187 -3.26 21.05 -33.58
CA PHE B 187 -2.57 20.37 -34.67
C PHE B 187 -1.20 19.94 -34.14
N TYR B 188 -1.20 18.90 -33.30
CA TYR B 188 0.03 18.49 -32.63
C TYR B 188 1.10 18.12 -33.65
N SER B 189 2.31 18.62 -33.43
CA SER B 189 3.41 18.42 -34.36
C SER B 189 4.69 18.15 -33.58
N ASP B 190 5.75 17.85 -34.32
CA ASP B 190 7.07 17.70 -33.71
C ASP B 190 7.51 19.06 -33.15
N ALA B 191 7.74 19.11 -31.84
CA ALA B 191 8.17 20.35 -31.22
C ALA B 191 9.46 20.85 -31.87
N SER B 192 9.68 22.16 -31.78
CA SER B 192 10.92 22.75 -32.27
C SER B 192 12.05 22.32 -31.35
N LEU B 193 12.86 21.35 -31.80
CA LEU B 193 13.96 20.90 -30.97
C LEU B 193 14.98 21.99 -30.76
N THR B 194 15.09 22.93 -31.70
CA THR B 194 16.00 24.06 -31.51
C THR B 194 15.56 24.92 -30.32
N GLU B 195 14.27 25.29 -30.29
CA GLU B 195 13.77 26.06 -29.15
C GLU B 195 13.97 25.30 -27.85
N MET B 196 13.87 23.97 -27.89
CA MET B 196 14.06 23.18 -26.68
C MET B 196 15.51 23.22 -26.22
N GLU B 197 16.45 23.24 -27.16
CA GLU B 197 17.85 23.45 -26.81
C GLU B 197 18.05 24.82 -26.17
N VAL B 198 17.36 25.84 -26.70
CA VAL B 198 17.45 27.17 -26.11
C VAL B 198 16.88 27.14 -24.69
N LEU B 199 15.70 26.55 -24.53
CA LEU B 199 15.12 26.42 -23.19
C LEU B 199 16.06 25.66 -22.26
N GLY B 200 16.76 24.65 -22.78
CA GLY B 200 17.71 23.94 -21.95
C GLY B 200 18.84 24.82 -21.47
N GLU B 201 19.43 25.60 -22.38
CA GLU B 201 20.45 26.56 -21.97
C GLU B 201 19.87 27.56 -20.97
N ALA B 202 18.67 28.07 -21.22
CA ALA B 202 18.03 28.96 -20.26
C ALA B 202 17.93 28.31 -18.90
N THR B 203 17.61 27.00 -18.87
CA THR B 203 17.50 26.30 -17.60
C THR B 203 18.86 26.18 -16.91
N ARG B 204 19.91 25.89 -17.68
CA ARG B 204 21.24 25.80 -17.09
C ARG B 204 21.69 27.15 -16.54
N LEU B 205 21.50 28.21 -17.32
CA LEU B 205 21.88 29.55 -16.85
C LEU B 205 21.19 29.87 -15.54
N ALA B 206 19.87 29.63 -15.48
CA ALA B 206 19.12 29.96 -14.26
C ALA B 206 19.60 29.13 -13.08
N VAL B 207 19.86 27.84 -13.30
CA VAL B 207 20.34 27.00 -12.20
C VAL B 207 21.68 27.50 -11.69
N GLU B 208 22.58 27.85 -12.60
CA GLU B 208 23.89 28.36 -12.19
C GLU B 208 23.77 29.71 -11.51
N ALA B 209 22.96 30.61 -12.06
CA ALA B 209 22.84 31.95 -11.51
C ALA B 209 22.23 31.94 -10.10
N THR B 210 21.34 30.99 -9.83
CA THR B 210 20.67 30.90 -8.55
C THR B 210 21.34 29.93 -7.58
N GLY B 211 22.47 29.33 -7.97
CA GLY B 211 23.20 28.45 -7.08
C GLY B 211 22.47 27.19 -6.69
N ARG B 212 21.52 26.74 -7.48
CA ARG B 212 20.73 25.56 -7.14
C ARG B 212 21.46 24.29 -7.55
N ARG B 213 21.15 23.21 -6.85
CA ARG B 213 21.60 21.86 -7.18
C ARG B 213 20.36 21.11 -7.65
N ALA B 214 20.32 20.80 -8.95
CA ALA B 214 19.08 20.39 -9.59
C ALA B 214 19.20 19.02 -10.24
N VAL B 215 18.07 18.32 -10.31
CA VAL B 215 17.91 17.11 -11.10
C VAL B 215 16.80 17.39 -12.09
N LEU B 216 17.05 17.05 -13.36
CA LEU B 216 16.09 17.31 -14.42
C LEU B 216 15.32 16.05 -14.77
N LEU B 217 14.03 16.22 -15.06
CA LEU B 217 13.14 15.13 -15.41
C LEU B 217 12.54 15.42 -16.78
N ALA B 218 13.03 14.72 -17.80
CA ALA B 218 12.49 14.81 -19.15
C ALA B 218 11.48 13.67 -19.30
N SER B 219 10.19 14.00 -19.20
CA SER B 219 9.15 12.98 -19.09
C SER B 219 8.55 12.70 -20.47
N ASN B 220 9.28 11.90 -21.24
CA ASN B 220 8.82 11.43 -22.54
C ASN B 220 8.92 9.91 -22.60
N SER B 221 7.90 9.27 -23.16
CA SER B 221 8.04 7.90 -23.63
C SER B 221 8.85 7.89 -24.93
N LEU B 222 9.16 6.69 -25.40
CA LEU B 222 9.83 6.50 -26.68
C LEU B 222 8.77 6.18 -27.73
N SER B 223 8.89 5.12 -28.53
CA SER B 223 7.87 4.74 -29.50
C SER B 223 6.49 4.86 -28.89
N HIS B 224 5.59 5.56 -29.60
CA HIS B 224 4.35 6.04 -29.01
C HIS B 224 3.10 5.55 -29.75
N LEU B 225 3.21 4.47 -30.50
CA LEU B 225 2.02 3.80 -31.06
C LEU B 225 1.52 2.79 -30.03
N HIS B 226 0.20 2.78 -29.81
CA HIS B 226 -0.38 2.06 -28.68
C HIS B 226 -1.63 1.33 -29.12
N TRP B 227 -2.13 0.46 -28.23
CA TRP B 227 -3.38 -0.24 -28.50
C TRP B 227 -4.50 0.75 -28.76
N HIS B 228 -5.39 0.40 -29.70
CA HIS B 228 -6.62 1.16 -29.88
C HIS B 228 -7.76 0.61 -29.02
N GLU B 229 -7.57 -0.56 -28.41
CA GLU B 229 -8.52 -1.14 -27.46
C GLU B 229 -7.77 -1.48 -26.19
N GLU B 230 -8.34 -1.13 -25.06
CA GLU B 230 -7.74 -1.49 -23.78
C GLU B 230 -8.15 -2.90 -23.39
N PRO B 231 -7.22 -3.75 -22.93
CA PRO B 231 -7.61 -5.08 -22.48
C PRO B 231 -8.59 -5.00 -21.32
N GLU B 232 -9.42 -6.05 -21.19
CA GLU B 232 -10.46 -6.07 -20.17
C GLU B 232 -9.90 -5.78 -18.78
N LEU B 233 -8.78 -6.41 -18.44
CA LEU B 233 -8.05 -6.09 -17.22
C LEU B 233 -6.87 -5.22 -17.63
N PRO B 234 -6.82 -3.95 -17.24
CA PRO B 234 -5.73 -3.09 -17.73
C PRO B 234 -4.35 -3.65 -17.47
N GLU B 235 -4.12 -4.23 -16.28
CA GLU B 235 -2.81 -4.71 -15.90
C GLU B 235 -2.59 -6.18 -16.28
N ASP B 236 -3.36 -6.70 -17.24
CA ASP B 236 -3.14 -8.05 -17.77
C ASP B 236 -1.84 -8.07 -18.55
N MET B 237 -0.76 -8.55 -17.91
CA MET B 237 0.55 -8.39 -18.51
C MET B 237 0.78 -9.32 -19.69
N GLU B 238 -0.07 -10.33 -19.89
CA GLU B 238 0.00 -11.11 -21.13
C GLU B 238 -0.25 -10.21 -22.34
N ARG B 239 -1.09 -9.20 -22.20
CA ARG B 239 -1.44 -8.30 -23.29
C ARG B 239 -0.46 -7.15 -23.42
N GLU B 240 0.61 -7.15 -22.65
CA GLU B 240 1.59 -6.08 -22.67
C GLU B 240 2.83 -6.54 -23.43
N HIS B 241 3.10 -5.89 -24.55
CA HIS B 241 4.25 -6.23 -25.39
C HIS B 241 4.48 -5.11 -26.40
N PRO B 242 5.62 -5.09 -27.07
CA PRO B 242 5.83 -4.06 -28.11
C PRO B 242 4.68 -4.00 -29.09
N TYR B 243 4.38 -2.78 -29.56
CA TYR B 243 3.36 -2.59 -30.57
C TYR B 243 3.69 -3.41 -31.81
N ASN B 244 4.94 -3.36 -32.25
CA ASN B 244 5.46 -4.28 -33.27
C ASN B 244 6.98 -4.25 -33.17
N ASN B 245 7.62 -5.17 -33.89
CA ASN B 245 9.06 -5.29 -33.77
C ASN B 245 9.79 -4.09 -34.36
N HIS B 246 9.19 -3.41 -35.34
CA HIS B 246 9.81 -2.23 -35.92
C HIS B 246 9.98 -1.16 -34.85
N GLN B 247 8.91 -0.85 -34.12
CA GLN B 247 8.99 0.12 -33.03
C GLN B 247 10.03 -0.33 -32.01
N TYR B 248 10.03 -1.61 -31.65
CA TYR B 248 10.97 -2.12 -30.65
C TYR B 248 12.41 -1.91 -31.10
N ARG B 249 12.73 -2.34 -32.32
CA ARG B 249 14.11 -2.27 -32.77
C ARG B 249 14.59 -0.82 -32.86
N TRP B 250 13.70 0.10 -33.23
CA TRP B 250 14.09 1.50 -33.26
C TRP B 250 14.36 2.02 -31.85
N ASP B 251 13.50 1.67 -30.89
CA ASP B 251 13.79 1.98 -29.50
C ASP B 251 15.14 1.43 -29.09
N MET B 252 15.45 0.20 -29.51
CA MET B 252 16.71 -0.43 -29.15
C MET B 252 17.89 0.32 -29.77
N LYS B 253 17.74 0.78 -31.01
CA LYS B 253 18.80 1.54 -31.65
C LYS B 253 19.10 2.82 -30.88
N LEU B 254 18.05 3.56 -30.50
CA LEU B 254 18.25 4.76 -29.69
C LEU B 254 18.90 4.41 -28.36
N LEU B 255 18.37 3.41 -27.67
CA LEU B 255 18.89 3.06 -26.36
C LEU B 255 20.33 2.57 -26.43
N GLU B 256 20.67 1.81 -27.48
CA GLU B 256 22.05 1.36 -27.62
C GLU B 256 22.99 2.56 -27.76
N ALA B 257 22.62 3.54 -28.58
CA ALA B 257 23.42 4.75 -28.68
C ALA B 257 23.52 5.46 -27.33
N ILE B 258 22.42 5.45 -26.57
CA ILE B 258 22.42 6.12 -25.27
C ILE B 258 23.41 5.44 -24.33
N ARG B 259 23.34 4.10 -24.24
CA ARG B 259 24.17 3.41 -23.26
C ARG B 259 25.64 3.31 -23.66
N ARG B 260 26.00 3.74 -24.88
CA ARG B 260 27.37 3.59 -25.37
C ARG B 260 28.03 4.97 -25.53
N GLY B 261 27.85 5.60 -26.69
CA GLY B 261 28.62 6.78 -27.01
C GLY B 261 28.19 8.02 -26.25
N PRO B 262 28.77 9.16 -26.63
CA PRO B 262 28.38 10.43 -26.00
C PRO B 262 26.99 10.85 -26.44
N THR B 263 26.51 11.94 -25.82
CA THR B 263 25.16 12.42 -26.10
C THR B 263 25.08 13.26 -27.36
N ALA B 264 26.22 13.82 -27.82
CA ALA B 264 26.19 14.68 -29.00
C ALA B 264 25.56 14.00 -30.20
N PRO B 265 25.88 12.75 -30.54
CA PRO B 265 25.20 12.10 -31.67
C PRO B 265 23.69 11.98 -31.48
N LEU B 266 23.20 11.87 -30.25
CA LEU B 266 21.76 11.83 -30.02
C LEU B 266 21.07 13.05 -30.60
N ARG B 267 21.79 14.16 -30.76
CA ARG B 267 21.24 15.36 -31.34
C ARG B 267 20.57 15.08 -32.67
N ASP B 268 21.16 14.21 -33.48
CA ASP B 268 20.59 13.82 -34.76
C ASP B 268 19.79 12.52 -34.70
N LEU B 269 20.15 11.61 -33.80
CA LEU B 269 19.41 10.34 -33.71
C LEU B 269 18.00 10.56 -33.18
N ILE B 270 17.82 11.51 -32.26
CA ILE B 270 16.50 11.75 -31.68
C ILE B 270 15.47 12.07 -32.77
N PRO B 271 15.69 13.07 -33.64
CA PRO B 271 14.72 13.30 -34.72
C PRO B 271 14.54 12.09 -35.63
N GLU B 272 15.62 11.34 -35.90
CA GLU B 272 15.49 10.15 -36.74
C GLU B 272 14.59 9.12 -36.08
N HIS B 273 14.80 8.89 -34.78
CA HIS B 273 13.94 7.96 -34.05
C HIS B 273 12.51 8.46 -33.98
N ILE B 274 12.31 9.79 -33.88
CA ILE B 274 10.96 10.35 -33.89
C ILE B 274 10.26 10.03 -35.20
N GLU B 275 10.97 10.24 -36.33
CA GLU B 275 10.36 10.01 -37.63
C GLU B 275 9.89 8.57 -37.80
N ALA B 276 10.63 7.61 -37.23
CA ALA B 276 10.36 6.20 -37.45
C ALA B 276 9.34 5.61 -36.48
N THR B 277 9.12 6.23 -35.32
CA THR B 277 8.30 5.61 -34.28
C THR B 277 7.22 6.52 -33.70
N ALA B 278 7.11 7.77 -34.14
CA ALA B 278 6.18 8.73 -33.56
C ALA B 278 6.47 8.92 -32.06
N SER B 279 7.74 8.78 -31.69
CA SER B 279 8.16 8.84 -30.30
C SER B 279 7.58 10.06 -29.59
N GLU B 280 7.29 9.89 -28.30
CA GLU B 280 6.87 11.04 -27.50
C GLU B 280 8.01 12.02 -27.26
N THR B 281 9.25 11.62 -27.51
CA THR B 281 10.37 12.56 -27.47
C THR B 281 10.20 13.70 -28.49
N LYS B 282 9.25 13.58 -29.41
CA LYS B 282 8.95 14.70 -30.32
C LYS B 282 8.45 15.91 -29.54
N ALA B 283 7.98 15.71 -28.30
CA ALA B 283 7.63 16.83 -27.44
C ALA B 283 8.84 17.68 -27.09
N GLY B 284 10.03 17.12 -27.16
CA GLY B 284 11.26 17.86 -26.98
C GLY B 284 11.87 17.83 -25.61
N SER B 285 11.24 17.13 -24.64
CA SER B 285 11.75 17.17 -23.27
C SER B 285 13.13 16.54 -23.18
N LEU B 286 13.34 15.41 -23.86
CA LEU B 286 14.66 14.78 -23.85
C LEU B 286 15.72 15.73 -24.39
N THR B 287 15.42 16.41 -25.49
CA THR B 287 16.36 17.38 -26.06
C THR B 287 16.63 18.52 -25.09
N TRP B 288 15.57 19.05 -24.48
CA TRP B 288 15.71 20.13 -23.50
C TRP B 288 16.68 19.72 -22.41
N MET B 289 16.52 18.52 -21.85
CA MET B 289 17.36 18.10 -20.74
CA MET B 289 17.36 18.10 -20.74
C MET B 289 18.81 17.92 -21.19
N LEU B 290 19.02 17.22 -22.30
CA LEU B 290 20.38 17.01 -22.79
C LEU B 290 21.05 18.34 -23.09
N ALA B 291 20.32 19.28 -23.67
CA ALA B 291 20.88 20.60 -23.92
C ALA B 291 21.22 21.31 -22.61
N ALA B 292 20.34 21.17 -21.61
CA ALA B 292 20.61 21.78 -20.31
C ALA B 292 21.89 21.24 -19.70
N MET B 293 22.18 19.95 -19.91
CA MET B 293 23.40 19.35 -19.40
C MET B 293 24.62 19.64 -20.28
N GLY B 294 24.44 20.35 -21.39
CA GLY B 294 25.56 20.67 -22.25
C GLY B 294 26.02 19.53 -23.11
N TRP B 295 25.13 18.62 -23.47
CA TRP B 295 25.46 17.47 -24.30
C TRP B 295 26.72 16.78 -23.79
N PRO B 296 26.69 16.24 -22.57
CA PRO B 296 27.91 15.68 -21.98
C PRO B 296 28.41 14.47 -22.76
N LYS B 297 29.73 14.31 -22.77
CA LYS B 297 30.38 13.19 -23.44
C LYS B 297 30.37 11.99 -22.51
N VAL B 298 29.16 11.45 -22.29
CA VAL B 298 28.95 10.35 -21.36
C VAL B 298 27.90 9.41 -21.91
N ALA B 299 27.86 8.22 -21.34
CA ALA B 299 26.80 7.25 -21.62
C ALA B 299 25.66 7.44 -20.63
N GLY B 300 24.45 7.10 -21.09
CA GLY B 300 23.29 7.07 -20.21
C GLY B 300 23.13 5.70 -19.58
N ASP B 301 22.72 5.69 -18.31
CA ASP B 301 22.44 4.45 -17.60
C ASP B 301 20.97 4.12 -17.79
N VAL B 302 20.69 3.08 -18.58
CA VAL B 302 19.32 2.67 -18.87
C VAL B 302 18.86 1.83 -17.69
N LEU B 303 18.15 2.45 -16.75
CA LEU B 303 17.71 1.74 -15.55
C LEU B 303 16.64 0.70 -15.88
N GLY B 304 15.83 0.95 -16.91
CA GLY B 304 14.84 -0.03 -17.29
C GLY B 304 14.15 0.31 -18.59
N TYR B 305 13.70 -0.71 -19.31
CA TYR B 305 12.86 -0.53 -20.48
C TYR B 305 11.73 -1.55 -20.43
N GLY B 306 10.55 -1.11 -20.85
CA GLY B 306 9.41 -1.98 -20.98
C GLY B 306 8.34 -1.24 -21.76
N THR B 307 7.24 -1.94 -22.03
CA THR B 307 6.16 -1.37 -22.82
C THR B 307 4.94 -1.12 -21.96
N ILE B 308 4.18 -0.10 -22.33
CA ILE B 308 2.92 0.25 -21.68
C ILE B 308 1.90 0.48 -22.79
N ILE B 309 0.87 -0.37 -22.83
CA ILE B 309 -0.08 -0.48 -23.93
C ILE B 309 0.65 -0.40 -25.26
N GLY B 310 1.82 -1.02 -25.35
CA GLY B 310 2.54 -1.15 -26.58
C GLY B 310 3.61 -0.09 -26.82
N THR B 311 3.57 1.00 -26.07
CA THR B 311 4.54 2.07 -26.25
C THR B 311 5.85 1.73 -25.55
N GLY B 312 6.95 2.21 -26.12
CA GLY B 312 8.24 2.01 -25.49
C GLY B 312 8.47 3.03 -24.38
N ASN B 313 9.01 2.54 -23.26
CA ASN B 313 9.25 3.38 -22.10
C ASN B 313 10.60 3.04 -21.50
N ALA B 314 11.48 4.03 -21.44
CA ALA B 314 12.82 3.86 -20.89
C ALA B 314 13.05 4.86 -19.77
N ILE B 315 13.63 4.37 -18.69
CA ILE B 315 14.07 5.18 -17.56
C ILE B 315 15.58 5.25 -17.63
N VAL B 316 16.11 6.46 -17.84
CA VAL B 316 17.54 6.65 -18.10
C VAL B 316 18.07 7.77 -17.21
N GLU B 317 19.31 7.61 -16.76
CA GLU B 317 19.99 8.62 -15.97
C GLU B 317 21.30 9.00 -16.65
N TRP B 318 21.48 10.29 -16.88
CA TRP B 318 22.73 10.87 -17.36
C TRP B 318 23.37 11.70 -16.25
N LEU B 319 24.69 11.59 -16.11
CA LEU B 319 25.46 12.37 -15.16
C LEU B 319 26.42 13.28 -15.90
N PRO B 320 26.89 14.35 -15.27
CA PRO B 320 27.88 15.22 -15.91
C PRO B 320 29.19 14.50 -16.14
N GLU B 321 29.99 15.03 -17.07
CA GLU B 321 31.32 14.49 -17.31
C GLU B 321 32.12 14.50 -16.01
N GLY B 322 32.79 13.39 -15.73
CA GLY B 322 33.54 13.24 -14.49
C GLY B 322 32.70 12.68 -13.36
N ARG C 4 2.91 -55.16 -50.30
CA ARG C 4 2.01 -54.21 -49.68
C ARG C 4 2.76 -52.97 -49.22
N THR C 5 2.28 -51.80 -49.63
CA THR C 5 2.93 -50.54 -49.27
C THR C 5 2.46 -50.04 -47.91
N GLY C 6 3.10 -48.97 -47.44
CA GLY C 6 2.77 -48.40 -46.16
C GLY C 6 3.53 -49.07 -45.02
N ILE C 7 3.03 -48.83 -43.81
CA ILE C 7 3.61 -49.45 -42.62
C ILE C 7 3.19 -50.92 -42.59
N VAL C 8 4.16 -51.82 -42.62
CA VAL C 8 3.88 -53.25 -42.66
C VAL C 8 4.31 -53.98 -41.40
N ALA C 9 5.17 -53.39 -40.57
CA ALA C 9 5.62 -54.03 -39.35
C ALA C 9 5.91 -52.97 -38.31
N GLY C 10 6.05 -53.41 -37.07
CA GLY C 10 6.33 -52.50 -35.96
C GLY C 10 7.12 -53.20 -34.88
N ALA C 11 7.87 -52.41 -34.12
CA ALA C 11 8.66 -52.96 -33.03
C ALA C 11 8.88 -51.90 -31.96
N LEU C 12 8.95 -52.36 -30.71
CA LEU C 12 9.22 -51.51 -29.56
C LEU C 12 10.35 -52.15 -28.77
N LEU C 13 11.38 -51.37 -28.47
CA LEU C 13 12.52 -51.88 -27.73
C LEU C 13 13.05 -50.81 -26.79
N PRO C 14 13.75 -51.20 -25.73
CA PRO C 14 14.35 -50.22 -24.82
C PRO C 14 15.58 -49.58 -25.47
N GLY C 15 16.02 -48.49 -24.85
CA GLY C 15 17.11 -47.73 -25.42
C GLY C 15 18.26 -47.44 -24.48
N MET C 16 18.27 -48.07 -23.31
CA MET C 16 19.34 -47.79 -22.37
C MET C 16 20.62 -48.52 -22.77
N PRO C 17 21.79 -47.90 -22.61
CA PRO C 17 23.02 -48.50 -23.13
C PRO C 17 23.41 -49.79 -22.42
N HIS C 18 22.74 -50.13 -21.33
CA HIS C 18 23.05 -51.37 -20.60
C HIS C 18 22.87 -52.60 -21.48
N LEU C 19 22.08 -52.51 -22.55
CA LEU C 19 21.90 -53.64 -23.46
C LEU C 19 23.20 -54.04 -24.13
N LEU C 20 24.17 -53.12 -24.22
CA LEU C 20 25.45 -53.39 -24.85
C LEU C 20 26.54 -53.70 -23.85
N ALA C 21 26.19 -53.90 -22.58
CA ALA C 21 27.19 -54.13 -21.56
C ALA C 21 28.00 -55.38 -21.85
N GLU C 22 29.32 -55.29 -21.61
CA GLU C 22 30.17 -56.46 -21.73
C GLU C 22 29.92 -57.45 -20.60
N HIS C 23 29.44 -56.96 -19.46
CA HIS C 23 29.15 -57.79 -18.29
C HIS C 23 27.72 -57.50 -17.85
N PRO C 24 26.74 -57.94 -18.63
CA PRO C 24 25.35 -57.55 -18.36
C PRO C 24 24.68 -58.42 -17.32
N ALA C 25 23.69 -57.83 -16.67
CA ALA C 25 22.75 -58.63 -15.90
C ALA C 25 21.97 -59.54 -16.84
N PRO C 26 21.48 -60.68 -16.35
CA PRO C 26 20.75 -61.59 -17.25
C PRO C 26 19.64 -60.92 -18.03
N SER C 27 18.95 -59.95 -17.41
CA SER C 27 17.86 -59.28 -18.10
C SER C 27 18.37 -58.40 -19.24
N TRP C 28 19.49 -57.70 -19.02
CA TRP C 28 20.04 -56.87 -20.09
C TRP C 28 20.41 -57.72 -21.29
N SER C 29 21.01 -58.88 -21.05
CA SER C 29 21.44 -59.75 -22.14
C SER C 29 20.24 -60.30 -22.90
N ALA C 30 19.23 -60.77 -22.17
CA ALA C 30 18.05 -61.32 -22.83
C ALA C 30 17.40 -60.27 -23.71
N LEU C 31 17.22 -59.06 -23.19
CA LEU C 31 16.65 -57.99 -23.99
C LEU C 31 17.52 -57.69 -25.20
N ALA C 32 18.84 -57.63 -25.01
CA ALA C 32 19.75 -57.37 -26.13
C ALA C 32 19.60 -58.44 -27.20
N GLY C 33 19.63 -59.71 -26.80
CA GLY C 33 19.42 -60.78 -27.77
C GLY C 33 18.05 -60.69 -28.42
N ALA C 34 17.03 -60.31 -27.66
CA ALA C 34 15.70 -60.10 -28.23
C ALA C 34 15.73 -59.00 -29.28
N ALA C 35 16.47 -57.92 -29.00
CA ALA C 35 16.58 -56.82 -29.96
C ALA C 35 17.26 -57.29 -31.25
N ARG C 36 18.39 -57.99 -31.12
CA ARG C 36 19.05 -58.54 -32.29
C ARG C 36 18.11 -59.46 -33.06
N ASP C 37 17.29 -60.23 -32.35
CA ASP C 37 16.30 -61.08 -33.01
CA ASP C 37 16.30 -61.08 -33.01
C ASP C 37 15.36 -60.24 -33.87
N VAL C 38 14.79 -59.18 -33.29
CA VAL C 38 13.89 -58.31 -34.04
C VAL C 38 14.62 -57.71 -35.23
N GLY C 39 15.89 -57.33 -35.03
CA GLY C 39 16.65 -56.75 -36.13
C GLY C 39 16.72 -57.67 -37.34
N ALA C 40 17.05 -58.94 -37.10
CA ALA C 40 17.14 -59.89 -38.20
C ALA C 40 15.79 -60.06 -38.89
N ARG C 41 14.70 -60.12 -38.11
CA ARG C 41 13.39 -60.19 -38.72
C ARG C 41 13.07 -58.93 -39.51
N LEU C 42 13.45 -57.77 -38.97
CA LEU C 42 13.17 -56.51 -39.66
C LEU C 42 13.92 -56.43 -40.98
N ARG C 43 15.21 -56.78 -40.97
CA ARG C 43 16.00 -56.66 -42.20
C ARG C 43 15.58 -57.72 -43.21
N ARG C 44 15.15 -58.89 -42.75
CA ARG C 44 14.57 -59.88 -43.67
C ARG C 44 13.37 -59.28 -44.40
N LEU C 45 12.57 -58.47 -43.70
CA LEU C 45 11.42 -57.83 -44.30
C LEU C 45 11.82 -56.86 -45.40
N GLU C 46 13.09 -56.47 -45.45
CA GLU C 46 13.61 -55.58 -46.48
C GLU C 46 12.76 -54.31 -46.62
N PRO C 47 12.61 -53.53 -45.54
CA PRO C 47 11.85 -52.29 -45.65
C PRO C 47 12.64 -51.23 -46.40
N ASP C 48 11.91 -50.41 -47.17
CA ASP C 48 12.55 -49.28 -47.84
C ASP C 48 13.01 -48.24 -46.83
N VAL C 49 12.21 -47.99 -45.79
CA VAL C 49 12.53 -47.01 -44.76
C VAL C 49 11.93 -47.51 -43.46
N VAL C 50 12.54 -47.12 -42.35
CA VAL C 50 12.05 -47.42 -41.01
C VAL C 50 11.76 -46.10 -40.31
N LEU C 51 10.49 -45.83 -40.02
CA LEU C 51 10.14 -44.66 -39.24
C LEU C 51 10.53 -44.91 -37.78
N LEU C 52 11.11 -43.89 -37.14
CA LEU C 52 11.75 -44.06 -35.86
C LEU C 52 11.37 -42.93 -34.91
N LEU C 53 11.01 -43.29 -33.68
CA LEU C 53 10.85 -42.35 -32.59
C LEU C 53 11.58 -42.91 -31.38
N SER C 54 12.51 -42.13 -30.82
CA SER C 54 13.22 -42.49 -29.61
C SER C 54 12.86 -41.48 -28.53
N THR C 55 12.46 -41.97 -27.36
CA THR C 55 12.09 -41.08 -26.27
C THR C 55 13.24 -40.19 -25.85
N GLN C 56 14.48 -40.59 -26.11
CA GLN C 56 15.65 -39.84 -25.64
C GLN C 56 16.03 -38.69 -26.56
N TRP C 57 15.46 -38.62 -27.76
CA TRP C 57 15.50 -37.38 -28.55
C TRP C 57 14.13 -36.73 -28.36
N PHE C 58 14.01 -35.92 -27.33
CA PHE C 58 12.77 -35.25 -26.99
C PHE C 58 12.80 -33.81 -27.46
N THR C 59 11.62 -33.21 -27.53
CA THR C 59 11.50 -31.79 -27.81
C THR C 59 10.31 -31.25 -27.03
N VAL C 60 10.21 -29.92 -27.00
CA VAL C 60 9.06 -29.25 -26.40
C VAL C 60 8.50 -28.21 -27.35
N LEU C 61 9.05 -28.14 -28.57
CA LEU C 61 8.67 -27.11 -29.52
C LEU C 61 8.51 -27.75 -30.89
N GLY C 62 7.26 -27.88 -31.33
CA GLY C 62 7.03 -28.49 -32.62
C GLY C 62 7.55 -29.92 -32.67
N HIS C 63 7.80 -30.38 -33.90
CA HIS C 63 8.23 -31.74 -34.17
C HIS C 63 9.45 -31.67 -35.07
N GLN C 64 10.59 -32.10 -34.55
CA GLN C 64 11.86 -31.98 -35.26
C GLN C 64 12.16 -33.29 -36.00
N PHE C 65 12.67 -33.15 -37.22
CA PHE C 65 12.95 -34.28 -38.09
C PHE C 65 14.44 -34.30 -38.41
N GLN C 66 15.03 -35.49 -38.37
CA GLN C 66 16.46 -35.64 -38.64
C GLN C 66 16.68 -35.54 -40.15
N CYS C 67 17.32 -34.45 -40.58
CA CYS C 67 17.58 -34.20 -41.99
C CYS C 67 19.06 -34.23 -42.33
N ASP C 68 19.91 -34.66 -41.39
CA ASP C 68 21.29 -34.98 -41.72
C ASP C 68 21.33 -36.40 -42.28
N PRO C 69 21.77 -36.60 -43.52
CA PRO C 69 21.70 -37.95 -44.10
C PRO C 69 22.63 -38.97 -43.44
N ASN C 70 23.69 -38.55 -42.75
CA ASN C 70 24.69 -39.48 -42.23
C ASN C 70 25.39 -38.90 -41.01
N PRO C 71 24.69 -38.83 -39.87
CA PRO C 71 25.39 -38.58 -38.60
C PRO C 71 26.28 -39.76 -38.27
N ARG C 72 27.51 -39.47 -37.88
CA ARG C 72 28.43 -40.53 -37.45
C ARG C 72 29.47 -39.95 -36.52
N GLY C 73 30.01 -40.82 -35.67
CA GLY C 73 31.04 -40.42 -34.72
C GLY C 73 31.05 -41.37 -33.53
N GLU C 74 31.60 -40.88 -32.43
CA GLU C 74 31.62 -41.61 -31.16
C GLU C 74 30.97 -40.73 -30.10
N HIS C 75 30.16 -41.36 -29.26
CA HIS C 75 29.38 -40.66 -28.25
C HIS C 75 29.62 -41.29 -26.89
N VAL C 76 29.86 -40.45 -25.89
CA VAL C 76 30.06 -40.90 -24.52
C VAL C 76 28.87 -40.42 -23.70
N ASP C 77 28.06 -41.37 -23.23
CA ASP C 77 26.85 -41.03 -22.50
C ASP C 77 27.16 -40.20 -21.27
N GLU C 78 26.36 -39.15 -21.05
CA GLU C 78 26.57 -38.22 -19.96
C GLU C 78 26.23 -38.80 -18.60
N ASN C 79 25.60 -39.98 -18.55
CA ASN C 79 25.23 -40.66 -17.32
C ASN C 79 26.07 -41.91 -17.05
N TRP C 80 26.40 -42.67 -18.09
CA TRP C 80 27.07 -43.96 -17.95
C TRP C 80 28.48 -43.95 -18.51
N TYR C 81 29.11 -42.76 -18.60
CA TYR C 81 30.46 -42.65 -19.12
C TYR C 81 31.44 -43.57 -18.40
N ALA C 82 31.20 -43.86 -17.12
CA ALA C 82 32.14 -44.64 -16.34
C ALA C 82 32.12 -46.13 -16.67
N TYR C 83 31.11 -46.58 -17.42
CA TYR C 83 30.96 -47.99 -17.77
C TYR C 83 31.31 -48.21 -19.24
N ASP C 84 31.64 -49.46 -19.57
CA ASP C 84 32.06 -49.77 -20.93
C ASP C 84 30.97 -49.43 -21.93
N TYR C 85 29.71 -49.64 -21.56
CA TYR C 85 28.60 -49.36 -22.46
C TYR C 85 28.26 -47.88 -22.55
N GLY C 86 28.96 -47.02 -21.81
CA GLY C 86 28.81 -45.60 -21.98
C GLY C 86 29.52 -45.04 -23.19
N LEU C 87 30.52 -45.75 -23.71
CA LEU C 87 31.20 -45.38 -24.94
C LEU C 87 30.45 -46.02 -26.10
N LEU C 88 29.97 -45.19 -27.03
CA LEU C 88 29.11 -45.67 -28.10
C LEU C 88 29.54 -45.07 -29.43
N ASP C 89 29.79 -45.92 -30.41
CA ASP C 89 30.04 -45.50 -31.78
C ASP C 89 28.76 -45.63 -32.60
N TYR C 90 28.59 -44.73 -33.55
CA TYR C 90 27.40 -44.76 -34.38
C TYR C 90 27.73 -44.31 -35.80
N ASP C 91 26.98 -44.88 -36.75
CA ASP C 91 27.03 -44.46 -38.15
C ASP C 91 25.63 -44.73 -38.68
N LEU C 92 24.85 -43.65 -38.85
CA LEU C 92 23.43 -43.76 -39.16
C LEU C 92 23.15 -43.12 -40.51
N ARG C 93 22.28 -43.76 -41.28
CA ARG C 93 21.85 -43.22 -42.57
C ARG C 93 20.35 -42.96 -42.50
N PHE C 94 19.98 -41.71 -42.74
CA PHE C 94 18.58 -41.28 -42.74
C PHE C 94 18.15 -40.98 -44.17
N ASP C 95 16.96 -41.45 -44.53
CA ASP C 95 16.36 -41.12 -45.82
C ASP C 95 15.76 -39.73 -45.68
N VAL C 96 16.57 -38.71 -45.99
CA VAL C 96 16.16 -37.34 -45.71
C VAL C 96 15.10 -36.87 -46.69
N ASP C 97 14.98 -37.51 -47.85
CA ASP C 97 13.97 -37.06 -48.81
C ASP C 97 12.58 -37.58 -48.45
N PHE C 98 12.48 -38.82 -47.99
CA PHE C 98 11.20 -39.26 -47.44
C PHE C 98 10.85 -38.46 -46.19
N THR C 99 11.85 -38.19 -45.35
CA THR C 99 11.63 -37.38 -44.15
C THR C 99 11.05 -36.02 -44.53
N GLU C 100 11.48 -35.46 -45.66
CA GLU C 100 10.93 -34.19 -46.12
C GLU C 100 9.44 -34.32 -46.46
N ARG C 101 9.06 -35.40 -47.15
CA ARG C 101 7.65 -35.63 -47.44
C ARG C 101 6.85 -35.77 -46.15
N TRP C 102 7.35 -36.59 -45.22
CA TRP C 102 6.71 -36.74 -43.92
C TRP C 102 6.54 -35.39 -43.24
N ALA C 103 7.61 -34.60 -43.19
CA ALA C 103 7.53 -33.30 -42.55
C ALA C 103 6.49 -32.41 -43.23
N ASP C 104 6.41 -32.47 -44.57
CA ASP C 104 5.44 -31.66 -45.29
C ASP C 104 4.03 -32.05 -44.92
N ARG C 105 3.77 -33.34 -44.73
CA ARG C 105 2.44 -33.78 -44.33
C ARG C 105 2.12 -33.32 -42.92
N VAL C 106 3.10 -33.36 -42.02
CA VAL C 106 2.89 -32.85 -40.66
C VAL C 106 2.62 -31.35 -40.71
N GLN C 107 3.37 -30.61 -41.53
CA GLN C 107 3.13 -29.18 -41.69
C GLN C 107 1.75 -28.92 -42.28
N ALA C 108 1.37 -29.70 -43.29
CA ALA C 108 0.04 -29.55 -43.88
C ALA C 108 -1.07 -29.79 -42.87
N GLY C 109 -0.80 -30.56 -41.82
CA GLY C 109 -1.76 -30.81 -40.78
C GLY C 109 -1.83 -29.76 -39.70
N GLY C 110 -1.20 -28.61 -39.91
CA GLY C 110 -1.25 -27.53 -38.95
C GLY C 110 -0.24 -27.62 -37.83
N MET C 111 0.69 -28.57 -37.88
CA MET C 111 1.72 -28.70 -36.87
C MET C 111 3.04 -28.13 -37.40
N GLN C 112 3.90 -27.72 -36.47
CA GLN C 112 5.18 -27.11 -36.83
C GLN C 112 6.20 -28.21 -37.05
N ALA C 113 6.47 -28.53 -38.32
CA ALA C 113 7.50 -29.48 -38.70
C ALA C 113 8.81 -28.73 -38.85
N ARG C 114 9.84 -29.17 -38.12
CA ARG C 114 11.11 -28.46 -38.05
C ARG C 114 12.20 -29.37 -38.59
N ARG C 115 12.77 -28.98 -39.73
CA ARG C 115 13.81 -29.75 -40.38
C ARG C 115 15.16 -29.49 -39.70
N THR C 116 15.83 -30.55 -39.28
CA THR C 116 17.01 -30.46 -38.41
C THR C 116 18.22 -31.00 -39.15
N ARG C 117 19.13 -30.12 -39.55
CA ARG C 117 20.38 -30.54 -40.21
C ARG C 117 21.49 -29.60 -39.75
N TYR C 118 22.24 -30.01 -38.74
CA TYR C 118 23.30 -29.19 -38.17
C TYR C 118 24.50 -30.04 -37.79
N ASP C 119 25.69 -29.54 -38.12
CA ASP C 119 26.91 -30.19 -37.65
C ASP C 119 26.95 -30.19 -36.14
N GLY C 120 27.28 -31.34 -35.56
CA GLY C 120 27.38 -31.47 -34.13
C GLY C 120 26.07 -31.66 -33.40
N PHE C 121 24.95 -31.78 -34.11
CA PHE C 121 23.68 -32.02 -33.45
C PHE C 121 23.78 -33.31 -32.63
N PRO C 122 23.30 -33.31 -31.38
CA PRO C 122 23.47 -34.52 -30.55
C PRO C 122 22.58 -35.65 -31.01
N ILE C 123 23.16 -36.85 -31.06
CA ILE C 123 22.44 -38.07 -31.39
C ILE C 123 22.19 -38.81 -30.08
N ASP C 124 20.94 -39.19 -29.84
CA ASP C 124 20.55 -39.71 -28.54
C ASP C 124 20.99 -41.17 -28.37
N THR C 125 21.28 -41.53 -27.12
CA THR C 125 21.80 -42.85 -26.82
C THR C 125 20.84 -43.96 -27.26
N GLY C 126 19.54 -43.72 -27.12
CA GLY C 126 18.58 -44.73 -27.52
C GLY C 126 18.67 -45.10 -28.98
N THR C 127 18.81 -44.10 -29.85
CA THR C 127 18.93 -44.37 -31.28
C THR C 127 20.23 -45.09 -31.60
N ILE C 128 21.31 -44.72 -30.90
CA ILE C 128 22.60 -45.37 -31.13
C ILE C 128 22.55 -46.83 -30.72
N VAL C 129 21.98 -47.10 -29.54
CA VAL C 129 21.87 -48.47 -29.06
C VAL C 129 20.98 -49.29 -29.99
N THR C 130 19.88 -48.70 -30.45
CA THR C 130 18.96 -49.40 -31.34
C THR C 130 19.64 -49.77 -32.65
N SER C 131 20.42 -48.86 -33.22
CA SER C 131 21.12 -49.15 -34.46
C SER C 131 22.11 -50.29 -34.27
N ALA C 132 22.83 -50.29 -33.15
CA ALA C 132 23.82 -51.33 -32.91
C ALA C 132 23.19 -52.71 -32.79
N LEU C 133 22.00 -52.79 -32.18
CA LEU C 133 21.35 -54.06 -31.97
C LEU C 133 20.57 -54.50 -33.21
N LEU C 134 19.84 -53.58 -33.84
CA LEU C 134 18.98 -53.97 -34.95
C LEU C 134 19.73 -54.05 -36.28
N ASP C 135 20.83 -53.31 -36.42
CA ASP C 135 21.41 -53.04 -37.75
C ASP C 135 22.91 -52.80 -37.61
N PRO C 136 23.66 -53.84 -37.23
CA PRO C 136 25.11 -53.64 -37.02
C PRO C 136 25.85 -53.27 -38.30
N ASP C 137 25.35 -53.68 -39.46
CA ASP C 137 25.99 -53.39 -40.74
C ASP C 137 25.44 -52.14 -41.42
N ARG C 138 24.60 -51.39 -40.72
CA ARG C 138 24.09 -50.10 -41.21
C ARG C 138 23.51 -50.23 -42.61
N ARG C 139 22.48 -51.08 -42.70
CA ARG C 139 21.78 -51.32 -43.95
C ARG C 139 20.37 -50.74 -43.96
N LEU C 140 19.80 -50.46 -42.78
CA LEU C 140 18.52 -49.79 -42.73
C LEU C 140 18.67 -48.31 -43.07
N ARG C 141 17.59 -47.72 -43.56
CA ARG C 141 17.50 -46.29 -43.82
C ARG C 141 16.39 -45.75 -42.94
N TRP C 142 16.75 -44.87 -42.02
CA TRP C 142 15.82 -44.39 -41.00
C TRP C 142 15.15 -43.08 -41.43
N ALA C 143 13.99 -42.83 -40.84
CA ALA C 143 13.33 -41.53 -40.87
C ALA C 143 12.87 -41.26 -39.45
N GLN C 144 13.45 -40.24 -38.81
CA GLN C 144 13.28 -40.04 -37.38
C GLN C 144 12.65 -38.70 -37.06
N VAL C 145 11.68 -38.73 -36.15
CA VAL C 145 11.06 -37.54 -35.59
C VAL C 145 11.34 -37.52 -34.10
N SER C 146 11.39 -36.32 -33.54
CA SER C 146 11.59 -36.14 -32.11
C SER C 146 10.35 -36.63 -31.35
N CYS C 147 10.51 -36.76 -30.05
CA CYS C 147 9.44 -37.15 -29.13
C CYS C 147 9.05 -35.90 -28.35
N ASN C 148 8.04 -35.18 -28.86
CA ASN C 148 7.58 -33.97 -28.19
C ASN C 148 6.90 -34.33 -26.88
N LEU C 149 7.43 -33.82 -25.77
CA LEU C 149 6.93 -34.09 -24.43
C LEU C 149 5.95 -33.03 -23.95
N TYR C 150 5.86 -31.88 -24.62
CA TYR C 150 5.08 -30.75 -24.16
C TYR C 150 3.68 -30.73 -24.75
N ALA C 151 3.56 -31.01 -26.05
CA ALA C 151 2.25 -31.10 -26.67
C ALA C 151 1.53 -32.37 -26.21
N ASP C 152 0.25 -32.44 -26.52
CA ASP C 152 -0.55 -33.61 -26.17
C ASP C 152 0.08 -34.87 -26.76
N ALA C 153 -0.25 -36.01 -26.15
CA ALA C 153 0.23 -37.28 -26.68
C ALA C 153 -0.43 -37.62 -28.00
N ASP C 154 -1.66 -37.17 -28.21
CA ASP C 154 -2.36 -37.46 -29.46
C ASP C 154 -1.78 -36.69 -30.64
N THR C 155 -1.08 -35.58 -30.40
CA THR C 155 -0.37 -34.91 -31.49
C THR C 155 0.74 -35.81 -32.03
N LEU C 156 1.36 -36.62 -31.17
CA LEU C 156 2.35 -37.58 -31.66
C LEU C 156 1.68 -38.70 -32.44
N ALA C 157 0.47 -39.09 -32.05
CA ALA C 157 -0.29 -40.05 -32.84
C ALA C 157 -0.60 -39.47 -34.22
N ASP C 158 -0.88 -38.17 -34.30
CA ASP C 158 -1.11 -37.54 -35.58
C ASP C 158 0.17 -37.52 -36.42
N VAL C 159 1.32 -37.31 -35.77
CA VAL C 159 2.58 -37.34 -36.50
C VAL C 159 2.83 -38.74 -37.06
N GLY C 160 2.56 -39.77 -36.27
CA GLY C 160 2.70 -41.13 -36.77
C GLY C 160 1.76 -41.43 -37.92
N ARG C 161 0.50 -40.99 -37.79
CA ARG C 161 -0.46 -41.15 -38.87
C ARG C 161 0.03 -40.48 -40.15
N ALA C 162 0.62 -39.30 -40.01
CA ALA C 162 1.15 -38.59 -41.19
C ALA C 162 2.31 -39.36 -41.80
N GLY C 163 3.15 -39.97 -40.98
CA GLY C 163 4.27 -40.73 -41.51
C GLY C 163 3.82 -41.98 -42.26
N ALA C 164 2.80 -42.66 -41.75
CA ALA C 164 2.25 -43.82 -42.45
C ALA C 164 1.60 -43.41 -43.76
N ALA C 165 0.88 -42.29 -43.76
CA ALA C 165 0.28 -41.81 -45.00
C ALA C 165 1.33 -41.44 -46.02
N ALA C 166 2.41 -40.80 -45.57
CA ALA C 166 3.49 -40.42 -46.49
C ALA C 166 4.16 -41.65 -47.10
N ALA C 167 4.41 -42.67 -46.28
CA ALA C 167 5.03 -43.89 -46.79
C ALA C 167 4.16 -44.54 -47.86
N ARG C 168 2.85 -44.56 -47.66
CA ARG C 168 1.96 -45.12 -48.67
C ARG C 168 1.97 -44.27 -49.94
N ASP C 169 1.93 -42.95 -49.80
CA ASP C 169 1.95 -42.08 -50.97
C ASP C 169 3.24 -42.25 -51.76
N ALA C 170 4.37 -42.41 -51.06
CA ALA C 170 5.66 -42.61 -51.71
C ALA C 170 5.86 -44.04 -52.20
N GLY C 171 4.87 -44.91 -52.03
CA GLY C 171 4.99 -46.28 -52.48
C GLY C 171 6.00 -47.11 -51.71
N LEU C 172 6.33 -46.71 -50.49
CA LEU C 172 7.37 -47.37 -49.73
C LEU C 172 6.81 -48.52 -48.90
N ARG C 173 7.63 -49.55 -48.75
CA ARG C 173 7.38 -50.61 -47.79
C ARG C 173 8.14 -50.24 -46.52
N ALA C 174 7.41 -49.85 -45.48
CA ALA C 174 8.01 -49.23 -44.31
C ALA C 174 7.64 -49.98 -43.04
N ALA C 175 8.52 -49.86 -42.04
CA ALA C 175 8.28 -50.35 -40.70
C ALA C 175 8.40 -49.18 -39.74
N VAL C 176 7.94 -49.40 -38.51
CA VAL C 176 8.00 -48.40 -37.45
C VAL C 176 8.73 -49.01 -36.26
N VAL C 177 9.72 -48.28 -35.74
CA VAL C 177 10.45 -48.67 -34.54
C VAL C 177 10.32 -47.53 -33.54
N VAL C 178 9.95 -47.86 -32.31
CA VAL C 178 9.90 -46.90 -31.21
C VAL C 178 10.88 -47.39 -30.14
N VAL C 179 11.67 -46.46 -29.62
CA VAL C 179 12.66 -46.75 -28.58
C VAL C 179 12.17 -46.11 -27.29
N THR C 180 11.73 -46.95 -26.36
CA THR C 180 11.11 -46.45 -25.14
C THR C 180 11.29 -47.46 -24.03
N GLY C 181 11.41 -46.95 -22.81
CA GLY C 181 11.30 -47.79 -21.63
C GLY C 181 9.86 -47.99 -21.27
N MET C 182 9.65 -48.78 -20.22
CA MET C 182 8.32 -48.96 -19.65
C MET C 182 8.27 -48.15 -18.36
N SER C 183 8.05 -48.80 -17.22
CA SER C 183 8.19 -48.10 -15.95
C SER C 183 9.60 -47.51 -15.85
N SER C 184 9.70 -46.35 -15.22
CA SER C 184 10.96 -45.63 -15.10
C SER C 184 11.38 -45.43 -13.66
N GLY C 185 11.07 -46.39 -12.79
CA GLY C 185 11.51 -46.32 -11.41
C GLY C 185 12.99 -46.68 -11.29
N LEU C 186 13.85 -45.76 -11.69
CA LEU C 186 15.28 -46.07 -11.72
C LEU C 186 15.83 -46.21 -10.31
N ILE C 187 16.77 -47.13 -10.16
CA ILE C 187 17.50 -47.32 -8.91
C ILE C 187 18.53 -46.20 -8.82
N GLN C 188 18.34 -45.27 -7.88
CA GLN C 188 19.22 -44.12 -7.73
C GLN C 188 20.47 -44.50 -6.93
N GLN C 189 21.17 -45.54 -7.38
CA GLN C 189 22.34 -46.05 -6.66
C GLN C 189 23.26 -46.72 -7.66
N TRP C 190 24.56 -46.74 -7.33
CA TRP C 190 25.57 -47.36 -8.18
C TRP C 190 25.62 -48.84 -7.83
N ILE C 191 24.74 -49.62 -8.46
CA ILE C 191 24.58 -51.04 -8.13
C ILE C 191 25.53 -51.88 -8.97
N GLU C 192 25.59 -53.17 -8.65
CA GLU C 192 26.28 -54.16 -9.46
C GLU C 192 25.25 -54.90 -10.34
N PRO C 193 25.67 -55.38 -11.51
CA PRO C 193 24.68 -55.98 -12.43
C PRO C 193 23.83 -57.06 -11.78
N GLY C 194 24.41 -57.84 -10.87
CA GLY C 194 23.69 -58.98 -10.31
C GLY C 194 22.52 -58.59 -9.44
N GLN C 195 22.51 -57.38 -8.88
CA GLN C 195 21.46 -56.96 -7.97
C GLN C 195 20.43 -56.05 -8.65
N ASP C 196 20.31 -56.13 -9.96
CA ASP C 196 19.30 -55.33 -10.66
C ASP C 196 17.91 -55.93 -10.41
N ARG C 197 16.92 -55.05 -10.34
CA ARG C 197 15.55 -55.41 -9.98
C ARG C 197 14.65 -54.24 -10.32
N ILE C 198 13.37 -54.53 -10.59
CA ILE C 198 12.41 -53.47 -10.80
C ILE C 198 12.43 -52.56 -9.58
N GLY C 199 12.43 -51.24 -9.83
CA GLY C 199 12.84 -50.31 -8.79
C GLY C 199 11.81 -50.11 -7.69
N GLU C 200 10.53 -50.06 -8.06
CA GLU C 200 9.50 -49.59 -7.16
C GLU C 200 8.33 -50.57 -7.11
N PRO C 201 7.51 -50.49 -6.07
CA PRO C 201 6.34 -51.39 -5.99
C PRO C 201 5.27 -50.99 -6.99
N GLY C 202 4.67 -51.99 -7.62
CA GLY C 202 3.63 -51.78 -8.60
C GLY C 202 4.13 -51.58 -10.02
N HIS C 203 5.42 -51.25 -10.19
CA HIS C 203 5.95 -51.05 -11.53
C HIS C 203 5.97 -52.36 -12.31
N ASP C 204 6.40 -53.45 -11.68
CA ASP C 204 6.44 -54.74 -12.37
C ASP C 204 5.03 -55.22 -12.72
N GLN C 205 4.08 -55.01 -11.82
CA GLN C 205 2.70 -55.42 -12.10
C GLN C 205 2.10 -54.56 -13.20
N TRP C 206 2.38 -53.26 -13.20
CA TRP C 206 1.87 -52.39 -14.25
C TRP C 206 2.45 -52.77 -15.61
N ASN C 207 3.74 -53.12 -15.65
CA ASN C 207 4.36 -53.50 -16.91
C ASN C 207 3.71 -54.75 -17.49
N THR C 208 3.64 -55.83 -16.69
CA THR C 208 3.05 -57.06 -17.18
C THR C 208 1.60 -56.87 -17.59
N ARG C 209 0.90 -55.93 -16.96
CA ARG C 209 -0.50 -55.69 -17.30
C ARG C 209 -0.63 -55.18 -18.74
N VAL C 210 0.18 -54.19 -19.11
CA VAL C 210 0.08 -53.66 -20.46
C VAL C 210 0.62 -54.68 -21.47
N LEU C 211 1.66 -55.44 -21.09
CA LEU C 211 2.19 -56.45 -21.99
C LEU C 211 1.15 -57.52 -22.28
N ASP C 212 0.39 -57.95 -21.27
CA ASP C 212 -0.68 -58.91 -21.49
C ASP C 212 -1.69 -58.37 -22.50
N LEU C 213 -2.09 -57.11 -22.33
CA LEU C 213 -3.03 -56.51 -23.27
C LEU C 213 -2.43 -56.42 -24.67
N LEU C 214 -1.16 -56.04 -24.76
CA LEU C 214 -0.52 -55.90 -26.07
C LEU C 214 -0.40 -57.25 -26.76
N THR C 215 0.05 -58.27 -26.04
CA THR C 215 0.14 -59.61 -26.63
C THR C 215 -1.23 -60.12 -27.04
N ALA C 216 -2.29 -59.65 -26.40
CA ALA C 216 -3.65 -60.00 -26.77
C ALA C 216 -4.21 -59.09 -27.85
N GLY C 217 -3.40 -58.23 -28.45
CA GLY C 217 -3.86 -57.35 -29.49
C GLY C 217 -4.77 -56.25 -29.03
N LYS C 218 -4.70 -55.87 -27.75
CA LYS C 218 -5.58 -54.85 -27.21
C LYS C 218 -4.83 -53.55 -26.99
N VAL C 219 -4.29 -52.98 -28.07
CA VAL C 219 -3.52 -51.75 -27.95
C VAL C 219 -4.42 -50.61 -27.47
N ASP C 220 -5.69 -50.62 -27.88
CA ASP C 220 -6.60 -49.55 -27.48
C ASP C 220 -6.73 -49.46 -25.96
N GLU C 221 -6.94 -50.62 -25.32
CA GLU C 221 -7.13 -50.62 -23.87
C GLU C 221 -5.87 -50.19 -23.14
N VAL C 222 -4.69 -50.37 -23.75
CA VAL C 222 -3.48 -49.78 -23.19
C VAL C 222 -3.52 -48.27 -23.33
N LEU C 223 -3.93 -47.77 -24.50
CA LEU C 223 -4.01 -46.34 -24.71
C LEU C 223 -5.03 -45.70 -23.76
N ALA C 224 -6.11 -46.42 -23.46
CA ALA C 224 -7.14 -45.88 -22.57
C ALA C 224 -6.61 -45.69 -21.16
N VAL C 225 -5.73 -46.60 -20.71
CA VAL C 225 -5.14 -46.53 -19.38
C VAL C 225 -3.73 -45.97 -19.42
N ARG C 226 -3.31 -45.40 -20.55
CA ARG C 226 -1.93 -44.91 -20.68
C ARG C 226 -1.60 -43.88 -19.62
N GLU C 227 -2.53 -42.96 -19.34
CA GLU C 227 -2.25 -41.91 -18.36
C GLU C 227 -2.11 -42.49 -16.96
N ASP C 228 -2.91 -43.51 -16.62
CA ASP C 228 -2.74 -44.17 -15.33
C ASP C 228 -1.40 -44.90 -15.27
N PHE C 229 -1.03 -45.58 -16.36
CA PHE C 229 0.29 -46.19 -16.42
C PHE C 229 1.39 -45.16 -16.22
N ALA C 230 1.27 -44.00 -16.86
CA ALA C 230 2.28 -42.97 -16.74
C ALA C 230 2.41 -42.48 -15.30
N ARG C 231 1.28 -42.16 -14.68
CA ARG C 231 1.32 -41.61 -13.32
C ARG C 231 1.81 -42.64 -12.31
N GLN C 232 1.26 -43.85 -12.36
CA GLN C 232 1.50 -44.82 -11.30
C GLN C 232 2.82 -45.57 -11.46
N ALA C 233 3.27 -45.76 -12.70
CA ALA C 233 4.50 -46.49 -12.96
C ALA C 233 5.59 -45.61 -13.57
N GLN C 234 5.36 -44.31 -13.67
CA GLN C 234 6.34 -43.38 -14.22
C GLN C 234 6.82 -43.87 -15.58
N ALA C 235 5.87 -44.26 -16.42
CA ALA C 235 6.20 -44.81 -17.73
C ALA C 235 7.01 -43.80 -18.54
N ASP C 236 8.07 -44.29 -19.19
CA ASP C 236 8.94 -43.44 -19.99
C ASP C 236 8.12 -42.51 -20.89
N SER C 237 8.27 -41.21 -20.66
CA SER C 237 7.61 -40.19 -21.46
C SER C 237 6.12 -40.46 -21.57
N GLN C 238 5.52 -40.89 -20.46
CA GLN C 238 4.09 -41.18 -20.40
C GLN C 238 3.67 -42.22 -21.43
N PHE C 239 4.63 -43.02 -21.89
CA PHE C 239 4.40 -44.05 -22.91
C PHE C 239 3.80 -43.46 -24.18
N ARG C 240 4.08 -42.19 -24.48
CA ARG C 240 3.58 -41.61 -25.72
C ARG C 240 4.22 -42.26 -26.95
N ALA C 241 5.33 -42.97 -26.78
CA ALA C 241 5.91 -43.72 -27.89
C ALA C 241 4.92 -44.74 -28.45
N LEU C 242 4.09 -45.33 -27.58
CA LEU C 242 3.07 -46.25 -28.07
C LEU C 242 2.00 -45.52 -28.85
N ALA C 243 1.60 -44.34 -28.38
CA ALA C 243 0.63 -43.53 -29.12
C ALA C 243 1.13 -43.22 -30.52
N PHE C 244 2.44 -42.95 -30.65
CA PHE C 244 3.02 -42.72 -31.98
C PHE C 244 2.90 -43.96 -32.85
N ALA C 245 3.27 -45.12 -32.31
CA ALA C 245 3.24 -46.35 -33.11
C ALA C 245 1.82 -46.70 -33.51
N ALA C 246 0.87 -46.59 -32.59
CA ALA C 246 -0.53 -46.84 -32.92
C ALA C 246 -1.03 -45.88 -33.99
N GLY C 247 -0.68 -44.60 -33.87
CA GLY C 247 -1.06 -43.64 -34.89
C GLY C 247 -0.51 -44.00 -36.27
N ALA C 248 0.69 -44.57 -36.31
CA ALA C 248 1.30 -45.02 -37.54
C ALA C 248 0.77 -46.37 -38.03
N GLU C 249 -0.27 -46.89 -37.39
CA GLU C 249 -0.88 -48.15 -37.82
C GLU C 249 0.11 -49.32 -37.76
N ALA C 250 1.10 -49.22 -36.88
CA ALA C 250 2.14 -50.24 -36.77
C ALA C 250 1.86 -51.28 -35.69
N THR C 251 0.88 -51.05 -34.83
CA THR C 251 0.60 -51.95 -33.71
C THR C 251 -0.69 -52.73 -33.96
N THR C 252 -0.80 -53.34 -35.14
CA THR C 252 -1.98 -54.13 -35.46
C THR C 252 -1.74 -55.60 -35.13
N GLY C 253 -2.82 -56.28 -34.74
CA GLY C 253 -2.75 -57.68 -34.42
C GLY C 253 -2.07 -57.92 -33.09
N PRO C 254 -1.84 -59.19 -32.76
CA PRO C 254 -1.20 -59.50 -31.47
C PRO C 254 0.27 -59.12 -31.48
N ALA C 255 0.73 -58.59 -30.36
CA ALA C 255 2.15 -58.29 -30.19
C ALA C 255 2.90 -59.52 -29.71
N HIS C 256 4.08 -59.74 -30.28
CA HIS C 256 4.95 -60.82 -29.83
C HIS C 256 5.91 -60.25 -28.80
N LEU C 257 5.89 -60.81 -27.60
CA LEU C 257 6.79 -60.39 -26.52
C LEU C 257 8.08 -61.21 -26.62
N HIS C 258 9.16 -60.55 -27.01
CA HIS C 258 10.43 -61.24 -27.17
C HIS C 258 11.18 -61.36 -25.85
N ALA C 259 11.05 -60.36 -24.98
CA ALA C 259 11.72 -60.41 -23.69
C ALA C 259 11.24 -59.25 -22.84
N TYR C 260 11.28 -59.45 -21.52
CA TYR C 260 10.94 -58.40 -20.56
C TYR C 260 11.81 -58.57 -19.34
N GLY C 261 12.25 -57.44 -18.78
CA GLY C 261 13.10 -57.45 -17.61
C GLY C 261 13.50 -56.06 -17.18
N PRO C 262 14.18 -55.95 -16.05
CA PRO C 262 14.60 -54.63 -15.56
C PRO C 262 15.94 -54.18 -16.13
N ILE C 263 16.10 -52.86 -16.18
CA ILE C 263 17.38 -52.23 -16.50
C ILE C 263 17.61 -51.11 -15.50
N TRP C 264 18.39 -51.38 -14.45
CA TRP C 264 18.72 -50.40 -13.43
C TRP C 264 17.46 -49.84 -12.79
N GLY C 265 16.48 -50.70 -12.55
CA GLY C 265 15.24 -50.33 -11.90
C GLY C 265 14.08 -50.12 -12.85
N THR C 266 14.35 -49.68 -14.08
CA THR C 266 13.28 -49.43 -15.02
C THR C 266 12.78 -50.75 -15.61
N GLY C 267 11.55 -50.70 -16.15
CA GLY C 267 11.04 -51.81 -16.92
C GLY C 267 11.43 -51.68 -18.38
N ALA C 268 11.67 -52.83 -19.02
CA ALA C 268 12.11 -52.84 -20.40
C ALA C 268 11.56 -54.08 -21.09
N ALA C 269 11.13 -53.91 -22.34
CA ALA C 269 10.55 -55.01 -23.10
C ALA C 269 10.86 -54.82 -24.58
N VAL C 270 11.02 -55.94 -25.26
CA VAL C 270 11.17 -55.97 -26.71
C VAL C 270 9.91 -56.59 -27.29
N LEU C 271 9.20 -55.83 -28.12
CA LEU C 271 7.95 -56.23 -28.72
C LEU C 271 8.01 -56.03 -30.23
N SER C 272 7.21 -56.82 -30.95
CA SER C 272 7.12 -56.71 -32.40
C SER C 272 5.70 -56.99 -32.83
N TRP C 273 5.28 -56.34 -33.91
CA TRP C 273 3.98 -56.55 -34.53
C TRP C 273 4.21 -56.94 -35.98
N ASN C 274 3.69 -58.11 -36.38
CA ASN C 274 3.76 -58.55 -37.76
C ASN C 274 5.21 -58.74 -38.23
N LEU C 275 6.05 -59.28 -37.35
CA LEU C 275 7.44 -59.62 -37.67
C LEU C 275 7.66 -61.09 -37.34
N PRO C 276 7.40 -61.99 -38.29
CA PRO C 276 7.52 -63.42 -38.00
C PRO C 276 8.91 -63.97 -38.20
N ASP C 277 9.10 -65.26 -37.88
CA ASP C 277 10.37 -65.95 -38.12
C ASP C 277 11.47 -65.45 -37.18
N THR D 30 29.77 -13.30 9.00
CA THR D 30 31.16 -13.62 8.71
C THR D 30 31.50 -13.23 7.28
N ARG D 31 32.73 -13.49 6.85
CA ARG D 31 33.14 -13.28 5.47
C ARG D 31 33.18 -14.63 4.77
N PRO D 32 32.04 -15.14 4.30
CA PRO D 32 32.02 -16.50 3.74
C PRO D 32 32.85 -16.60 2.47
N GLY D 33 33.25 -17.83 2.15
CA GLY D 33 33.97 -18.07 0.92
C GLY D 33 33.13 -17.77 -0.31
N ILE D 34 31.86 -18.15 -0.28
CA ILE D 34 30.93 -17.79 -1.35
C ILE D 34 30.58 -16.32 -1.19
N VAL D 35 31.14 -15.47 -2.05
CA VAL D 35 30.91 -14.04 -1.95
C VAL D 35 29.62 -13.58 -2.59
N ALA D 36 28.99 -14.41 -3.42
CA ALA D 36 27.71 -14.04 -4.02
C ALA D 36 27.07 -15.27 -4.63
N GLY D 37 25.75 -15.25 -4.65
CA GLY D 37 24.99 -16.29 -5.33
C GLY D 37 23.96 -15.66 -6.25
N CYS D 38 23.83 -16.22 -7.44
CA CYS D 38 23.02 -15.61 -8.49
C CYS D 38 22.04 -16.62 -9.08
N LEU D 39 20.81 -16.17 -9.29
CA LEU D 39 19.86 -16.86 -10.17
C LEU D 39 20.17 -16.41 -11.60
N SER D 40 20.64 -17.35 -12.43
CA SER D 40 21.20 -17.05 -13.74
C SER D 40 20.57 -17.93 -14.80
N PRO D 41 19.40 -17.56 -15.30
CA PRO D 41 18.73 -18.40 -16.30
C PRO D 41 19.56 -18.54 -17.56
N HIS D 42 19.32 -19.65 -18.28
CA HIS D 42 20.14 -20.04 -19.40
C HIS D 42 19.45 -20.20 -20.76
N PRO D 43 18.24 -19.69 -20.98
CA PRO D 43 17.60 -19.93 -22.29
C PRO D 43 18.50 -19.53 -23.43
N PRO D 44 18.60 -20.37 -24.47
CA PRO D 44 19.56 -20.08 -25.54
C PRO D 44 19.28 -18.77 -26.25
N HIS D 45 18.06 -18.25 -26.15
CA HIS D 45 17.72 -16.99 -26.80
C HIS D 45 18.59 -15.84 -26.33
N LEU D 46 19.05 -15.88 -25.07
CA LEU D 46 19.88 -14.79 -24.56
C LEU D 46 21.25 -14.78 -25.22
N ILE D 47 21.84 -15.96 -25.41
CA ILE D 47 23.12 -16.05 -26.12
C ILE D 47 22.91 -15.71 -27.58
N TYR D 48 21.85 -16.25 -28.19
CA TYR D 48 21.53 -15.97 -29.57
C TYR D 48 21.41 -14.47 -29.83
N GLY D 49 20.70 -13.76 -28.96
CA GLY D 49 20.53 -12.33 -29.15
C GLY D 49 21.81 -11.53 -29.05
N GLU D 50 22.81 -12.07 -28.35
CA GLU D 50 24.07 -11.36 -28.15
C GLU D 50 25.05 -11.53 -29.32
N ASN D 51 24.91 -12.60 -30.10
CA ASN D 51 25.83 -12.90 -31.19
C ASN D 51 27.29 -12.93 -30.71
N PRO D 52 27.62 -13.78 -29.75
CA PRO D 52 29.01 -13.91 -29.33
C PRO D 52 29.80 -14.72 -30.34
N PRO D 53 31.13 -14.61 -30.34
CA PRO D 53 31.92 -15.31 -31.37
C PRO D 53 31.79 -16.82 -31.30
N GLN D 54 31.62 -17.38 -30.10
CA GLN D 54 31.57 -18.81 -29.94
C GLN D 54 30.28 -19.42 -30.51
N ASN D 55 29.26 -18.61 -30.75
CA ASN D 55 27.96 -19.10 -31.21
C ASN D 55 27.88 -18.99 -32.72
N GLU D 56 27.57 -20.13 -33.37
CA GLU D 56 27.52 -20.14 -34.83
CA GLU D 56 27.52 -20.14 -34.83
C GLU D 56 26.31 -19.36 -35.36
N PRO D 57 25.08 -19.65 -34.94
CA PRO D 57 23.94 -18.90 -35.49
C PRO D 57 24.03 -17.43 -35.11
N ARG D 58 23.36 -16.61 -35.90
CA ARG D 58 23.39 -15.16 -35.74
C ARG D 58 21.97 -14.61 -35.75
N SER D 59 21.71 -13.67 -34.84
CA SER D 59 20.43 -13.02 -34.68
C SER D 59 20.50 -11.58 -35.16
N THR D 60 19.35 -10.90 -35.10
CA THR D 60 19.25 -9.46 -35.29
C THR D 60 19.04 -8.73 -33.97
N GLY D 61 19.33 -9.38 -32.85
CA GLY D 61 19.06 -8.86 -31.52
C GLY D 61 18.01 -9.67 -30.80
N GLY D 62 17.35 -9.01 -29.85
CA GLY D 62 16.28 -9.62 -29.10
C GLY D 62 16.57 -9.78 -27.62
N TRP D 63 15.51 -9.76 -26.81
CA TRP D 63 15.62 -9.90 -25.35
C TRP D 63 16.70 -8.99 -24.78
N GLU D 64 16.66 -7.74 -25.22
CA GLU D 64 17.70 -6.78 -24.86
C GLU D 64 17.73 -6.51 -23.36
N THR D 65 16.57 -6.29 -22.75
CA THR D 65 16.56 -5.87 -21.35
C THR D 65 17.15 -6.95 -20.47
N LEU D 66 16.87 -8.22 -20.78
CA LEU D 66 17.48 -9.30 -20.00
C LEU D 66 18.97 -9.39 -20.27
N ARG D 67 19.39 -9.20 -21.52
CA ARG D 67 20.83 -9.21 -21.82
C ARG D 67 21.52 -8.05 -21.13
N TRP D 68 20.90 -6.86 -21.14
CA TRP D 68 21.49 -5.72 -20.43
C TRP D 68 21.59 -6.01 -18.95
N ALA D 69 20.59 -6.69 -18.37
CA ALA D 69 20.68 -7.07 -16.97
C ALA D 69 21.86 -7.99 -16.74
N TYR D 70 22.08 -8.94 -17.65
CA TYR D 70 23.22 -9.84 -17.50
C TYR D 70 24.54 -9.09 -17.61
N GLU D 71 24.59 -8.04 -18.45
CA GLU D 71 25.78 -7.21 -18.49
C GLU D 71 26.07 -6.59 -17.13
N ARG D 72 25.02 -6.17 -16.41
CA ARG D 72 25.21 -5.65 -15.07
C ARG D 72 25.76 -6.73 -14.14
N LEU D 73 25.24 -7.95 -14.24
CA LEU D 73 25.74 -9.03 -13.40
C LEU D 73 27.18 -9.38 -13.77
N ARG D 74 27.51 -9.35 -15.06
CA ARG D 74 28.89 -9.61 -15.48
C ARG D 74 29.84 -8.64 -14.81
N ALA D 75 29.50 -7.35 -14.79
CA ALA D 75 30.36 -6.36 -14.18
C ALA D 75 30.44 -6.55 -12.67
N ARG D 76 29.34 -6.97 -12.04
CA ARG D 76 29.38 -7.26 -10.61
C ARG D 76 30.38 -8.37 -10.30
N ILE D 77 30.38 -9.43 -11.11
CA ILE D 77 31.33 -10.52 -10.91
C ILE D 77 32.75 -10.06 -11.21
N ARG D 78 32.93 -9.39 -12.36
CA ARG D 78 34.26 -9.00 -12.80
C ARG D 78 34.85 -7.93 -11.89
N ASP D 79 34.08 -6.89 -11.57
CA ASP D 79 34.62 -5.68 -10.97
C ASP D 79 34.46 -5.62 -9.46
N VAL D 80 33.62 -6.46 -8.86
CA VAL D 80 33.34 -6.37 -7.44
C VAL D 80 33.64 -7.69 -6.75
N HIS D 81 32.98 -8.76 -7.19
CA HIS D 81 33.15 -10.05 -6.53
C HIS D 81 34.54 -10.63 -6.77
N LYS D 82 35.05 -10.47 -7.99
CA LYS D 82 36.37 -10.95 -8.40
C LYS D 82 36.62 -12.36 -7.85
N PRO D 83 35.76 -13.33 -8.17
CA PRO D 83 35.87 -14.65 -7.55
C PRO D 83 37.01 -15.47 -8.11
N ASP D 84 37.35 -16.52 -7.37
CA ASP D 84 38.35 -17.48 -7.79
C ASP D 84 37.77 -18.57 -8.68
N VAL D 85 36.46 -18.78 -8.62
CA VAL D 85 35.82 -19.91 -9.28
C VAL D 85 34.33 -19.60 -9.41
N LEU D 86 33.74 -20.03 -10.51
CA LEU D 86 32.30 -19.99 -10.71
C LEU D 86 31.76 -21.41 -10.57
N ILE D 87 30.88 -21.62 -9.60
CA ILE D 87 30.24 -22.90 -9.37
C ILE D 87 28.82 -22.83 -9.91
N VAL D 88 28.51 -23.66 -10.91
CA VAL D 88 27.23 -23.58 -11.60
C VAL D 88 26.48 -24.90 -11.41
N HIS D 89 25.17 -24.78 -11.20
CA HIS D 89 24.26 -25.91 -11.18
C HIS D 89 23.12 -25.61 -12.14
N ALA D 90 22.88 -26.53 -13.08
CA ALA D 90 21.88 -26.35 -14.13
C ALA D 90 21.09 -27.63 -14.28
N PRO D 91 19.88 -27.56 -14.87
CA PRO D 91 18.98 -28.72 -14.84
C PRO D 91 19.19 -29.77 -15.93
N HIS D 92 19.72 -29.38 -17.09
CA HIS D 92 19.58 -30.24 -18.25
C HIS D 92 20.62 -31.35 -18.33
N TRP D 93 21.74 -31.24 -17.63
CA TRP D 93 22.62 -32.40 -17.43
C TRP D 93 21.91 -33.30 -16.43
N ILE D 94 20.84 -33.96 -16.86
CA ILE D 94 19.99 -34.76 -15.97
C ILE D 94 20.69 -36.10 -15.76
N THR D 95 21.30 -36.26 -14.58
CA THR D 95 21.99 -37.50 -14.22
C THR D 95 21.05 -38.35 -13.36
N MET D 96 20.75 -39.54 -13.84
CA MET D 96 19.70 -40.37 -13.27
C MET D 96 20.16 -41.16 -12.04
N VAL D 97 21.43 -41.07 -11.67
CA VAL D 97 21.93 -41.72 -10.46
C VAL D 97 22.73 -40.67 -9.69
N GLY D 98 22.05 -39.95 -8.79
CA GLY D 98 22.75 -39.07 -7.88
C GLY D 98 23.21 -37.77 -8.53
N HIS D 99 24.29 -37.22 -7.98
CA HIS D 99 24.81 -35.92 -8.36
C HIS D 99 26.22 -36.09 -8.91
N HIS D 100 26.50 -35.48 -10.05
CA HIS D 100 27.79 -35.59 -10.70
C HIS D 100 28.51 -34.25 -10.67
N VAL D 101 29.83 -34.32 -10.59
CA VAL D 101 30.70 -33.14 -10.60
C VAL D 101 31.66 -33.28 -11.77
N ASN D 102 31.64 -32.31 -12.67
CA ASN D 102 32.56 -32.32 -13.80
C ASN D 102 33.95 -31.95 -13.30
N CYS D 103 34.85 -32.95 -13.26
CA CYS D 103 36.24 -32.72 -12.86
C CYS D 103 37.20 -32.81 -14.04
N VAL D 104 36.70 -32.62 -15.26
CA VAL D 104 37.57 -32.62 -16.43
C VAL D 104 38.42 -31.35 -16.40
N PRO D 105 39.75 -31.45 -16.49
CA PRO D 105 40.57 -30.23 -16.37
C PRO D 105 40.22 -29.14 -17.36
N ASN D 106 40.03 -29.48 -18.64
CA ASN D 106 39.83 -28.49 -19.70
C ASN D 106 38.74 -28.96 -20.64
N PRO D 107 37.47 -28.78 -20.25
CA PRO D 107 36.37 -29.16 -21.15
C PRO D 107 36.35 -28.28 -22.39
N ARG D 108 36.23 -28.93 -23.55
CA ARG D 108 36.12 -28.24 -24.82
C ARG D 108 35.22 -29.05 -25.74
N GLY D 109 34.56 -28.37 -26.66
CA GLY D 109 33.71 -29.03 -27.62
C GLY D 109 32.72 -28.06 -28.24
N LEU D 110 31.73 -28.64 -28.93
CA LEU D 110 30.65 -27.90 -29.55
C LEU D 110 29.34 -28.28 -28.86
N SER D 111 28.64 -27.29 -28.32
CA SER D 111 27.41 -27.51 -27.59
C SER D 111 26.25 -27.05 -28.47
N VAL D 112 25.40 -28.00 -28.88
CA VAL D 112 24.26 -27.73 -29.73
C VAL D 112 23.00 -27.94 -28.91
N GLU D 113 22.19 -26.90 -28.79
CA GLU D 113 20.89 -26.99 -28.13
C GLU D 113 19.96 -27.81 -28.99
N PRO D 114 19.54 -29.00 -28.57
CA PRO D 114 18.78 -29.88 -29.48
C PRO D 114 17.43 -29.32 -29.88
N ILE D 115 16.78 -28.56 -28.99
CA ILE D 115 15.46 -28.02 -29.31
C ILE D 115 15.56 -26.70 -30.07
N PHE D 116 16.62 -25.92 -29.82
CA PHE D 116 16.87 -24.65 -30.50
C PHE D 116 18.24 -24.67 -31.17
N PRO D 117 18.50 -25.65 -32.04
CA PRO D 117 19.80 -25.69 -32.72
C PRO D 117 20.01 -24.51 -33.65
N HIS D 118 18.95 -23.88 -34.11
CA HIS D 118 19.06 -22.68 -34.92
C HIS D 118 19.44 -21.46 -34.09
N LEU D 119 19.45 -21.58 -32.77
CA LEU D 119 19.76 -20.46 -31.89
C LEU D 119 21.07 -20.62 -31.14
N PHE D 120 21.52 -21.84 -30.88
CA PHE D 120 22.63 -22.06 -29.96
C PHE D 120 23.44 -23.26 -30.43
N ARG D 121 24.60 -22.97 -31.02
CA ARG D 121 25.62 -23.98 -31.35
C ARG D 121 26.93 -23.34 -30.92
N TYR D 122 27.35 -23.65 -29.69
CA TYR D 122 28.35 -22.88 -28.97
C TYR D 122 29.64 -23.67 -28.82
N ARG D 123 30.74 -23.08 -29.28
CA ARG D 123 32.07 -23.69 -29.17
C ARG D 123 32.70 -23.22 -27.86
N TYR D 124 32.82 -24.12 -26.90
CA TYR D 124 33.27 -23.77 -25.57
C TYR D 124 34.68 -24.29 -25.31
N ASP D 125 35.34 -23.63 -24.36
CA ASP D 125 36.71 -23.96 -23.96
C ASP D 125 37.00 -23.25 -22.64
N PHE D 126 36.97 -23.98 -21.53
CA PHE D 126 37.16 -23.38 -20.22
C PHE D 126 37.92 -24.34 -19.32
N ARG D 127 38.31 -23.83 -18.15
CA ARG D 127 39.14 -24.56 -17.21
C ARG D 127 38.35 -24.88 -15.95
N THR D 128 38.55 -26.08 -15.43
CA THR D 128 37.84 -26.55 -14.25
C THR D 128 38.73 -26.45 -13.01
N ASP D 129 38.14 -26.02 -11.89
CA ASP D 129 38.80 -26.08 -10.59
C ASP D 129 38.67 -27.51 -10.07
N VAL D 130 39.59 -28.36 -10.53
CA VAL D 130 39.48 -29.79 -10.25
C VAL D 130 39.51 -30.06 -8.76
N GLU D 131 40.44 -29.41 -8.05
CA GLU D 131 40.53 -29.61 -6.60
C GLU D 131 39.19 -29.31 -5.93
N LEU D 132 38.62 -28.15 -6.24
CA LEU D 132 37.33 -27.80 -5.66
C LEU D 132 36.26 -28.81 -6.05
N GLY D 133 36.20 -29.18 -7.33
CA GLY D 133 35.26 -30.20 -7.74
C GLY D 133 35.42 -31.50 -6.97
N GLU D 134 36.68 -31.94 -6.78
CA GLU D 134 36.91 -33.15 -6.01
C GLU D 134 36.47 -32.98 -4.56
N ALA D 135 36.70 -31.79 -4.00
CA ALA D 135 36.30 -31.53 -2.61
C ALA D 135 34.78 -31.48 -2.48
N ILE D 136 34.09 -30.86 -3.46
CA ILE D 136 32.65 -30.80 -3.41
C ILE D 136 32.06 -32.21 -3.43
N ALA D 137 32.54 -33.05 -4.34
CA ALA D 137 32.06 -34.42 -4.40
C ALA D 137 32.38 -35.17 -3.12
N GLU D 138 33.58 -34.98 -2.58
CA GLU D 138 33.95 -35.62 -1.32
C GLU D 138 33.02 -35.19 -0.20
N GLU D 139 32.83 -33.88 -0.03
CA GLU D 139 31.92 -33.40 1.00
C GLU D 139 30.50 -33.91 0.75
N ALA D 140 30.10 -34.00 -0.51
CA ALA D 140 28.73 -34.44 -0.83
C ALA D 140 28.54 -35.91 -0.45
N SER D 141 29.47 -36.77 -0.85
CA SER D 141 29.37 -38.17 -0.45
C SER D 141 29.45 -38.31 1.07
N GLY D 142 30.29 -37.51 1.72
CA GLY D 142 30.36 -37.54 3.17
C GLY D 142 29.05 -37.18 3.84
N LEU D 143 28.23 -36.38 3.18
CA LEU D 143 26.92 -36.01 3.71
C LEU D 143 25.83 -37.00 3.33
N GLY D 144 26.14 -38.04 2.57
CA GLY D 144 25.20 -39.09 2.26
C GLY D 144 24.63 -39.06 0.86
N LEU D 145 25.04 -38.10 0.03
CA LEU D 145 24.55 -38.04 -1.34
C LEU D 145 25.26 -39.07 -2.21
N VAL D 146 24.51 -39.67 -3.14
CA VAL D 146 25.12 -40.49 -4.17
C VAL D 146 25.82 -39.57 -5.17
N THR D 147 27.10 -39.79 -5.38
CA THR D 147 27.91 -38.87 -6.17
C THR D 147 28.78 -39.63 -7.16
N ARG D 148 29.33 -38.89 -8.12
CA ARG D 148 30.32 -39.40 -9.04
C ARG D 148 31.09 -38.22 -9.62
N THR D 149 32.40 -38.42 -9.82
CA THR D 149 33.26 -37.42 -10.45
C THR D 149 33.44 -37.80 -11.91
N LEU D 150 33.04 -36.90 -12.81
CA LEU D 150 33.24 -37.11 -14.25
C LEU D 150 34.65 -36.70 -14.61
N ARG D 151 35.39 -37.63 -15.23
CA ARG D 151 36.76 -37.37 -15.65
C ARG D 151 36.96 -37.58 -17.15
N ASP D 152 35.95 -38.05 -17.87
CA ASP D 152 36.08 -38.33 -19.30
C ASP D 152 35.93 -37.05 -20.12
N PRO D 153 37.01 -36.56 -20.74
CA PRO D 153 36.89 -35.33 -21.53
C PRO D 153 36.05 -35.48 -22.79
N ARG D 154 35.69 -36.70 -23.17
CA ARG D 154 34.86 -36.90 -24.35
C ARG D 154 33.40 -36.57 -24.10
N VAL D 155 32.98 -36.49 -22.83
CA VAL D 155 31.60 -36.15 -22.53
C VAL D 155 31.37 -34.67 -22.85
N ARG D 156 30.22 -34.39 -23.47
CA ARG D 156 29.88 -33.04 -23.91
C ARG D 156 29.21 -32.29 -22.77
N VAL D 157 29.69 -31.07 -22.51
CA VAL D 157 29.07 -30.23 -21.48
C VAL D 157 27.72 -29.73 -22.00
N ASP D 158 26.72 -29.75 -21.12
CA ASP D 158 25.36 -29.49 -21.57
C ASP D 158 25.14 -28.03 -21.90
N TYR D 159 24.15 -27.79 -22.76
CA TYR D 159 23.92 -26.47 -23.32
C TYR D 159 23.47 -25.45 -22.27
N ALA D 160 22.87 -25.89 -21.18
CA ALA D 160 22.45 -24.95 -20.15
C ALA D 160 23.63 -24.48 -19.31
N THR D 161 24.53 -25.40 -18.96
CA THR D 161 25.74 -25.00 -18.25
C THR D 161 26.55 -24.04 -19.08
N ILE D 162 26.70 -24.32 -20.38
CA ILE D 162 27.44 -23.42 -21.27
C ILE D 162 26.75 -22.06 -21.34
N GLY D 163 25.44 -22.07 -21.54
CA GLY D 163 24.71 -20.81 -21.60
C GLY D 163 24.86 -19.98 -20.34
N ALA D 164 24.62 -20.61 -19.18
CA ALA D 164 24.74 -19.89 -17.92
C ALA D 164 26.12 -19.27 -17.78
N LEU D 165 27.16 -20.06 -18.05
CA LEU D 165 28.53 -19.57 -17.85
C LEU D 165 28.86 -18.47 -18.83
N HIS D 166 28.43 -18.59 -20.08
CA HIS D 166 28.68 -17.53 -21.03
C HIS D 166 28.03 -16.23 -20.57
N LEU D 167 26.80 -16.31 -20.08
CA LEU D 167 26.09 -15.10 -19.67
C LEU D 167 26.70 -14.49 -18.42
N ALA D 168 27.21 -15.32 -17.50
CA ALA D 168 27.82 -14.79 -16.29
C ALA D 168 29.20 -14.24 -16.55
N ASN D 169 29.96 -14.85 -17.45
CA ASN D 169 31.31 -14.37 -17.79
C ASN D 169 31.67 -14.84 -19.20
N PRO D 170 31.46 -13.99 -20.21
CA PRO D 170 31.78 -14.41 -21.59
C PRO D 170 33.27 -14.46 -21.89
N ALA D 171 34.13 -14.01 -20.97
CA ALA D 171 35.56 -14.13 -21.17
C ALA D 171 36.09 -15.52 -20.85
N TRP D 172 35.33 -16.31 -20.10
CA TRP D 172 35.73 -17.68 -19.73
C TRP D 172 37.10 -17.71 -19.06
N ASP D 173 37.46 -16.61 -18.38
CA ASP D 173 38.77 -16.48 -17.75
C ASP D 173 38.72 -16.75 -16.25
N ILE D 174 37.65 -17.37 -15.76
CA ILE D 174 37.52 -17.76 -14.36
C ILE D 174 37.37 -19.27 -14.30
N PRO D 175 38.13 -19.97 -13.45
CA PRO D 175 37.92 -21.42 -13.30
C PRO D 175 36.48 -21.76 -12.97
N VAL D 176 36.05 -22.97 -13.32
CA VAL D 176 34.65 -23.37 -13.22
C VAL D 176 34.55 -24.71 -12.51
N VAL D 177 33.44 -24.91 -11.81
CA VAL D 177 33.03 -26.21 -11.33
C VAL D 177 31.58 -26.39 -11.74
N SER D 178 31.32 -27.34 -12.64
CA SER D 178 29.99 -27.60 -13.15
C SER D 178 29.38 -28.77 -12.39
N LEU D 179 28.19 -28.56 -11.86
CA LEU D 179 27.45 -29.57 -11.12
C LEU D 179 26.25 -30.04 -11.94
N SER D 180 25.95 -31.33 -11.82
CA SER D 180 24.86 -31.94 -12.56
C SER D 180 23.57 -31.91 -11.75
N ALA D 181 22.46 -32.25 -12.40
CA ALA D 181 21.13 -32.14 -11.84
C ALA D 181 20.52 -33.53 -11.68
N ASN D 182 20.39 -33.98 -10.44
CA ASN D 182 19.75 -35.26 -10.16
C ASN D 182 18.27 -35.18 -10.54
N ASN D 183 17.87 -35.99 -11.52
CA ASN D 183 16.47 -36.09 -11.92
C ASN D 183 16.34 -37.37 -12.74
N ASN D 184 15.11 -37.62 -13.21
CA ASN D 184 14.84 -38.80 -14.02
C ASN D 184 14.69 -38.38 -15.48
N PRO D 185 15.58 -38.81 -16.38
CA PRO D 185 15.48 -38.37 -17.78
C PRO D 185 14.29 -38.96 -18.52
N TYR D 186 13.66 -40.01 -17.99
CA TYR D 186 12.54 -40.66 -18.67
C TYR D 186 11.19 -40.26 -18.11
N PHE D 187 11.11 -39.90 -16.81
CA PHE D 187 9.88 -39.39 -16.19
C PHE D 187 10.29 -38.18 -15.33
N TYR D 188 10.45 -37.04 -15.98
CA TYR D 188 10.93 -35.85 -15.28
C TYR D 188 9.99 -35.51 -14.12
N SER D 189 10.59 -35.16 -12.99
CA SER D 189 9.84 -34.87 -11.78
C SER D 189 10.52 -33.72 -11.04
N ASP D 190 9.85 -33.24 -9.99
CA ASP D 190 10.44 -32.23 -9.12
C ASP D 190 11.63 -32.83 -8.39
N ALA D 191 12.79 -32.20 -8.52
CA ALA D 191 13.96 -32.67 -7.80
C ALA D 191 13.71 -32.62 -6.30
N SER D 192 14.27 -33.59 -5.58
CA SER D 192 14.19 -33.58 -4.12
C SER D 192 14.89 -32.33 -3.61
N LEU D 193 14.12 -31.31 -3.22
CA LEU D 193 14.73 -30.06 -2.77
C LEU D 193 15.56 -30.28 -1.50
N THR D 194 15.18 -31.24 -0.66
CA THR D 194 15.98 -31.55 0.52
C THR D 194 17.38 -32.00 0.12
N GLU D 195 17.48 -32.87 -0.88
CA GLU D 195 18.80 -33.31 -1.35
C GLU D 195 19.63 -32.14 -1.85
N MET D 196 18.98 -31.16 -2.49
CA MET D 196 19.73 -30.02 -3.01
C MET D 196 20.27 -29.13 -1.89
N GLU D 197 19.55 -29.05 -0.76
CA GLU D 197 20.09 -28.33 0.38
C GLU D 197 21.34 -29.01 0.91
N VAL D 198 21.37 -30.34 0.89
CA VAL D 198 22.56 -31.07 1.29
C VAL D 198 23.71 -30.75 0.34
N LEU D 199 23.43 -30.77 -0.96
CA LEU D 199 24.45 -30.41 -1.94
C LEU D 199 24.95 -28.99 -1.72
N GLY D 200 24.07 -28.09 -1.29
CA GLY D 200 24.51 -26.73 -1.00
C GLY D 200 25.48 -26.69 0.16
N GLU D 201 25.16 -27.38 1.25
CA GLU D 201 26.09 -27.44 2.38
C GLU D 201 27.40 -28.09 1.97
N ALA D 202 27.33 -29.18 1.20
CA ALA D 202 28.55 -29.78 0.68
C ALA D 202 29.37 -28.77 -0.10
N THR D 203 28.71 -27.94 -0.91
CA THR D 203 29.43 -26.92 -1.67
C THR D 203 30.03 -25.87 -0.75
N ARG D 204 29.27 -25.42 0.26
CA ARG D 204 29.81 -24.47 1.22
C ARG D 204 31.02 -25.04 1.94
N LEU D 205 30.92 -26.28 2.42
CA LEU D 205 32.02 -26.89 3.14
C LEU D 205 33.28 -26.97 2.29
N ALA D 206 33.12 -27.29 1.01
CA ALA D 206 34.29 -27.41 0.13
C ALA D 206 34.93 -26.06 -0.11
N VAL D 207 34.14 -25.03 -0.39
CA VAL D 207 34.71 -23.71 -0.65
C VAL D 207 35.48 -23.22 0.57
N GLU D 208 34.91 -23.41 1.76
CA GLU D 208 35.61 -22.99 2.98
C GLU D 208 36.88 -23.82 3.19
N ALA D 209 36.80 -25.13 3.01
CA ALA D 209 37.94 -25.99 3.27
C ALA D 209 39.11 -25.66 2.34
N THR D 210 38.82 -25.29 1.10
CA THR D 210 39.84 -25.04 0.10
C THR D 210 40.22 -23.57 -0.03
N GLY D 211 39.64 -22.71 0.80
CA GLY D 211 40.01 -21.31 0.78
C GLY D 211 39.69 -20.59 -0.51
N ARG D 212 38.69 -21.08 -1.26
CA ARG D 212 38.29 -20.45 -2.51
C ARG D 212 37.31 -19.33 -2.25
N ARG D 213 37.34 -18.32 -3.12
CA ARG D 213 36.35 -17.24 -3.15
C ARG D 213 35.50 -17.47 -4.39
N ALA D 214 34.23 -17.84 -4.19
CA ALA D 214 33.40 -18.38 -5.26
C ALA D 214 32.12 -17.58 -5.43
N VAL D 215 31.68 -17.50 -6.68
CA VAL D 215 30.35 -17.00 -7.04
C VAL D 215 29.54 -18.19 -7.55
N LEU D 216 28.36 -18.39 -6.98
CA LEU D 216 27.50 -19.50 -7.36
C LEU D 216 26.49 -19.04 -8.42
N LEU D 217 26.21 -19.93 -9.36
CA LEU D 217 25.28 -19.66 -10.46
C LEU D 217 24.20 -20.74 -10.42
N ALA D 218 23.01 -20.38 -9.94
CA ALA D 218 21.84 -21.26 -9.98
C ALA D 218 21.06 -20.96 -11.26
N SER D 219 21.13 -21.86 -12.23
CA SER D 219 20.63 -21.58 -13.57
C SER D 219 19.25 -22.20 -13.76
N ASN D 220 18.25 -21.52 -13.20
CA ASN D 220 16.86 -21.89 -13.35
C ASN D 220 16.05 -20.69 -13.81
N SER D 221 15.16 -20.90 -14.78
CA SER D 221 14.10 -19.95 -15.06
C SER D 221 13.01 -20.08 -14.00
N LEU D 222 12.03 -19.18 -14.06
CA LEU D 222 10.86 -19.22 -13.18
C LEU D 222 9.72 -19.92 -13.93
N SER D 223 8.49 -19.40 -13.94
CA SER D 223 7.40 -19.99 -14.70
C SER D 223 7.88 -20.50 -16.05
N HIS D 224 7.51 -21.76 -16.37
CA HIS D 224 8.15 -22.47 -17.48
C HIS D 224 7.14 -23.03 -18.48
N LEU D 225 5.98 -22.41 -18.59
CA LEU D 225 5.08 -22.69 -19.70
C LEU D 225 5.42 -21.74 -20.84
N HIS D 226 5.48 -22.27 -22.06
CA HIS D 226 6.05 -21.56 -23.20
C HIS D 226 5.20 -21.81 -24.43
N TRP D 227 5.53 -21.08 -25.50
CA TRP D 227 4.84 -21.24 -26.77
C TRP D 227 4.96 -22.66 -27.27
N HIS D 228 3.87 -23.18 -27.83
CA HIS D 228 3.92 -24.46 -28.54
C HIS D 228 4.45 -24.30 -29.97
N GLU D 229 4.45 -23.08 -30.49
CA GLU D 229 4.91 -22.77 -31.83
C GLU D 229 5.87 -21.60 -31.78
N GLU D 230 6.96 -21.68 -32.53
CA GLU D 230 7.89 -20.57 -32.58
C GLU D 230 7.43 -19.52 -33.58
N PRO D 231 7.52 -18.24 -33.24
CA PRO D 231 7.25 -17.20 -34.25
C PRO D 231 8.23 -17.30 -35.42
N GLU D 232 7.79 -16.82 -36.58
CA GLU D 232 8.61 -16.95 -37.80
C GLU D 232 9.98 -16.32 -37.60
N LEU D 233 10.04 -15.16 -36.96
CA LEU D 233 11.30 -14.57 -36.55
C LEU D 233 11.47 -14.81 -35.05
N PRO D 234 12.40 -15.64 -34.61
CA PRO D 234 12.49 -15.94 -33.17
C PRO D 234 12.56 -14.70 -32.30
N GLU D 235 13.29 -13.68 -32.71
CA GLU D 235 13.49 -12.46 -31.91
C GLU D 235 12.44 -11.39 -32.19
N ASP D 236 11.30 -11.75 -32.75
CA ASP D 236 10.20 -10.82 -32.97
C ASP D 236 9.60 -10.51 -31.60
N MET D 237 9.99 -9.38 -31.02
CA MET D 237 9.64 -9.10 -29.63
C MET D 237 8.17 -8.71 -29.46
N GLU D 238 7.45 -8.43 -30.55
CA GLU D 238 6.01 -8.28 -30.41
C GLU D 238 5.38 -9.55 -29.88
N ARG D 239 5.96 -10.70 -30.22
CA ARG D 239 5.45 -12.00 -29.81
C ARG D 239 6.02 -12.46 -28.47
N GLU D 240 6.81 -11.64 -27.81
CA GLU D 240 7.42 -11.99 -26.53
C GLU D 240 6.63 -11.32 -25.41
N HIS D 241 5.98 -12.12 -24.58
CA HIS D 241 5.19 -11.62 -23.45
C HIS D 241 4.87 -12.78 -22.52
N PRO D 242 4.41 -12.51 -21.30
CA PRO D 242 4.07 -13.62 -20.40
C PRO D 242 3.11 -14.62 -21.03
N TYR D 243 3.36 -15.90 -20.74
CA TYR D 243 2.44 -16.96 -21.18
C TYR D 243 1.00 -16.61 -20.82
N ASN D 244 0.78 -16.17 -19.59
CA ASN D 244 -0.50 -15.65 -19.17
C ASN D 244 -0.28 -14.87 -17.87
N ASN D 245 -1.30 -14.14 -17.45
CA ASN D 245 -1.15 -13.26 -16.29
C ASN D 245 -1.02 -14.07 -15.00
N HIS D 246 -1.56 -15.28 -14.96
CA HIS D 246 -1.40 -16.13 -13.78
C HIS D 246 0.08 -16.47 -13.55
N GLN D 247 0.75 -16.95 -14.60
CA GLN D 247 2.18 -17.22 -14.49
C GLN D 247 2.95 -15.98 -14.08
N TYR D 248 2.62 -14.83 -14.68
CA TYR D 248 3.33 -13.60 -14.35
C TYR D 248 3.12 -13.21 -12.90
N ARG D 249 1.87 -13.24 -12.43
CA ARG D 249 1.58 -12.83 -11.07
C ARG D 249 2.33 -13.68 -10.06
N TRP D 250 2.48 -14.98 -10.34
CA TRP D 250 3.19 -15.84 -9.42
C TRP D 250 4.69 -15.54 -9.41
N ASP D 251 5.27 -15.32 -10.60
CA ASP D 251 6.65 -14.85 -10.64
C ASP D 251 6.81 -13.58 -9.80
N MET D 252 5.86 -12.65 -9.92
CA MET D 252 5.94 -11.41 -9.16
C MET D 252 5.85 -11.70 -7.66
N LYS D 253 4.98 -12.62 -7.26
CA LYS D 253 4.90 -12.99 -5.86
C LYS D 253 6.24 -13.50 -5.34
N LEU D 254 6.91 -14.35 -6.12
CA LEU D 254 8.21 -14.86 -5.70
C LEU D 254 9.26 -13.75 -5.68
N LEU D 255 9.27 -12.89 -6.71
CA LEU D 255 10.29 -11.86 -6.79
C LEU D 255 10.10 -10.80 -5.71
N GLU D 256 8.87 -10.44 -5.38
CA GLU D 256 8.65 -9.44 -4.34
C GLU D 256 9.11 -9.96 -2.99
N ALA D 257 8.88 -11.24 -2.72
CA ALA D 257 9.43 -11.85 -1.50
C ALA D 257 10.95 -11.82 -1.53
N ILE D 258 11.55 -12.03 -2.70
CA ILE D 258 12.99 -11.97 -2.82
C ILE D 258 13.50 -10.56 -2.55
N ARG D 259 12.74 -9.55 -2.99
CA ARG D 259 13.22 -8.19 -2.88
C ARG D 259 13.11 -7.62 -1.47
N ARG D 260 12.23 -8.18 -0.61
CA ARG D 260 12.06 -7.63 0.73
C ARG D 260 12.65 -8.60 1.74
N GLY D 261 11.89 -9.54 2.28
CA GLY D 261 12.28 -10.31 3.44
C GLY D 261 13.55 -11.12 3.21
N PRO D 262 13.98 -11.84 4.25
CA PRO D 262 15.20 -12.65 4.13
C PRO D 262 14.98 -13.84 3.21
N THR D 263 15.99 -14.70 3.07
CA THR D 263 15.90 -15.79 2.11
C THR D 263 15.29 -17.06 2.71
N ALA D 264 15.45 -17.28 4.01
CA ALA D 264 14.92 -18.49 4.62
C ALA D 264 13.44 -18.73 4.31
N PRO D 265 12.56 -17.71 4.31
CA PRO D 265 11.17 -17.96 3.91
C PRO D 265 11.01 -18.46 2.48
N LEU D 266 11.97 -18.17 1.60
CA LEU D 266 11.91 -18.68 0.23
C LEU D 266 11.91 -20.20 0.20
N ARG D 267 12.45 -20.84 1.23
CA ARG D 267 12.42 -22.31 1.32
C ARG D 267 11.00 -22.82 1.20
N ASP D 268 10.04 -22.12 1.79
CA ASP D 268 8.65 -22.54 1.75
C ASP D 268 7.90 -22.01 0.53
N LEU D 269 8.35 -20.88 -0.03
CA LEU D 269 7.64 -20.28 -1.16
C LEU D 269 8.05 -20.92 -2.48
N ILE D 270 9.29 -21.39 -2.60
CA ILE D 270 9.74 -22.00 -3.85
C ILE D 270 8.84 -23.18 -4.25
N PRO D 271 8.52 -24.12 -3.36
CA PRO D 271 7.64 -25.23 -3.79
C PRO D 271 6.27 -24.78 -4.22
N GLU D 272 5.67 -23.80 -3.52
CA GLU D 272 4.36 -23.31 -3.92
CA GLU D 272 4.36 -23.31 -3.92
C GLU D 272 4.40 -22.69 -5.30
N HIS D 273 5.47 -21.95 -5.60
CA HIS D 273 5.59 -21.31 -6.91
C HIS D 273 5.85 -22.34 -8.00
N ILE D 274 6.50 -23.45 -7.65
CA ILE D 274 6.67 -24.54 -8.62
C ILE D 274 5.32 -25.16 -8.95
N GLU D 275 4.53 -25.50 -7.92
CA GLU D 275 3.23 -26.11 -8.16
CA GLU D 275 3.23 -26.11 -8.16
C GLU D 275 2.34 -25.22 -9.01
N ALA D 276 2.46 -23.91 -8.86
CA ALA D 276 1.57 -22.98 -9.56
C ALA D 276 2.01 -22.64 -10.97
N THR D 277 3.30 -22.77 -11.29
CA THR D 277 3.81 -22.28 -12.56
C THR D 277 4.64 -23.29 -13.33
N ALA D 278 4.91 -24.46 -12.76
CA ALA D 278 5.82 -25.43 -13.37
C ALA D 278 7.23 -24.84 -13.48
N SER D 279 7.58 -23.98 -12.54
CA SER D 279 8.84 -23.25 -12.57
C SER D 279 10.02 -24.20 -12.77
N GLU D 280 11.02 -23.73 -13.52
CA GLU D 280 12.24 -24.49 -13.67
C GLU D 280 13.03 -24.59 -12.38
N THR D 281 12.71 -23.76 -11.38
CA THR D 281 13.32 -23.93 -10.06
C THR D 281 13.02 -25.29 -9.47
N LYS D 282 12.10 -26.04 -10.04
CA LYS D 282 11.88 -27.42 -9.61
C LYS D 282 13.13 -28.27 -9.79
N ALA D 283 14.08 -27.80 -10.61
CA ALA D 283 15.35 -28.49 -10.75
C ALA D 283 16.19 -28.42 -9.48
N GLY D 284 15.94 -27.43 -8.62
CA GLY D 284 16.59 -27.34 -7.34
C GLY D 284 17.83 -26.49 -7.28
N SER D 285 18.23 -25.86 -8.40
CA SER D 285 19.45 -25.08 -8.40
C SER D 285 19.35 -23.88 -7.48
N LEU D 286 18.20 -23.19 -7.49
CA LEU D 286 18.02 -22.05 -6.60
C LEU D 286 18.15 -22.47 -5.14
N THR D 287 17.47 -23.56 -4.77
CA THR D 287 17.56 -24.06 -3.40
C THR D 287 19.00 -24.39 -3.04
N TRP D 288 19.71 -25.08 -3.94
CA TRP D 288 21.09 -25.43 -3.71
C TRP D 288 21.93 -24.21 -3.37
N MET D 289 21.77 -23.13 -4.15
CA MET D 289 22.60 -21.95 -3.94
CA MET D 289 22.60 -21.95 -3.94
C MET D 289 22.26 -21.26 -2.63
N LEU D 290 20.97 -21.02 -2.38
CA LEU D 290 20.58 -20.35 -1.15
C LEU D 290 21.05 -21.14 0.07
N ALA D 291 20.93 -22.47 0.03
CA ALA D 291 21.41 -23.29 1.14
C ALA D 291 22.93 -23.19 1.27
N ALA D 292 23.64 -23.15 0.14
CA ALA D 292 25.09 -23.00 0.18
C ALA D 292 25.50 -21.67 0.80
N MET D 293 24.66 -20.65 0.67
CA MET D 293 24.93 -19.35 1.27
C MET D 293 24.48 -19.27 2.72
N GLY D 294 23.91 -20.35 3.27
CA GLY D 294 23.45 -20.33 4.64
C GLY D 294 22.12 -19.63 4.84
N TRP D 295 21.29 -19.55 3.81
CA TRP D 295 20.02 -18.83 3.88
C TRP D 295 20.25 -17.44 4.50
N PRO D 296 21.01 -16.58 3.85
CA PRO D 296 21.37 -15.30 4.46
C PRO D 296 20.15 -14.42 4.66
N LYS D 297 20.13 -13.72 5.79
CA LYS D 297 19.04 -12.80 6.12
C LYS D 297 19.23 -11.49 5.34
N VAL D 298 19.01 -11.60 4.02
CA VAL D 298 19.23 -10.49 3.11
C VAL D 298 18.18 -10.51 2.02
N ALA D 299 18.03 -9.37 1.35
CA ALA D 299 17.17 -9.27 0.18
C ALA D 299 17.97 -9.59 -1.07
N GLY D 300 17.27 -10.06 -2.10
CA GLY D 300 17.88 -10.29 -3.39
C GLY D 300 17.72 -9.07 -4.29
N ASP D 301 18.78 -8.76 -5.03
CA ASP D 301 18.76 -7.65 -5.99
C ASP D 301 18.31 -8.21 -7.33
N VAL D 302 17.08 -7.90 -7.73
CA VAL D 302 16.54 -8.35 -9.01
C VAL D 302 17.09 -7.44 -10.10
N LEU D 303 18.20 -7.85 -10.71
CA LEU D 303 18.81 -7.04 -11.75
C LEU D 303 17.90 -6.93 -12.97
N GLY D 304 17.05 -7.93 -13.21
CA GLY D 304 16.17 -7.89 -14.35
C GLY D 304 15.18 -9.03 -14.38
N TYR D 305 14.01 -8.78 -14.95
CA TYR D 305 13.02 -9.80 -15.22
C TYR D 305 12.44 -9.60 -16.61
N GLY D 306 12.22 -10.70 -17.32
CA GLY D 306 11.60 -10.66 -18.62
C GLY D 306 11.17 -12.05 -19.02
N THR D 307 10.45 -12.13 -20.12
CA THR D 307 9.94 -13.41 -20.61
C THR D 307 10.72 -13.86 -21.85
N ILE D 308 10.86 -15.16 -21.97
CA ILE D 308 11.50 -15.81 -23.12
C ILE D 308 10.56 -16.91 -23.59
N ILE D 309 10.06 -16.79 -24.81
CA ILE D 309 8.96 -17.60 -25.35
C ILE D 309 7.89 -17.83 -24.28
N GLY D 310 7.59 -16.80 -23.50
CA GLY D 310 6.54 -16.86 -22.51
C GLY D 310 6.98 -17.24 -21.12
N THR D 311 8.13 -17.89 -20.97
CA THR D 311 8.60 -18.29 -19.65
C THR D 311 9.11 -17.09 -18.88
N GLY D 312 8.99 -17.16 -17.55
CA GLY D 312 9.54 -16.11 -16.71
C GLY D 312 11.02 -16.34 -16.46
N ASN D 313 11.78 -15.24 -16.50
CA ASN D 313 13.23 -15.29 -16.34
C ASN D 313 13.69 -14.10 -15.54
N ALA D 314 14.36 -14.37 -14.42
CA ALA D 314 14.83 -13.34 -13.51
C ALA D 314 16.32 -13.53 -13.25
N ILE D 315 17.06 -12.43 -13.29
CA ILE D 315 18.47 -12.39 -12.95
C ILE D 315 18.58 -11.71 -11.59
N VAL D 316 19.06 -12.45 -10.58
CA VAL D 316 19.05 -11.97 -9.21
C VAL D 316 20.41 -12.20 -8.59
N GLU D 317 20.80 -11.28 -7.71
CA GLU D 317 22.05 -11.38 -6.97
C GLU D 317 21.76 -11.34 -5.48
N TRP D 318 22.30 -12.30 -4.74
CA TRP D 318 22.27 -12.32 -3.29
C TRP D 318 23.67 -12.16 -2.75
N LEU D 319 23.82 -11.40 -1.67
CA LEU D 319 25.10 -11.17 -1.03
C LEU D 319 25.09 -11.67 0.41
N PRO D 320 26.24 -12.02 0.96
CA PRO D 320 26.28 -12.42 2.37
C PRO D 320 25.81 -11.30 3.29
N GLU D 321 25.36 -11.70 4.48
CA GLU D 321 24.89 -10.75 5.47
C GLU D 321 25.92 -9.66 5.73
N ASP E 3 13.59 60.17 29.42
CA ASP E 3 14.30 59.14 30.17
C ASP E 3 13.34 58.04 30.64
N ARG E 4 12.15 58.46 31.06
CA ARG E 4 11.15 57.51 31.55
C ARG E 4 10.92 56.40 30.54
N THR E 5 10.96 55.15 31.01
CA THR E 5 10.75 53.98 30.19
C THR E 5 9.70 53.09 30.84
N GLY E 6 9.19 52.13 30.06
CA GLY E 6 8.21 51.19 30.56
C GLY E 6 6.79 51.70 30.43
N ILE E 7 5.89 51.05 31.16
CA ILE E 7 4.48 51.41 31.15
C ILE E 7 4.29 52.67 31.97
N VAL E 8 3.72 53.71 31.35
CA VAL E 8 3.57 55.00 31.99
C VAL E 8 2.12 55.46 32.09
N ALA E 9 1.17 54.74 31.48
CA ALA E 9 -0.22 55.14 31.53
C ALA E 9 -1.09 53.93 31.18
N GLY E 10 -2.33 53.97 31.64
CA GLY E 10 -3.26 52.90 31.39
C GLY E 10 -4.66 53.44 31.13
N ALA E 11 -5.47 52.61 30.47
CA ALA E 11 -6.85 52.98 30.17
C ALA E 11 -7.69 51.73 30.00
N LEU E 12 -8.93 51.81 30.50
CA LEU E 12 -9.94 50.76 30.33
C LEU E 12 -11.14 51.41 29.66
N LEU E 13 -11.61 50.80 28.58
CA LEU E 13 -12.75 51.32 27.85
C LEU E 13 -13.58 50.18 27.30
N PRO E 14 -14.85 50.44 26.98
CA PRO E 14 -15.70 49.40 26.39
C PRO E 14 -15.37 49.24 24.90
N GLY E 15 -15.87 48.14 24.34
CA GLY E 15 -15.55 47.80 22.96
C GLY E 15 -16.76 47.47 22.12
N MET E 16 -17.95 47.74 22.62
CA MET E 16 -19.15 47.42 21.85
C MET E 16 -19.36 48.49 20.76
N PRO E 17 -19.81 48.09 19.57
CA PRO E 17 -19.85 49.04 18.45
C PRO E 17 -20.93 50.10 18.58
N HIS E 18 -21.78 50.02 19.60
CA HIS E 18 -22.82 51.03 19.78
C HIS E 18 -22.22 52.41 20.06
N LEU E 19 -20.96 52.46 20.47
CA LEU E 19 -20.30 53.74 20.70
C LEU E 19 -20.16 54.54 19.41
N LEU E 20 -20.24 53.89 18.25
CA LEU E 20 -20.14 54.56 16.95
C LEU E 20 -21.51 54.74 16.29
N ALA E 21 -22.59 54.55 17.03
CA ALA E 21 -23.92 54.60 16.44
C ALA E 21 -24.20 55.98 15.88
N GLU E 22 -24.87 56.01 14.73
CA GLU E 22 -25.32 57.28 14.15
C GLU E 22 -26.45 57.89 14.97
N HIS E 23 -27.24 57.06 15.65
CA HIS E 23 -28.35 57.51 16.47
C HIS E 23 -28.17 56.89 17.85
N PRO E 24 -27.24 57.43 18.65
CA PRO E 24 -26.87 56.77 19.89
C PRO E 24 -27.81 57.10 21.05
N ALA E 25 -27.86 56.16 21.99
CA ALA E 25 -28.43 56.46 23.30
C ALA E 25 -27.50 57.44 24.02
N PRO E 26 -28.03 58.20 24.97
CA PRO E 26 -27.16 59.19 25.66
C PRO E 26 -25.97 58.54 26.35
N SER E 27 -26.14 57.32 26.85
CA SER E 27 -25.01 56.63 27.47
C SER E 27 -23.90 56.33 26.46
N TRP E 28 -24.29 55.94 25.23
CA TRP E 28 -23.27 55.63 24.23
C TRP E 28 -22.50 56.87 23.83
N SER E 29 -23.19 58.01 23.70
CA SER E 29 -22.51 59.25 23.33
C SER E 29 -21.53 59.68 24.43
N ALA E 30 -21.92 59.51 25.69
CA ALA E 30 -21.03 59.88 26.79
C ALA E 30 -19.79 58.99 26.81
N LEU E 31 -19.99 57.68 26.66
CA LEU E 31 -18.85 56.77 26.64
C LEU E 31 -17.95 57.04 25.44
N ALA E 32 -18.56 57.31 24.28
CA ALA E 32 -17.76 57.58 23.08
C ALA E 32 -16.90 58.81 23.27
N GLY E 33 -17.50 59.91 23.75
CA GLY E 33 -16.73 61.12 23.99
C GLY E 33 -15.61 60.91 24.98
N ALA E 34 -15.88 60.17 26.06
CA ALA E 34 -14.83 59.85 27.02
C ALA E 34 -13.69 59.08 26.36
N ALA E 35 -14.04 58.06 25.59
CA ALA E 35 -13.01 57.28 24.91
C ALA E 35 -12.20 58.15 23.97
N ARG E 36 -12.87 59.04 23.22
CA ARG E 36 -12.13 59.93 22.33
C ARG E 36 -11.21 60.85 23.11
N ASP E 37 -11.63 61.26 24.31
CA ASP E 37 -10.77 62.09 25.16
C ASP E 37 -9.55 61.30 25.62
N VAL E 38 -9.76 60.06 26.08
CA VAL E 38 -8.64 59.21 26.45
C VAL E 38 -7.66 59.11 25.29
N GLY E 39 -8.18 58.93 24.07
CA GLY E 39 -7.31 58.80 22.91
C GLY E 39 -6.46 60.03 22.69
N ALA E 40 -7.06 61.22 22.81
CA ALA E 40 -6.30 62.44 22.65
C ALA E 40 -5.19 62.52 23.70
N ARG E 41 -5.52 62.25 24.95
CA ARG E 41 -4.51 62.22 26.00
C ARG E 41 -3.40 61.23 25.66
N LEU E 42 -3.80 60.00 25.28
CA LEU E 42 -2.82 58.99 24.94
C LEU E 42 -1.87 59.47 23.85
N ARG E 43 -2.42 59.95 22.73
CA ARG E 43 -1.56 60.41 21.65
C ARG E 43 -0.75 61.62 22.05
N ARG E 44 -1.28 62.48 22.91
CA ARG E 44 -0.49 63.58 23.46
C ARG E 44 0.68 63.04 24.27
N LEU E 45 0.43 61.98 25.05
CA LEU E 45 1.51 61.31 25.78
C LEU E 45 2.54 60.72 24.83
N GLU E 46 2.17 60.46 23.57
CA GLU E 46 3.10 60.05 22.53
C GLU E 46 3.85 58.77 22.92
N PRO E 47 3.13 57.68 23.18
CA PRO E 47 3.81 56.42 23.49
C PRO E 47 4.45 55.81 22.24
N ASP E 48 5.56 55.10 22.46
CA ASP E 48 6.17 54.37 21.37
C ASP E 48 5.31 53.19 20.95
N VAL E 49 4.66 52.54 21.93
CA VAL E 49 3.80 51.40 21.69
C VAL E 49 2.70 51.40 22.74
N VAL E 50 1.56 50.84 22.39
CA VAL E 50 0.43 50.67 23.30
C VAL E 50 0.12 49.19 23.37
N LEU E 51 0.37 48.58 24.53
CA LEU E 51 -0.02 47.19 24.75
C LEU E 51 -1.54 47.12 24.87
N LEU E 52 -2.13 46.12 24.23
CA LEU E 52 -3.58 46.05 24.08
C LEU E 52 -4.08 44.65 24.38
N LEU E 53 -5.19 44.58 25.12
CA LEU E 53 -5.93 43.35 25.30
C LEU E 53 -7.41 43.67 25.15
N SER E 54 -8.10 42.91 24.29
CA SER E 54 -9.53 43.06 24.08
C SER E 54 -10.21 41.75 24.43
N THR E 55 -11.22 41.82 25.30
CA THR E 55 -11.92 40.61 25.71
C THR E 55 -12.58 39.91 24.53
N GLN E 56 -12.84 40.63 23.44
CA GLN E 56 -13.52 40.05 22.29
C GLN E 56 -12.58 39.26 21.39
N TRP E 57 -11.28 39.47 21.49
CA TRP E 57 -10.31 38.53 20.92
C TRP E 57 -9.91 37.60 22.07
N PHE E 58 -10.69 36.57 22.27
CA PHE E 58 -10.46 35.61 23.34
C PHE E 58 -9.74 34.38 22.79
N THR E 59 -9.14 33.63 23.70
CA THR E 59 -8.54 32.35 23.36
C THR E 59 -8.74 31.41 24.53
N VAL E 60 -8.47 30.13 24.27
CA VAL E 60 -8.50 29.09 25.29
C VAL E 60 -7.23 28.25 25.28
N LEU E 61 -6.27 28.56 24.43
CA LEU E 61 -5.07 27.74 24.25
C LEU E 61 -3.88 28.67 24.14
N GLY E 62 -3.04 28.70 25.17
CA GLY E 62 -1.90 29.57 25.16
C GLY E 62 -2.28 31.04 25.08
N HIS E 63 -1.33 31.83 24.58
CA HIS E 63 -1.50 33.27 24.46
C HIS E 63 -1.06 33.68 23.07
N GLN E 64 -2.00 34.19 22.29
CA GLN E 64 -1.79 34.53 20.90
C GLN E 64 -1.49 36.02 20.79
N PHE E 65 -0.50 36.34 19.95
CA PHE E 65 -0.04 37.71 19.74
C PHE E 65 -0.25 38.09 18.28
N GLN E 66 -0.69 39.31 18.05
CA GLN E 66 -0.95 39.78 16.68
C GLN E 66 0.39 40.13 16.02
N CYS E 67 0.75 39.39 14.98
CA CYS E 67 2.02 39.59 14.30
C CYS E 67 1.84 40.01 12.86
N ASP E 68 0.61 40.35 12.46
CA ASP E 68 0.37 41.00 11.18
C ASP E 68 0.60 42.49 11.37
N PRO E 69 1.58 43.10 10.70
CA PRO E 69 1.88 44.51 10.98
C PRO E 69 0.78 45.47 10.59
N ASN E 70 -0.14 45.08 9.70
CA ASN E 70 -1.12 46.03 9.15
C ASN E 70 -2.37 45.32 8.68
N PRO E 71 -3.18 44.82 9.62
CA PRO E 71 -4.53 44.37 9.26
C PRO E 71 -5.41 45.54 8.85
N ARG E 72 -6.13 45.38 7.76
CA ARG E 72 -7.02 46.43 7.27
C ARG E 72 -8.16 45.79 6.48
N GLY E 73 -9.27 46.52 6.40
CA GLY E 73 -10.41 46.08 5.64
C GLY E 73 -11.69 46.61 6.25
N GLU E 74 -12.80 45.95 5.90
CA GLU E 74 -14.11 46.25 6.46
C GLU E 74 -14.63 45.02 7.19
N HIS E 75 -15.44 45.27 8.22
CA HIS E 75 -15.95 44.21 9.07
C HIS E 75 -17.40 44.49 9.41
N VAL E 76 -18.26 43.51 9.16
CA VAL E 76 -19.67 43.59 9.50
C VAL E 76 -19.92 42.64 10.68
N ASP E 77 -20.37 43.21 11.80
CA ASP E 77 -20.49 42.45 13.03
C ASP E 77 -21.56 41.37 12.93
N GLU E 78 -21.24 40.18 13.46
CA GLU E 78 -22.12 39.03 13.33
C GLU E 78 -23.40 39.16 14.14
N ASN E 79 -23.49 40.14 15.03
CA ASN E 79 -24.70 40.39 15.80
C ASN E 79 -25.40 41.69 15.44
N TRP E 80 -24.65 42.74 15.12
CA TRP E 80 -25.19 44.06 14.87
C TRP E 80 -25.12 44.45 13.40
N TYR E 81 -25.04 43.45 12.51
CA TYR E 81 -24.98 43.71 11.08
C TYR E 81 -26.16 44.55 10.60
N ALA E 82 -27.30 44.46 11.30
CA ALA E 82 -28.51 45.17 10.88
C ALA E 82 -28.53 46.63 11.29
N TYR E 83 -27.50 47.13 11.97
CA TYR E 83 -27.44 48.50 12.43
C TYR E 83 -26.27 49.20 11.76
N ASP E 84 -26.35 50.54 11.72
CA ASP E 84 -25.32 51.32 11.05
C ASP E 84 -23.95 51.08 11.68
N TYR E 85 -23.91 50.84 12.99
CA TYR E 85 -22.64 50.61 13.67
C TYR E 85 -22.15 49.16 13.53
N GLY E 86 -22.87 48.32 12.80
CA GLY E 86 -22.37 46.99 12.49
C GLY E 86 -21.33 46.99 11.39
N LEU E 87 -21.37 48.00 10.52
CA LEU E 87 -20.37 48.14 9.47
C LEU E 87 -19.21 48.97 10.00
N LEU E 88 -18.00 48.40 9.99
CA LEU E 88 -16.84 49.05 10.56
C LEU E 88 -15.64 48.79 9.68
N ASP E 89 -15.00 49.86 9.23
CA ASP E 89 -13.71 49.76 8.56
C ASP E 89 -12.60 49.88 9.61
N TYR E 90 -11.44 49.32 9.27
CA TYR E 90 -10.31 49.34 10.18
C TYR E 90 -9.01 49.34 9.39
N ASP E 91 -7.99 49.98 9.96
CA ASP E 91 -6.65 50.03 9.39
C ASP E 91 -5.71 50.15 10.58
N LEU E 92 -5.21 49.01 11.06
CA LEU E 92 -4.47 48.92 12.30
C LEU E 92 -2.99 48.70 12.04
N ARG E 93 -2.15 49.35 12.83
CA ARG E 93 -0.71 49.17 12.74
C ARG E 93 -0.22 48.55 14.05
N PHE E 94 0.48 47.42 13.93
CA PHE E 94 1.03 46.72 15.10
C PHE E 94 2.54 46.75 15.01
N ASP E 95 3.18 47.06 16.13
CA ASP E 95 4.64 46.96 16.26
C ASP E 95 4.95 45.48 16.50
N VAL E 96 5.10 44.73 15.40
CA VAL E 96 5.32 43.30 15.49
C VAL E 96 6.70 42.98 16.03
N ASP E 97 7.65 43.90 15.91
CA ASP E 97 9.00 43.66 16.43
C ASP E 97 9.00 43.63 17.95
N PHE E 98 8.34 44.61 18.58
CA PHE E 98 8.21 44.59 20.03
C PHE E 98 7.34 43.43 20.49
N THR E 99 6.28 43.14 19.74
CA THR E 99 5.42 42.00 20.05
C THR E 99 6.24 40.72 20.15
N GLU E 100 7.21 40.54 19.25
CA GLU E 100 8.07 39.37 19.32
C GLU E 100 8.86 39.34 20.62
N ARG E 101 9.41 40.48 21.04
CA ARG E 101 10.12 40.53 22.31
C ARG E 101 9.18 40.18 23.45
N TRP E 102 7.96 40.71 23.42
CA TRP E 102 6.96 40.39 24.44
C TRP E 102 6.65 38.90 24.44
N ALA E 103 6.41 38.33 23.26
CA ALA E 103 6.12 36.90 23.17
C ALA E 103 7.28 36.07 23.71
N ASP E 104 8.52 36.45 23.37
CA ASP E 104 9.68 35.73 23.87
C ASP E 104 9.73 35.74 25.39
N ARG E 105 9.45 36.89 26.00
CA ARG E 105 9.44 36.98 27.46
C ARG E 105 8.33 36.10 28.05
N VAL E 106 7.17 36.08 27.40
CA VAL E 106 6.09 35.19 27.83
C VAL E 106 6.53 33.74 27.71
N GLN E 107 7.14 33.38 26.57
CA GLN E 107 7.61 32.01 26.39
C GLN E 107 8.69 31.66 27.41
N ALA E 108 9.58 32.61 27.71
CA ALA E 108 10.61 32.38 28.72
C ALA E 108 10.02 32.16 30.10
N GLY E 109 8.81 32.64 30.34
CA GLY E 109 8.12 32.48 31.60
C GLY E 109 7.36 31.19 31.77
N GLY E 110 7.54 30.23 30.87
CA GLY E 110 6.86 28.96 30.97
C GLY E 110 5.48 28.92 30.37
N MET E 111 5.12 29.91 29.55
CA MET E 111 3.80 29.98 28.94
C MET E 111 3.95 29.86 27.42
N GLN E 112 2.90 29.35 26.77
CA GLN E 112 2.93 29.13 25.33
C GLN E 112 2.58 30.43 24.62
N ALA E 113 3.58 31.08 24.04
CA ALA E 113 3.37 32.27 23.22
C ALA E 113 3.21 31.84 21.77
N ARG E 114 2.13 32.30 21.14
CA ARG E 114 1.75 31.83 19.80
C ARG E 114 1.67 33.04 18.88
N ARG E 115 2.58 33.11 17.93
CA ARG E 115 2.63 34.22 16.98
C ARG E 115 1.55 34.02 15.92
N THR E 116 0.80 35.09 15.63
CA THR E 116 -0.35 35.04 14.75
C THR E 116 -0.12 36.00 13.59
N ARG E 117 0.08 35.45 12.38
CA ARG E 117 0.17 36.25 11.16
C ARG E 117 -0.45 35.44 10.03
N TYR E 118 -1.74 35.66 9.80
CA TYR E 118 -2.50 34.91 8.82
C TYR E 118 -3.39 35.86 8.03
N ASP E 119 -3.38 35.71 6.70
CA ASP E 119 -4.35 36.41 5.87
C ASP E 119 -5.76 35.97 6.25
N GLY E 120 -6.64 36.94 6.44
CA GLY E 120 -8.01 36.67 6.79
C GLY E 120 -8.28 36.46 8.26
N PHE E 121 -7.26 36.57 9.12
CA PHE E 121 -7.49 36.40 10.54
C PHE E 121 -8.56 37.38 11.01
N PRO E 122 -9.51 36.93 11.83
CA PRO E 122 -10.61 37.83 12.23
C PRO E 122 -10.13 38.86 13.23
N ILE E 123 -10.46 40.13 12.96
CA ILE E 123 -10.17 41.23 13.85
C ILE E 123 -11.44 41.52 14.66
N ASP E 124 -11.31 41.58 15.98
CA ASP E 124 -12.48 41.66 16.84
C ASP E 124 -13.04 43.08 16.85
N THR E 125 -14.36 43.17 17.04
CA THR E 125 -15.02 44.47 16.99
C THR E 125 -14.48 45.40 18.06
N GLY E 126 -14.16 44.87 19.24
CA GLY E 126 -13.65 45.71 20.30
C GLY E 126 -12.40 46.48 19.89
N THR E 127 -11.47 45.81 19.21
CA THR E 127 -10.25 46.48 18.77
C THR E 127 -10.56 47.50 17.68
N ILE E 128 -11.46 47.15 16.76
CA ILE E 128 -11.82 48.08 15.68
C ILE E 128 -12.45 49.34 16.26
N VAL E 129 -13.39 49.17 17.20
CA VAL E 129 -14.04 50.32 17.81
C VAL E 129 -13.02 51.18 18.54
N THR E 130 -12.13 50.54 19.29
CA THR E 130 -11.13 51.29 20.07
C THR E 130 -10.24 52.11 19.16
N SER E 131 -9.78 51.53 18.05
CA SER E 131 -8.94 52.29 17.13
C SER E 131 -9.69 53.49 16.57
N ALA E 132 -10.96 53.33 16.22
CA ALA E 132 -11.72 54.43 15.65
C ALA E 132 -11.95 55.54 16.66
N LEU E 133 -12.08 55.19 17.95
CA LEU E 133 -12.33 56.21 18.96
C LEU E 133 -11.04 56.86 19.43
N LEU E 134 -9.99 56.07 19.66
CA LEU E 134 -8.77 56.59 20.25
C LEU E 134 -7.77 57.11 19.23
N ASP E 135 -7.87 56.68 17.97
CA ASP E 135 -6.80 56.90 17.00
C ASP E 135 -7.41 56.95 15.61
N PRO E 136 -8.24 57.95 15.32
CA PRO E 136 -8.86 58.01 13.98
C PRO E 136 -7.87 58.07 12.85
N ASP E 137 -6.68 58.62 13.08
CA ASP E 137 -5.69 58.82 12.03
C ASP E 137 -4.56 57.81 12.08
N ARG E 138 -4.72 56.73 12.83
CA ARG E 138 -3.79 55.60 12.80
C ARG E 138 -2.37 56.03 13.13
N ARG E 139 -2.24 56.84 14.18
CA ARG E 139 -0.93 57.26 14.65
C ARG E 139 -0.34 56.32 15.68
N LEU E 140 -1.17 55.58 16.41
CA LEU E 140 -0.69 54.68 17.44
C LEU E 140 -0.15 53.40 16.84
N ARG E 141 0.72 52.73 17.60
CA ARG E 141 1.31 51.45 17.22
C ARG E 141 0.99 50.47 18.33
N TRP E 142 0.23 49.43 18.01
CA TRP E 142 -0.31 48.53 19.01
C TRP E 142 0.55 47.29 19.14
N ALA E 143 0.49 46.68 20.32
CA ALA E 143 1.01 45.34 20.57
C ALA E 143 -0.09 44.60 21.33
N GLN E 144 -0.68 43.59 20.69
CA GLN E 144 -1.91 43.00 21.19
C GLN E 144 -1.73 41.52 21.51
N VAL E 145 -2.28 41.11 22.65
CA VAL E 145 -2.33 39.72 23.05
C VAL E 145 -3.79 39.33 23.24
N SER E 146 -4.09 38.05 23.00
CA SER E 146 -5.44 37.55 23.17
C SER E 146 -5.82 37.54 24.66
N CYS E 147 -7.11 37.34 24.91
CA CYS E 147 -7.68 37.27 26.26
C CYS E 147 -8.02 35.81 26.55
N ASN E 148 -7.07 35.10 27.15
CA ASN E 148 -7.27 33.68 27.46
C ASN E 148 -8.34 33.54 28.55
N LEU E 149 -9.45 32.89 28.20
CA LEU E 149 -10.56 32.71 29.12
C LEU E 149 -10.48 31.41 29.90
N TYR E 150 -9.56 30.53 29.55
CA TYR E 150 -9.48 29.18 30.12
C TYR E 150 -8.47 29.08 31.24
N ALA E 151 -7.29 29.68 31.09
CA ALA E 151 -6.31 29.67 32.15
C ALA E 151 -6.72 30.63 33.26
N ASP E 152 -6.05 30.52 34.40
CA ASP E 152 -6.34 31.41 35.53
C ASP E 152 -6.16 32.87 35.11
N ALA E 153 -6.96 33.74 35.72
CA ALA E 153 -6.80 35.17 35.48
C ALA E 153 -5.42 35.65 35.90
N ASP E 154 -4.79 34.96 36.84
CA ASP E 154 -3.47 35.38 37.30
C ASP E 154 -2.39 35.12 36.25
N THR E 155 -2.58 34.12 35.38
CA THR E 155 -1.63 33.93 34.29
C THR E 155 -1.71 35.10 33.31
N LEU E 156 -2.91 35.67 33.12
CA LEU E 156 -3.03 36.87 32.31
C LEU E 156 -2.29 38.04 32.95
N ALA E 157 -2.25 38.10 34.29
CA ALA E 157 -1.43 39.09 34.96
C ALA E 157 0.04 38.86 34.68
N ASP E 158 0.46 37.59 34.62
CA ASP E 158 1.84 37.29 34.28
C ASP E 158 2.17 37.75 32.86
N VAL E 159 1.22 37.60 31.94
CA VAL E 159 1.45 38.07 30.58
C VAL E 159 1.59 39.59 30.56
N GLY E 160 0.79 40.29 31.37
CA GLY E 160 0.94 41.73 31.46
C GLY E 160 2.27 42.14 32.06
N ARG E 161 2.70 41.43 33.10
CA ARG E 161 3.99 41.74 33.71
C ARG E 161 5.12 41.54 32.71
N ALA E 162 5.05 40.48 31.91
CA ALA E 162 6.06 40.25 30.88
C ALA E 162 6.07 41.39 29.86
N GLY E 163 4.90 41.93 29.54
CA GLY E 163 4.84 43.01 28.58
C GLY E 163 5.42 44.30 29.13
N ALA E 164 5.18 44.60 30.40
CA ALA E 164 5.78 45.78 31.02
C ALA E 164 7.29 45.62 31.09
N ALA E 165 7.77 44.41 31.38
CA ALA E 165 9.22 44.19 31.44
C ALA E 165 9.84 44.29 30.06
N ALA E 166 9.18 43.76 29.03
CA ALA E 166 9.70 43.87 27.68
C ALA E 166 9.78 45.33 27.24
N ALA E 167 8.74 46.11 27.52
CA ALA E 167 8.76 47.53 27.18
C ALA E 167 9.93 48.24 27.83
N ARG E 168 10.22 47.90 29.10
CA ARG E 168 11.33 48.54 29.79
C ARG E 168 12.66 48.08 29.22
N ASP E 169 12.79 46.79 28.92
CA ASP E 169 14.03 46.30 28.32
C ASP E 169 14.27 46.95 26.95
N ALA E 170 13.21 47.20 26.20
CA ALA E 170 13.34 47.83 24.89
C ALA E 170 13.47 49.35 24.99
N GLY E 171 13.42 49.92 26.20
CA GLY E 171 13.54 51.35 26.35
C GLY E 171 12.37 52.14 25.81
N LEU E 172 11.18 51.56 25.80
CA LEU E 172 10.02 52.17 25.19
C LEU E 172 9.19 52.93 26.21
N ARG E 173 8.64 54.06 25.79
CA ARG E 173 7.55 54.71 26.50
C ARG E 173 6.25 54.06 26.05
N ALA E 174 5.64 53.27 26.93
CA ALA E 174 4.50 52.46 26.57
C ALA E 174 3.31 52.75 27.47
N ALA E 175 2.12 52.51 26.93
CA ALA E 175 0.87 52.57 27.66
C ALA E 175 0.16 51.23 27.51
N VAL E 176 -0.90 51.04 28.29
CA VAL E 176 -1.70 49.82 28.27
C VAL E 176 -3.16 50.21 28.10
N VAL E 177 -3.83 49.60 27.13
CA VAL E 177 -5.25 49.75 26.92
C VAL E 177 -5.90 48.39 27.01
N VAL E 178 -6.97 48.28 27.80
CA VAL E 178 -7.77 47.07 27.88
C VAL E 178 -9.19 47.42 27.45
N VAL E 179 -9.75 46.59 26.57
CA VAL E 179 -11.09 46.79 26.04
C VAL E 179 -11.97 45.74 26.68
N THR E 180 -12.91 46.17 27.52
CA THR E 180 -13.70 45.23 28.28
C THR E 180 -15.00 45.90 28.71
N GLY E 181 -16.02 45.09 28.92
CA GLY E 181 -17.22 45.55 29.59
C GLY E 181 -17.16 45.26 31.07
N MET E 182 -18.12 45.82 31.79
CA MET E 182 -18.29 45.49 33.20
C MET E 182 -19.34 44.38 33.30
N SER E 183 -20.42 44.62 34.03
CA SER E 183 -21.52 43.67 34.03
C SER E 183 -21.95 43.37 32.60
N SER E 184 -22.41 42.14 32.36
CA SER E 184 -22.77 41.69 31.03
C SER E 184 -24.23 41.24 30.96
N GLY E 185 -25.10 41.88 31.74
CA GLY E 185 -26.51 41.58 31.68
C GLY E 185 -27.15 42.12 30.42
N LEU E 186 -26.80 41.53 29.28
CA LEU E 186 -27.30 42.02 28.00
C LEU E 186 -28.79 41.78 27.87
N ILE E 187 -29.50 42.80 27.37
CA ILE E 187 -30.93 42.67 27.09
C ILE E 187 -31.10 41.84 25.83
N GLN E 188 -31.83 40.74 25.93
CA GLN E 188 -32.02 39.81 24.83
C GLN E 188 -33.24 40.17 23.98
N GLN E 189 -33.44 41.46 23.71
CA GLN E 189 -34.54 41.94 22.89
C GLN E 189 -34.01 42.98 21.91
N TRP E 190 -34.84 43.32 20.92
CA TRP E 190 -34.50 44.33 19.92
C TRP E 190 -35.08 45.66 20.38
N ILE E 191 -34.29 46.41 21.16
CA ILE E 191 -34.75 47.64 21.76
C ILE E 191 -34.38 48.84 20.89
N GLU E 192 -34.89 50.02 21.26
CA GLU E 192 -34.51 51.29 20.66
C GLU E 192 -33.51 52.01 21.56
N PRO E 193 -32.64 52.84 20.98
CA PRO E 193 -31.60 53.48 21.81
C PRO E 193 -32.14 54.15 23.06
N GLY E 194 -33.35 54.72 23.01
CA GLY E 194 -33.86 55.48 24.14
C GLY E 194 -34.11 54.64 25.37
N GLN E 195 -34.55 53.39 25.18
CA GLN E 195 -34.93 52.53 26.29
C GLN E 195 -33.78 51.66 26.77
N ASP E 196 -32.54 52.01 26.44
CA ASP E 196 -31.39 51.27 26.93
C ASP E 196 -31.22 51.53 28.44
N ARG E 197 -30.91 50.47 29.17
CA ARG E 197 -30.70 50.56 30.61
C ARG E 197 -29.95 49.31 31.06
N ILE E 198 -29.29 49.43 32.23
CA ILE E 198 -28.65 48.27 32.83
C ILE E 198 -29.67 47.14 32.91
N GLY E 199 -29.24 45.94 32.52
CA GLY E 199 -30.18 44.88 32.17
C GLY E 199 -30.65 43.95 33.27
N GLU E 200 -29.92 43.86 34.37
CA GLU E 200 -30.21 42.91 35.43
C GLU E 200 -30.09 43.62 36.77
N PRO E 201 -30.77 43.12 37.80
CA PRO E 201 -30.72 43.79 39.10
C PRO E 201 -29.41 43.50 39.83
N GLY E 202 -28.90 44.51 40.53
CA GLY E 202 -27.63 44.41 41.20
C GLY E 202 -26.43 44.63 40.33
N HIS E 203 -26.58 44.56 39.00
CA HIS E 203 -25.47 44.81 38.11
C HIS E 203 -24.95 46.24 38.29
N ASP E 204 -25.87 47.21 38.30
CA ASP E 204 -25.47 48.61 38.45
C ASP E 204 -24.78 48.83 39.80
N GLN E 205 -25.26 48.16 40.85
CA GLN E 205 -24.65 48.31 42.16
C GLN E 205 -23.22 47.78 42.17
N TRP E 206 -23.01 46.61 41.57
CA TRP E 206 -21.66 46.05 41.51
C TRP E 206 -20.74 46.94 40.70
N ASN E 207 -21.19 47.41 39.55
CA ASN E 207 -20.34 48.25 38.71
C ASN E 207 -19.88 49.48 39.47
N THR E 208 -20.81 50.20 40.09
CA THR E 208 -20.44 51.41 40.83
C THR E 208 -19.53 51.07 42.01
N ARG E 209 -19.78 49.93 42.67
CA ARG E 209 -18.90 49.52 43.76
C ARG E 209 -17.47 49.34 43.27
N VAL E 210 -17.31 48.64 42.14
CA VAL E 210 -15.97 48.44 41.59
C VAL E 210 -15.36 49.78 41.18
N LEU E 211 -16.15 50.63 40.53
CA LEU E 211 -15.63 51.90 40.06
C LEU E 211 -15.18 52.77 41.23
N ASP E 212 -15.94 52.77 42.32
CA ASP E 212 -15.55 53.56 43.49
C ASP E 212 -14.20 53.10 44.03
N LEU E 213 -13.95 51.80 44.04
CA LEU E 213 -12.67 51.28 44.53
C LEU E 213 -11.53 51.71 43.61
N LEU E 214 -11.74 51.64 42.30
CA LEU E 214 -10.67 52.01 41.37
C LEU E 214 -10.37 53.50 41.45
N THR E 215 -11.40 54.33 41.54
CA THR E 215 -11.17 55.77 41.67
C THR E 215 -10.45 56.10 42.97
N ALA E 216 -10.60 55.26 43.98
CA ALA E 216 -9.89 55.44 45.23
C ALA E 216 -8.48 54.86 45.21
N GLY E 217 -8.04 54.33 44.08
CA GLY E 217 -6.71 53.75 43.99
C GLY E 217 -6.57 52.40 44.64
N LYS E 218 -7.66 51.65 44.77
CA LYS E 218 -7.64 50.37 45.48
C LYS E 218 -7.82 49.21 44.51
N VAL E 219 -6.91 49.08 43.55
CA VAL E 219 -7.01 48.01 42.57
C VAL E 219 -7.02 46.65 43.25
N ASP E 220 -6.16 46.46 44.24
CA ASP E 220 -6.02 45.15 44.88
C ASP E 220 -7.34 44.69 45.49
N GLU E 221 -8.11 45.62 46.06
CA GLU E 221 -9.40 45.25 46.63
CA GLU E 221 -9.39 45.24 46.63
C GLU E 221 -10.35 44.75 45.55
N VAL E 222 -10.33 45.39 44.38
CA VAL E 222 -11.16 44.93 43.27
C VAL E 222 -10.77 43.52 42.87
N LEU E 223 -9.46 43.28 42.75
CA LEU E 223 -8.98 41.95 42.39
C LEU E 223 -9.41 40.91 43.43
N ALA E 224 -9.56 41.33 44.69
CA ALA E 224 -9.95 40.39 45.73
C ALA E 224 -11.42 39.99 45.63
N VAL E 225 -12.27 40.88 45.13
CA VAL E 225 -13.68 40.58 44.93
C VAL E 225 -14.01 40.33 43.46
N ARG E 226 -12.98 40.12 42.62
CA ARG E 226 -13.22 39.95 41.19
C ARG E 226 -14.11 38.75 40.91
N GLU E 227 -13.84 37.62 41.58
CA GLU E 227 -14.62 36.42 41.34
C GLU E 227 -16.08 36.62 41.74
N ASP E 228 -16.31 37.36 42.82
CA ASP E 228 -17.68 37.69 43.20
C ASP E 228 -18.33 38.61 42.16
N PHE E 229 -17.60 39.64 41.75
CA PHE E 229 -18.06 40.50 40.65
C PHE E 229 -18.45 39.66 39.44
N ALA E 230 -17.62 38.68 39.08
CA ALA E 230 -17.88 37.89 37.88
C ALA E 230 -19.13 37.06 38.04
N ARG E 231 -19.27 36.35 39.18
CA ARG E 231 -20.39 35.46 39.37
C ARG E 231 -21.71 36.22 39.46
N GLN E 232 -21.73 37.33 40.20
CA GLN E 232 -22.97 38.03 40.51
C GLN E 232 -23.36 39.03 39.44
N ALA E 233 -22.39 39.71 38.83
CA ALA E 233 -22.67 40.70 37.81
C ALA E 233 -22.31 40.23 36.41
N GLN E 234 -21.87 38.98 36.25
CA GLN E 234 -21.53 38.45 34.94
C GLN E 234 -20.51 39.33 34.23
N ALA E 235 -19.49 39.77 34.99
CA ALA E 235 -18.53 40.73 34.44
C ALA E 235 -17.83 40.16 33.21
N ASP E 236 -17.65 41.01 32.20
CA ASP E 236 -17.03 40.60 30.94
C ASP E 236 -15.76 39.80 31.19
N SER E 237 -15.78 38.54 30.77
CA SER E 237 -14.61 37.66 30.90
C SER E 237 -14.10 37.63 32.34
N GLN E 238 -15.03 37.64 33.29
CA GLN E 238 -14.69 37.63 34.72
C GLN E 238 -13.81 38.81 35.10
N PHE E 239 -13.89 39.88 34.32
CA PHE E 239 -13.04 41.06 34.51
C PHE E 239 -11.56 40.71 34.47
N ARG E 240 -11.22 39.69 33.69
CA ARG E 240 -9.83 39.29 33.52
C ARG E 240 -8.99 40.45 33.00
N ALA E 241 -9.59 41.34 32.21
CA ALA E 241 -8.82 42.44 31.63
C ALA E 241 -8.18 43.31 32.71
N LEU E 242 -8.84 43.47 33.86
CA LEU E 242 -8.25 44.27 34.94
C LEU E 242 -7.01 43.58 35.50
N ALA E 243 -7.06 42.26 35.65
CA ALA E 243 -5.90 41.52 36.13
C ALA E 243 -4.73 41.68 35.17
N PHE E 244 -5.00 41.72 33.87
CA PHE E 244 -3.94 41.96 32.89
C PHE E 244 -3.36 43.36 33.06
N ALA E 245 -4.22 44.37 33.13
CA ALA E 245 -3.75 45.75 33.28
C ALA E 245 -2.96 45.92 34.58
N ALA E 246 -3.46 45.34 35.68
CA ALA E 246 -2.74 45.45 36.95
C ALA E 246 -1.40 44.76 36.87
N GLY E 247 -1.35 43.57 36.26
CA GLY E 247 -0.09 42.88 36.11
C GLY E 247 0.93 43.69 35.33
N ALA E 248 0.48 44.45 34.34
CA ALA E 248 1.35 45.30 33.54
C ALA E 248 1.71 46.60 34.25
N GLU E 249 1.34 46.77 35.51
CA GLU E 249 1.70 47.95 36.29
C GLU E 249 1.09 49.22 35.70
N ALA E 250 -0.06 49.10 35.05
CA ALA E 250 -0.71 50.21 34.38
C ALA E 250 -1.83 50.83 35.19
N THR E 251 -2.18 50.24 36.33
CA THR E 251 -3.31 50.71 37.13
C THR E 251 -2.84 51.26 38.49
N THR E 252 -1.80 52.09 38.47
CA THR E 252 -1.26 52.66 39.69
C THR E 252 -1.91 54.01 39.97
N GLY E 253 -2.20 54.26 41.25
CA GLY E 253 -2.79 55.51 41.66
C GLY E 253 -4.29 55.52 41.49
N PRO E 254 -4.90 56.68 41.67
CA PRO E 254 -6.36 56.77 41.52
C PRO E 254 -6.79 56.71 40.07
N ALA E 255 -7.82 55.93 39.80
CA ALA E 255 -8.40 55.87 38.46
C ALA E 255 -9.29 57.08 38.24
N HIS E 256 -9.17 57.68 37.06
CA HIS E 256 -10.05 58.78 36.66
C HIS E 256 -11.23 58.17 35.92
N LEU E 257 -12.43 58.41 36.43
CA LEU E 257 -13.66 57.92 35.82
C LEU E 257 -14.13 58.95 34.79
N HIS E 258 -13.98 58.63 33.52
CA HIS E 258 -14.41 59.55 32.46
C HIS E 258 -15.90 59.44 32.18
N ALA E 259 -16.47 58.24 32.30
CA ALA E 259 -17.90 58.05 32.04
C ALA E 259 -18.27 56.63 32.44
N TYR E 260 -19.57 56.43 32.65
CA TYR E 260 -20.12 55.12 32.97
C TYR E 260 -21.57 55.10 32.55
N GLY E 261 -22.01 53.98 31.96
CA GLY E 261 -23.37 53.85 31.51
C GLY E 261 -23.66 52.51 30.85
N PRO E 262 -24.92 52.28 30.50
CA PRO E 262 -25.27 51.02 29.84
C PRO E 262 -24.96 51.01 28.35
N ILE E 263 -24.72 49.79 27.85
CA ILE E 263 -24.67 49.54 26.41
C ILE E 263 -25.46 48.26 26.17
N TRP E 264 -26.75 48.41 25.82
CA TRP E 264 -27.64 47.29 25.56
C TRP E 264 -27.69 46.34 26.76
N GLY E 265 -27.83 46.91 27.95
CA GLY E 265 -27.97 46.15 29.16
C GLY E 265 -26.66 45.89 29.91
N THR E 266 -25.55 45.87 29.20
CA THR E 266 -24.26 45.65 29.83
C THR E 266 -23.78 46.93 30.51
N GLY E 267 -22.94 46.77 31.53
CA GLY E 267 -22.27 47.91 32.12
C GLY E 267 -21.02 48.27 31.35
N ALA E 268 -20.72 49.57 31.33
CA ALA E 268 -19.58 50.06 30.58
C ALA E 268 -19.06 51.33 31.22
N ALA E 269 -17.74 51.45 31.30
CA ALA E 269 -17.10 52.64 31.85
C ALA E 269 -15.81 52.89 31.10
N VAL E 270 -15.39 54.16 31.09
CA VAL E 270 -14.10 54.57 30.56
C VAL E 270 -13.26 55.07 31.73
N LEU E 271 -12.11 54.44 31.95
CA LEU E 271 -11.21 54.80 33.02
C LEU E 271 -9.82 55.03 32.45
N SER E 272 -9.03 55.84 33.16
CA SER E 272 -7.63 56.03 32.84
C SER E 272 -6.83 56.11 34.12
N TRP E 273 -5.55 55.75 34.02
CA TRP E 273 -4.58 55.90 35.09
C TRP E 273 -3.40 56.69 34.57
N ASN E 274 -3.03 57.76 35.28
CA ASN E 274 -1.86 58.56 34.94
C ASN E 274 -1.92 59.09 33.51
N LEU E 275 -3.12 59.40 33.02
CA LEU E 275 -3.31 60.09 31.74
C LEU E 275 -3.85 61.49 32.06
N PRO E 276 -3.00 62.50 32.19
CA PRO E 276 -3.50 63.85 32.46
C PRO E 276 -3.95 64.53 31.18
N ASP E 277 -4.88 65.48 31.30
CA ASP E 277 -5.25 66.27 30.14
C ASP E 277 -4.22 67.34 29.82
N HIS E 278 -3.26 67.57 30.72
CA HIS E 278 -2.13 68.47 30.48
C HIS E 278 -1.70 68.47 29.02
N THR F 30 -44.85 9.46 11.40
CA THR F 30 -44.51 8.17 10.77
C THR F 30 -43.33 8.33 9.83
N ARG F 31 -43.54 9.08 8.74
CA ARG F 31 -42.51 9.40 7.76
C ARG F 31 -42.29 10.91 7.77
N PRO F 32 -41.73 11.45 8.85
CA PRO F 32 -41.64 12.91 8.99
C PRO F 32 -40.68 13.53 8.00
N GLY F 33 -40.74 14.87 7.93
CA GLY F 33 -39.86 15.59 7.02
C GLY F 33 -38.40 15.55 7.47
N ILE F 34 -38.15 15.62 8.77
CA ILE F 34 -36.81 15.45 9.32
C ILE F 34 -36.53 13.95 9.32
N VAL F 35 -35.71 13.50 8.37
CA VAL F 35 -35.45 12.08 8.21
C VAL F 35 -34.32 11.57 9.10
N ALA F 36 -33.47 12.46 9.62
CA ALA F 36 -32.40 12.05 10.51
C ALA F 36 -31.84 13.27 11.23
N GLY F 37 -31.39 13.05 12.45
CA GLY F 37 -30.70 14.08 13.20
C GLY F 37 -29.37 13.56 13.70
N CYS F 38 -28.36 14.42 13.68
CA CYS F 38 -26.99 14.01 13.94
C CYS F 38 -26.32 14.92 14.96
N LEU F 39 -25.61 14.29 15.91
CA LEU F 39 -24.63 14.99 16.74
C LEU F 39 -23.33 15.05 15.94
N SER F 40 -22.94 16.24 15.50
CA SER F 40 -21.88 16.43 14.52
C SER F 40 -20.88 17.45 15.03
N PRO F 41 -19.95 17.03 15.89
CA PRO F 41 -18.96 17.98 16.44
C PRO F 41 -18.09 18.58 15.35
N HIS F 42 -17.55 19.77 15.66
CA HIS F 42 -16.86 20.59 14.68
C HIS F 42 -15.43 21.01 15.00
N PRO F 43 -14.70 20.37 15.92
CA PRO F 43 -13.34 20.83 16.20
C PRO F 43 -12.52 20.91 14.93
N PRO F 44 -11.76 22.00 14.74
CA PRO F 44 -11.04 22.17 13.47
C PRO F 44 -10.03 21.08 13.20
N HIS F 45 -9.59 20.36 14.22
CA HIS F 45 -8.62 19.29 14.03
C HIS F 45 -9.14 18.24 13.06
N LEU F 46 -10.45 18.05 12.99
CA LEU F 46 -11.00 17.03 12.10
C LEU F 46 -10.88 17.46 10.64
N ILE F 47 -11.08 18.73 10.36
CA ILE F 47 -10.87 19.23 9.00
C ILE F 47 -9.38 19.26 8.68
N TYR F 48 -8.59 19.79 9.61
CA TYR F 48 -7.13 19.82 9.45
C TYR F 48 -6.59 18.45 9.09
N GLY F 49 -7.03 17.40 9.80
CA GLY F 49 -6.53 16.07 9.53
C GLY F 49 -6.90 15.52 8.17
N GLU F 50 -7.99 16.01 7.58
CA GLU F 50 -8.44 15.51 6.29
C GLU F 50 -7.71 16.17 5.11
N ASN F 51 -7.17 17.37 5.29
CA ASN F 51 -6.49 18.10 4.23
C ASN F 51 -7.39 18.30 3.01
N PRO F 52 -8.60 18.83 3.19
CA PRO F 52 -9.46 19.04 2.03
C PRO F 52 -8.96 20.20 1.19
N PRO F 53 -9.39 20.30 -0.06
CA PRO F 53 -8.89 21.40 -0.91
C PRO F 53 -9.17 22.78 -0.34
N GLN F 54 -10.31 22.97 0.31
CA GLN F 54 -10.72 24.28 0.78
C GLN F 54 -9.87 24.79 1.94
N ASN F 55 -9.14 23.92 2.63
CA ASN F 55 -8.40 24.30 3.82
C ASN F 55 -6.95 24.59 3.49
N GLU F 56 -6.48 25.79 3.86
CA GLU F 56 -5.12 26.19 3.50
C GLU F 56 -4.06 25.37 4.25
N PRO F 57 -4.07 25.28 5.57
CA PRO F 57 -3.01 24.53 6.25
C PRO F 57 -3.06 23.06 5.92
N ARG F 58 -1.91 22.40 6.07
CA ARG F 58 -1.76 20.99 5.77
C ARG F 58 -1.34 20.24 7.03
N SER F 59 -1.89 19.05 7.20
CA SER F 59 -1.54 18.14 8.28
C SER F 59 -0.87 16.90 7.73
N THR F 60 -0.35 16.07 8.64
CA THR F 60 0.15 14.74 8.30
C THR F 60 -0.83 13.64 8.71
N GLY F 61 -2.07 14.01 9.00
CA GLY F 61 -3.08 13.09 9.49
C GLY F 61 -3.60 13.49 10.86
N GLY F 62 -4.03 12.51 11.63
CA GLY F 62 -4.53 12.75 12.96
C GLY F 62 -6.02 12.51 13.06
N TRP F 63 -6.47 12.08 14.24
CA TRP F 63 -7.88 11.86 14.55
C TRP F 63 -8.56 11.03 13.46
N GLU F 64 -7.88 9.97 13.05
CA GLU F 64 -8.36 9.13 11.96
C GLU F 64 -9.71 8.48 12.29
N THR F 65 -9.82 7.89 13.49
CA THR F 65 -11.04 7.12 13.78
C THR F 65 -12.28 8.01 13.75
N LEU F 66 -12.15 9.26 14.22
CA LEU F 66 -13.29 10.17 14.17
C LEU F 66 -13.57 10.62 12.73
N ARG F 67 -12.53 10.83 11.94
CA ARG F 67 -12.72 11.16 10.53
C ARG F 67 -13.37 10.00 9.78
N TRP F 68 -12.92 8.77 10.05
CA TRP F 68 -13.56 7.62 9.42
C TRP F 68 -15.01 7.50 9.82
N ALA F 69 -15.33 7.82 11.08
CA ALA F 69 -16.73 7.80 11.50
C ALA F 69 -17.54 8.84 10.72
N TYR F 70 -16.96 10.02 10.49
CA TYR F 70 -17.65 11.03 9.70
C TYR F 70 -17.84 10.55 8.26
N GLU F 71 -16.87 9.82 7.72
CA GLU F 71 -17.05 9.25 6.39
C GLU F 71 -18.28 8.34 6.34
N ARG F 72 -18.52 7.57 7.40
CA ARG F 72 -19.71 6.74 7.45
CA ARG F 72 -19.71 6.74 7.44
C ARG F 72 -20.98 7.60 7.50
N LEU F 73 -20.92 8.71 8.24
CA LEU F 73 -22.07 9.60 8.31
C LEU F 73 -22.30 10.31 6.97
N ARG F 74 -21.22 10.72 6.31
CA ARG F 74 -21.35 11.32 4.99
C ARG F 74 -22.10 10.41 4.04
N ALA F 75 -21.71 9.12 4.01
CA ALA F 75 -22.36 8.18 3.12
C ALA F 75 -23.82 7.97 3.50
N ARG F 76 -24.12 7.96 4.80
CA ARG F 76 -25.51 7.86 5.24
C ARG F 76 -26.34 9.00 4.66
N ILE F 77 -25.83 10.23 4.76
CA ILE F 77 -26.57 11.38 4.25
C ILE F 77 -26.68 11.32 2.73
N ARG F 78 -25.56 11.01 2.06
CA ARG F 78 -25.52 10.98 0.60
C ARG F 78 -26.35 9.83 0.04
N ASP F 79 -26.18 8.63 0.59
CA ASP F 79 -26.69 7.42 -0.05
C ASP F 79 -28.03 6.94 0.49
N VAL F 80 -28.42 7.34 1.70
CA VAL F 80 -29.62 6.80 2.32
C VAL F 80 -30.64 7.90 2.57
N HIS F 81 -30.23 8.93 3.30
CA HIS F 81 -31.19 9.96 3.70
C HIS F 81 -31.56 10.85 2.52
N LYS F 82 -30.59 11.19 1.67
CA LYS F 82 -30.83 11.98 0.48
C LYS F 82 -31.69 13.20 0.78
N PRO F 83 -31.27 14.06 1.70
CA PRO F 83 -32.13 15.16 2.14
C PRO F 83 -32.14 16.33 1.16
N ASP F 84 -33.19 17.14 1.28
CA ASP F 84 -33.31 18.37 0.51
C ASP F 84 -32.46 19.50 1.08
N VAL F 85 -32.14 19.44 2.36
CA VAL F 85 -31.48 20.55 3.04
C VAL F 85 -30.81 20.01 4.29
N LEU F 86 -29.65 20.59 4.61
CA LEU F 86 -28.97 20.36 5.88
C LEU F 86 -29.22 21.56 6.78
N ILE F 87 -29.86 21.32 7.91
CA ILE F 87 -30.10 22.35 8.93
C ILE F 87 -29.09 22.14 10.04
N VAL F 88 -28.25 23.15 10.28
CA VAL F 88 -27.17 23.06 11.25
C VAL F 88 -27.36 24.12 12.33
N HIS F 89 -27.06 23.73 13.57
CA HIS F 89 -27.02 24.64 14.70
C HIS F 89 -25.70 24.44 15.41
N ALA F 90 -24.93 25.51 15.57
CA ALA F 90 -23.59 25.45 16.13
C ALA F 90 -23.42 26.58 17.12
N PRO F 91 -22.47 26.45 18.06
CA PRO F 91 -22.39 27.38 19.18
C PRO F 91 -21.57 28.66 19.00
N HIS F 92 -20.73 28.77 17.98
CA HIS F 92 -19.69 29.79 17.97
C HIS F 92 -20.03 31.03 17.16
N TRP F 93 -21.16 31.04 16.45
CA TRP F 93 -21.79 32.29 16.05
C TRP F 93 -22.68 32.77 17.19
N ILE F 94 -22.03 33.04 18.32
CA ILE F 94 -22.74 33.41 19.54
C ILE F 94 -23.50 34.71 19.28
N THR F 95 -24.82 34.65 19.38
CA THR F 95 -25.67 35.79 19.09
C THR F 95 -26.18 36.41 20.38
N MET F 96 -25.79 37.66 20.61
CA MET F 96 -26.17 38.37 21.82
C MET F 96 -27.69 38.38 22.03
N VAL F 97 -28.45 38.62 20.96
CA VAL F 97 -29.89 38.81 21.05
C VAL F 97 -30.57 37.67 20.31
N GLY F 98 -31.21 36.77 21.05
CA GLY F 98 -32.09 35.78 20.48
C GLY F 98 -31.40 34.84 19.50
N HIS F 99 -32.20 34.30 18.59
CA HIS F 99 -31.78 33.28 17.64
C HIS F 99 -31.77 33.85 16.24
N HIS F 100 -30.67 33.68 15.53
CA HIS F 100 -30.50 34.23 14.20
C HIS F 100 -30.49 33.11 13.16
N VAL F 101 -31.11 33.38 12.02
CA VAL F 101 -31.16 32.45 10.89
C VAL F 101 -30.45 33.10 9.71
N ASN F 102 -29.47 32.39 9.15
CA ASN F 102 -28.72 32.88 8.00
C ASN F 102 -29.55 32.65 6.75
N CYS F 103 -29.98 33.74 6.11
CA CYS F 103 -30.80 33.66 4.91
C CYS F 103 -30.08 34.25 3.70
N VAL F 104 -28.76 34.37 3.76
CA VAL F 104 -27.99 34.82 2.61
C VAL F 104 -28.06 33.76 1.52
N PRO F 105 -28.35 34.14 0.27
CA PRO F 105 -28.51 33.09 -0.76
C PRO F 105 -27.28 32.23 -0.97
N ASN F 106 -26.10 32.83 -1.05
CA ASN F 106 -24.87 32.13 -1.44
C ASN F 106 -23.70 32.60 -0.60
N PRO F 107 -23.67 32.22 0.68
CA PRO F 107 -22.55 32.64 1.54
C PRO F 107 -21.21 32.17 0.97
N ARG F 108 -20.27 33.09 0.88
CA ARG F 108 -18.92 32.80 0.42
C ARG F 108 -17.92 33.60 1.26
N GLY F 109 -16.72 33.05 1.41
CA GLY F 109 -15.69 33.75 2.13
C GLY F 109 -14.62 32.80 2.63
N LEU F 110 -13.79 33.33 3.52
CA LEU F 110 -12.71 32.59 4.15
C LEU F 110 -12.94 32.56 5.66
N SER F 111 -13.08 31.36 6.21
CA SER F 111 -13.33 31.18 7.63
C SER F 111 -12.02 30.78 8.31
N VAL F 112 -11.54 31.63 9.22
CA VAL F 112 -10.31 31.37 9.96
C VAL F 112 -10.68 31.12 11.42
N GLU F 113 -10.32 29.95 11.92
CA GLU F 113 -10.53 29.63 13.33
C GLU F 113 -9.60 30.50 14.16
N PRO F 114 -10.12 31.40 15.00
CA PRO F 114 -9.22 32.35 15.69
C PRO F 114 -8.25 31.67 16.64
N ILE F 115 -8.67 30.58 17.29
CA ILE F 115 -7.81 29.91 18.26
C ILE F 115 -6.87 28.93 17.60
N PHE F 116 -7.28 28.33 16.48
CA PHE F 116 -6.46 27.38 15.73
C PHE F 116 -6.30 27.84 14.28
N PRO F 117 -5.80 29.05 14.06
CA PRO F 117 -5.62 29.54 12.67
C PRO F 117 -4.63 28.70 11.89
N HIS F 118 -3.71 28.02 12.57
CA HIS F 118 -2.79 27.12 11.91
C HIS F 118 -3.44 25.81 11.48
N LEU F 119 -4.68 25.56 11.91
CA LEU F 119 -5.39 24.34 11.57
C LEU F 119 -6.55 24.54 10.61
N PHE F 120 -7.15 25.72 10.57
CA PHE F 120 -8.42 25.90 9.87
C PHE F 120 -8.49 27.30 9.27
N ARG F 121 -8.27 27.38 7.96
CA ARG F 121 -8.47 28.59 7.15
C ARG F 121 -9.21 28.11 5.90
N TYR F 122 -10.54 28.12 5.97
CA TYR F 122 -11.39 27.37 5.06
C TYR F 122 -12.11 28.32 4.10
N ARG F 123 -11.93 28.08 2.80
CA ARG F 123 -12.61 28.84 1.75
C ARG F 123 -13.95 28.15 1.45
N TYR F 124 -15.05 28.80 1.82
CA TYR F 124 -16.37 28.19 1.73
C TYR F 124 -17.23 28.87 0.67
N ASP F 125 -18.18 28.08 0.14
CA ASP F 125 -19.06 28.55 -0.93
C ASP F 125 -20.23 27.55 -1.01
N PHE F 126 -21.39 27.96 -0.50
CA PHE F 126 -22.54 27.06 -0.48
C PHE F 126 -23.81 27.87 -0.66
N ARG F 127 -24.89 27.15 -0.96
CA ARG F 127 -26.20 27.75 -1.19
CA ARG F 127 -26.20 27.75 -1.19
C ARG F 127 -27.08 27.56 0.04
N THR F 128 -27.90 28.55 0.32
CA THR F 128 -28.82 28.51 1.45
C THR F 128 -30.24 28.23 0.95
N ASP F 129 -31.00 27.49 1.75
CA ASP F 129 -32.43 27.29 1.52
C ASP F 129 -33.16 28.47 2.14
N VAL F 130 -33.22 29.57 1.38
CA VAL F 130 -33.77 30.82 1.90
C VAL F 130 -35.20 30.62 2.36
N GLU F 131 -36.03 30.01 1.51
CA GLU F 131 -37.43 29.80 1.88
C GLU F 131 -37.55 29.06 3.20
N LEU F 132 -36.74 28.01 3.40
CA LEU F 132 -36.78 27.29 4.66
C LEU F 132 -36.27 28.16 5.81
N GLY F 133 -35.14 28.85 5.60
CA GLY F 133 -34.63 29.72 6.64
C GLY F 133 -35.65 30.76 7.07
N GLU F 134 -36.30 31.41 6.10
CA GLU F 134 -37.35 32.36 6.43
C GLU F 134 -38.48 31.69 7.21
N ALA F 135 -38.84 30.47 6.80
CA ALA F 135 -39.94 29.78 7.47
C ALA F 135 -39.59 29.44 8.92
N ILE F 136 -38.36 28.99 9.16
CA ILE F 136 -37.96 28.68 10.53
C ILE F 136 -38.01 29.94 11.39
N ALA F 137 -37.49 31.04 10.87
CA ALA F 137 -37.51 32.30 11.60
C ALA F 137 -38.94 32.70 11.96
N GLU F 138 -39.84 32.66 10.97
CA GLU F 138 -41.24 33.02 11.24
C GLU F 138 -41.84 32.11 12.29
N GLU F 139 -41.67 30.78 12.12
CA GLU F 139 -42.21 29.85 13.09
C GLU F 139 -41.64 30.10 14.47
N ALA F 140 -40.35 30.43 14.55
CA ALA F 140 -39.71 30.67 15.85
C ALA F 140 -40.32 31.88 16.53
N SER F 141 -40.36 33.01 15.85
CA SER F 141 -40.99 34.20 16.42
C SER F 141 -42.45 33.94 16.75
N GLY F 142 -43.13 33.14 15.93
CA GLY F 142 -44.51 32.79 16.23
C GLY F 142 -44.68 32.07 17.55
N LEU F 143 -43.67 31.30 17.96
CA LEU F 143 -43.72 30.57 19.21
C LEU F 143 -43.16 31.36 20.39
N GLY F 144 -42.77 32.62 20.18
CA GLY F 144 -42.37 33.49 21.25
C GLY F 144 -40.88 33.76 21.37
N LEU F 145 -40.07 33.25 20.45
CA LEU F 145 -38.63 33.44 20.51
C LEU F 145 -38.24 34.76 19.85
N VAL F 146 -37.26 35.43 20.44
CA VAL F 146 -36.65 36.59 19.80
C VAL F 146 -35.74 36.09 18.67
N THR F 147 -35.97 36.60 17.46
CA THR F 147 -35.28 36.10 16.29
C THR F 147 -34.88 37.24 15.38
N ARG F 148 -33.99 36.92 14.43
CA ARG F 148 -33.61 37.83 13.36
C ARG F 148 -33.10 37.00 12.20
N THR F 149 -33.34 37.51 10.99
CA THR F 149 -32.83 36.88 9.77
C THR F 149 -31.65 37.71 9.25
N LEU F 150 -30.59 37.01 8.85
CA LEU F 150 -29.38 37.65 8.34
C LEU F 150 -29.40 37.58 6.82
N ARG F 151 -29.33 38.76 6.17
CA ARG F 151 -29.24 38.85 4.72
C ARG F 151 -27.97 39.52 4.24
N ASP F 152 -27.11 39.96 5.14
CA ASP F 152 -25.90 40.68 4.74
C ASP F 152 -24.85 39.67 4.29
N PRO F 153 -24.53 39.60 2.99
CA PRO F 153 -23.50 38.63 2.55
C PRO F 153 -22.11 38.97 3.01
N ARG F 154 -21.90 40.16 3.58
CA ARG F 154 -20.59 40.53 4.09
C ARG F 154 -20.27 39.91 5.45
N VAL F 155 -21.29 39.42 6.15
CA VAL F 155 -21.07 38.76 7.44
C VAL F 155 -20.41 37.41 7.20
N ARG F 156 -19.30 37.16 7.90
CA ARG F 156 -18.57 35.92 7.74
C ARG F 156 -19.29 34.80 8.46
N VAL F 157 -19.41 33.65 7.79
CA VAL F 157 -19.93 32.45 8.44
C VAL F 157 -18.91 31.96 9.45
N ASP F 158 -19.40 31.45 10.59
CA ASP F 158 -18.50 31.09 11.67
C ASP F 158 -17.84 29.73 11.41
N TYR F 159 -16.67 29.55 12.04
CA TYR F 159 -15.81 28.41 11.76
C TYR F 159 -16.42 27.10 12.24
N ALA F 160 -17.31 27.14 13.22
CA ALA F 160 -17.94 25.91 13.69
C ALA F 160 -19.01 25.44 12.71
N THR F 161 -19.85 26.37 12.24
CA THR F 161 -20.83 26.02 11.21
C THR F 161 -20.14 25.46 9.98
N ILE F 162 -19.09 26.13 9.51
CA ILE F 162 -18.37 25.66 8.33
C ILE F 162 -17.77 24.28 8.58
N GLY F 163 -17.16 24.07 9.76
CA GLY F 163 -16.58 22.78 10.06
C GLY F 163 -17.61 21.66 10.08
N ALA F 164 -18.74 21.90 10.73
CA ALA F 164 -19.79 20.88 10.77
C ALA F 164 -20.28 20.53 9.38
N LEU F 165 -20.51 21.54 8.53
CA LEU F 165 -21.05 21.26 7.20
C LEU F 165 -20.05 20.54 6.33
N HIS F 166 -18.77 20.92 6.39
CA HIS F 166 -17.77 20.19 5.63
C HIS F 166 -17.73 18.73 6.04
N LEU F 167 -17.80 18.46 7.34
CA LEU F 167 -17.70 17.07 7.79
C LEU F 167 -18.94 16.28 7.40
N ALA F 168 -20.11 16.91 7.43
CA ALA F 168 -21.34 16.23 7.05
C ALA F 168 -21.46 16.05 5.54
N ASN F 169 -20.94 16.99 4.76
CA ASN F 169 -21.00 16.89 3.30
C ASN F 169 -19.88 17.73 2.67
N PRO F 170 -18.72 17.14 2.39
CA PRO F 170 -17.61 17.94 1.83
C PRO F 170 -17.85 18.38 0.39
N ALA F 171 -18.93 17.95 -0.25
CA ALA F 171 -19.22 18.36 -1.61
C ALA F 171 -20.05 19.64 -1.66
N TRP F 172 -20.68 20.01 -0.55
CA TRP F 172 -21.42 21.27 -0.44
C TRP F 172 -22.55 21.36 -1.46
N ASP F 173 -23.03 20.22 -1.96
CA ASP F 173 -24.06 20.20 -3.00
C ASP F 173 -25.46 20.00 -2.44
N ILE F 174 -25.66 20.26 -1.15
CA ILE F 174 -26.97 20.20 -0.52
C ILE F 174 -27.27 21.58 0.02
N PRO F 175 -28.44 22.17 -0.26
CA PRO F 175 -28.78 23.46 0.35
C PRO F 175 -28.71 23.40 1.86
N VAL F 176 -28.48 24.56 2.46
CA VAL F 176 -28.16 24.67 3.88
C VAL F 176 -29.05 25.70 4.55
N VAL F 177 -29.30 25.50 5.84
CA VAL F 177 -29.92 26.52 6.69
C VAL F 177 -29.10 26.54 7.97
N SER F 178 -28.40 27.66 8.20
CA SER F 178 -27.52 27.81 9.35
C SER F 178 -28.24 28.61 10.44
N LEU F 179 -28.30 28.04 11.64
CA LEU F 179 -28.90 28.68 12.79
C LEU F 179 -27.82 29.08 13.79
N SER F 180 -28.05 30.19 14.46
CA SER F 180 -27.11 30.74 15.42
C SER F 180 -27.42 30.27 16.83
N ALA F 181 -26.51 30.54 17.75
CA ALA F 181 -26.58 30.04 19.12
C ALA F 181 -26.71 31.22 20.07
N ASN F 182 -27.85 31.29 20.75
CA ASN F 182 -28.07 32.34 21.74
C ASN F 182 -27.21 32.11 22.97
N ASN F 183 -26.45 33.13 23.36
CA ASN F 183 -25.63 33.11 24.56
C ASN F 183 -25.09 34.51 24.78
N ASN F 184 -24.21 34.67 25.77
CA ASN F 184 -23.60 35.96 26.08
C ASN F 184 -22.13 35.92 25.69
N PRO F 185 -21.70 36.69 24.69
CA PRO F 185 -20.28 36.61 24.27
C PRO F 185 -19.30 37.10 25.32
N TYR F 186 -19.76 37.79 26.36
CA TYR F 186 -18.88 38.33 27.39
C TYR F 186 -18.93 37.55 28.69
N PHE F 187 -19.99 36.77 28.94
CA PHE F 187 -20.06 35.86 30.09
C PHE F 187 -20.83 34.62 29.62
N TYR F 188 -20.13 33.73 28.91
CA TYR F 188 -20.76 32.53 28.39
C TYR F 188 -21.41 31.75 29.53
N SER F 189 -22.54 31.10 29.21
CA SER F 189 -23.29 30.35 30.19
C SER F 189 -24.04 29.24 29.47
N ASP F 190 -24.80 28.47 30.23
CA ASP F 190 -25.66 27.44 29.65
C ASP F 190 -26.84 28.12 28.95
N ALA F 191 -26.93 27.93 27.64
CA ALA F 191 -28.09 28.41 26.91
C ALA F 191 -29.37 27.85 27.52
N SER F 192 -30.45 28.61 27.43
CA SER F 192 -31.74 28.14 27.91
C SER F 192 -32.16 26.92 27.11
N LEU F 193 -32.03 25.73 27.69
CA LEU F 193 -32.40 24.51 26.98
C LEU F 193 -33.87 24.52 26.59
N THR F 194 -34.73 25.10 27.44
CA THR F 194 -36.14 25.22 27.11
C THR F 194 -36.33 25.99 25.80
N GLU F 195 -35.65 27.14 25.68
CA GLU F 195 -35.73 27.90 24.44
C GLU F 195 -35.33 27.05 23.24
N MET F 196 -34.31 26.21 23.41
CA MET F 196 -33.86 25.40 22.28
C MET F 196 -34.89 24.35 21.90
N GLU F 197 -35.67 23.88 22.87
CA GLU F 197 -36.78 22.97 22.54
C GLU F 197 -37.83 23.69 21.70
N VAL F 198 -38.07 24.97 21.99
CA VAL F 198 -38.99 25.76 21.18
C VAL F 198 -38.44 25.89 19.77
N LEU F 199 -37.16 26.26 19.64
CA LEU F 199 -36.54 26.37 18.34
C LEU F 199 -36.65 25.05 17.57
N GLY F 200 -36.57 23.92 18.29
CA GLY F 200 -36.72 22.63 17.63
C GLY F 200 -38.09 22.47 17.01
N GLU F 201 -39.15 22.73 17.79
CA GLU F 201 -40.50 22.68 17.24
C GLU F 201 -40.64 23.65 16.07
N ALA F 202 -40.16 24.89 16.25
CA ALA F 202 -40.18 25.85 15.16
C ALA F 202 -39.52 25.27 13.91
N THR F 203 -38.42 24.53 14.10
CA THR F 203 -37.76 23.90 12.97
C THR F 203 -38.62 22.80 12.37
N ARG F 204 -39.24 21.98 13.21
CA ARG F 204 -40.12 20.93 12.71
C ARG F 204 -41.28 21.52 11.92
N LEU F 205 -41.93 22.54 12.47
CA LEU F 205 -43.05 23.17 11.78
C LEU F 205 -42.62 23.68 10.40
N ALA F 206 -41.50 24.39 10.34
CA ALA F 206 -41.06 24.95 9.07
C ALA F 206 -40.77 23.86 8.05
N VAL F 207 -40.17 22.75 8.50
CA VAL F 207 -39.85 21.66 7.58
C VAL F 207 -41.12 21.04 7.02
N GLU F 208 -42.06 20.72 7.90
CA GLU F 208 -43.30 20.10 7.45
C GLU F 208 -44.07 21.03 6.51
N ALA F 209 -44.31 22.27 6.93
CA ALA F 209 -45.12 23.18 6.13
C ALA F 209 -44.48 23.47 4.78
N THR F 210 -43.17 23.38 4.68
CA THR F 210 -42.45 23.65 3.44
C THR F 210 -42.19 22.39 2.62
N GLY F 211 -42.58 21.22 3.12
CA GLY F 211 -42.41 19.99 2.37
C GLY F 211 -40.98 19.55 2.15
N ARG F 212 -40.07 19.98 3.01
CA ARG F 212 -38.66 19.61 2.87
C ARG F 212 -38.40 18.23 3.48
N ARG F 213 -37.38 17.57 2.97
CA ARG F 213 -36.85 16.33 3.53
C ARG F 213 -35.45 16.68 4.03
N ALA F 214 -35.29 16.81 5.35
CA ALA F 214 -34.13 17.46 5.92
C ALA F 214 -33.39 16.54 6.89
N VAL F 215 -32.09 16.80 7.03
CA VAL F 215 -31.25 16.19 8.05
C VAL F 215 -30.73 17.31 8.95
N LEU F 216 -30.83 17.11 10.27
CA LEU F 216 -30.39 18.10 11.23
C LEU F 216 -28.98 17.78 11.71
N LEU F 217 -28.17 18.82 11.91
CA LEU F 217 -26.81 18.70 12.39
C LEU F 217 -26.67 19.53 13.66
N ALA F 218 -26.65 18.85 14.80
CA ALA F 218 -26.39 19.49 16.09
C ALA F 218 -24.90 19.39 16.36
N SER F 219 -24.19 20.51 16.21
CA SER F 219 -22.73 20.50 16.21
C SER F 219 -22.20 20.91 17.59
N ASN F 220 -22.21 19.94 18.50
CA ASN F 220 -21.65 20.11 19.84
C ASN F 220 -20.71 18.96 20.16
N SER F 221 -19.57 19.27 20.76
CA SER F 221 -18.78 18.26 21.44
C SER F 221 -19.45 17.88 22.77
N LEU F 222 -18.90 16.85 23.42
CA LEU F 222 -19.32 16.45 24.74
C LEU F 222 -18.40 17.11 25.77
N SER F 223 -17.84 16.38 26.74
CA SER F 223 -16.92 16.96 27.72
C SER F 223 -15.95 17.91 27.05
N HIS F 224 -15.78 19.09 27.64
CA HIS F 224 -15.13 20.20 26.94
C HIS F 224 -14.00 20.80 27.76
N LEU F 225 -13.39 20.03 28.65
CA LEU F 225 -12.11 20.42 29.24
C LEU F 225 -10.99 19.92 28.33
N HIS F 226 -9.97 20.75 28.12
CA HIS F 226 -8.96 20.49 27.10
C HIS F 226 -7.59 20.92 27.62
N TRP F 227 -6.56 20.65 26.80
CA TRP F 227 -5.21 21.05 27.15
C TRP F 227 -5.09 22.56 27.27
N HIS F 228 -4.28 23.02 28.22
CA HIS F 228 -3.97 24.44 28.29
C HIS F 228 -2.98 24.85 27.19
N GLU F 229 -2.14 23.92 26.76
CA GLU F 229 -1.09 24.18 25.80
C GLU F 229 -1.11 23.11 24.73
N GLU F 230 -0.63 23.46 23.54
CA GLU F 230 -0.69 22.55 22.41
C GLU F 230 0.60 21.75 22.30
N PRO F 231 0.51 20.46 21.97
CA PRO F 231 1.73 19.69 21.70
C PRO F 231 2.49 20.27 20.51
N GLU F 232 3.80 19.99 20.47
CA GLU F 232 4.64 20.50 19.40
C GLU F 232 4.06 20.16 18.02
N LEU F 233 3.72 18.89 17.82
CA LEU F 233 3.01 18.46 16.63
C LEU F 233 1.54 18.36 16.98
N PRO F 234 0.66 19.21 16.43
CA PRO F 234 -0.75 19.14 16.83
C PRO F 234 -1.36 17.76 16.70
N GLU F 235 -1.01 17.02 15.65
CA GLU F 235 -1.58 15.70 15.41
C GLU F 235 -0.77 14.57 16.06
N ASP F 236 0.07 14.87 17.05
CA ASP F 236 0.80 13.85 17.80
C ASP F 236 -0.20 13.08 18.64
N MET F 237 -0.65 11.93 18.13
CA MET F 237 -1.75 11.22 18.78
C MET F 237 -1.34 10.55 20.07
N GLU F 238 -0.04 10.46 20.38
CA GLU F 238 0.36 10.05 21.72
C GLU F 238 -0.22 10.98 22.78
N ARG F 239 -0.34 12.27 22.46
CA ARG F 239 -0.82 13.25 23.42
C ARG F 239 -2.32 13.49 23.30
N GLU F 240 -3.02 12.66 22.53
CA GLU F 240 -4.47 12.75 22.40
C GLU F 240 -5.11 11.65 23.25
N HIS F 241 -5.89 12.06 24.25
CA HIS F 241 -6.54 11.11 25.15
C HIS F 241 -7.49 11.88 26.04
N PRO F 242 -8.37 11.19 26.78
CA PRO F 242 -9.30 11.89 27.67
C PRO F 242 -8.58 12.86 28.61
N TYR F 243 -9.20 14.02 28.81
CA TYR F 243 -8.68 14.98 29.78
C TYR F 243 -8.48 14.32 31.13
N ASN F 244 -9.45 13.51 31.56
CA ASN F 244 -9.29 12.65 32.72
C ASN F 244 -10.42 11.62 32.66
N ASN F 245 -10.36 10.65 33.57
CA ASN F 245 -11.32 9.55 33.51
C ASN F 245 -12.72 9.97 33.97
N HIS F 246 -12.82 11.02 34.80
CA HIS F 246 -14.13 11.53 35.18
C HIS F 246 -14.90 12.03 33.96
N GLN F 247 -14.24 12.86 33.13
CA GLN F 247 -14.87 13.34 31.92
C GLN F 247 -15.24 12.18 31.00
N TYR F 248 -14.33 11.22 30.86
CA TYR F 248 -14.60 10.08 29.98
C TYR F 248 -15.80 9.29 30.47
N ARG F 249 -15.83 8.95 31.77
CA ARG F 249 -16.92 8.14 32.29
CA ARG F 249 -16.92 8.15 32.29
C ARG F 249 -18.27 8.84 32.14
N TRP F 250 -18.30 10.16 32.30
CA TRP F 250 -19.55 10.89 32.12
C TRP F 250 -19.99 10.86 30.66
N ASP F 251 -19.05 11.06 29.73
CA ASP F 251 -19.38 10.88 28.32
C ASP F 251 -19.97 9.50 28.09
N MET F 252 -19.38 8.48 28.71
CA MET F 252 -19.85 7.11 28.50
C MET F 252 -21.24 6.91 29.09
N LYS F 253 -21.52 7.56 30.22
CA LYS F 253 -22.87 7.52 30.79
C LYS F 253 -23.88 8.06 29.79
N LEU F 254 -23.59 9.23 29.20
CA LEU F 254 -24.50 9.80 28.21
C LEU F 254 -24.62 8.89 27.00
N LEU F 255 -23.48 8.37 26.51
CA LEU F 255 -23.51 7.61 25.27
C LEU F 255 -24.24 6.27 25.45
N GLU F 256 -24.07 5.62 26.60
CA GLU F 256 -24.79 4.38 26.82
C GLU F 256 -26.29 4.61 26.88
N ALA F 257 -26.70 5.73 27.48
CA ALA F 257 -28.11 6.10 27.46
C ALA F 257 -28.59 6.30 26.03
N ILE F 258 -27.75 6.89 25.19
CA ILE F 258 -28.14 7.16 23.80
C ILE F 258 -28.36 5.86 23.05
N ARG F 259 -27.42 4.92 23.16
CA ARG F 259 -27.54 3.70 22.39
C ARG F 259 -28.51 2.70 22.99
N ARG F 260 -29.04 2.97 24.18
CA ARG F 260 -29.96 2.03 24.83
C ARG F 260 -31.39 2.55 24.72
N GLY F 261 -31.81 3.37 25.68
CA GLY F 261 -33.20 3.73 25.82
C GLY F 261 -33.64 4.72 24.78
N PRO F 262 -34.86 5.23 24.92
CA PRO F 262 -35.35 6.27 24.00
C PRO F 262 -34.64 7.60 24.22
N THR F 263 -34.99 8.61 23.43
CA THR F 263 -34.32 9.90 23.51
C THR F 263 -34.92 10.81 24.57
N ALA F 264 -36.20 10.64 24.90
CA ALA F 264 -36.83 11.55 25.85
C ALA F 264 -36.08 11.61 27.18
N PRO F 265 -35.61 10.51 27.76
CA PRO F 265 -34.83 10.63 29.01
C PRO F 265 -33.59 11.50 28.88
N LEU F 266 -33.06 11.68 27.66
CA LEU F 266 -31.89 12.52 27.48
C LEU F 266 -32.17 13.98 27.82
N ARG F 267 -33.43 14.40 27.82
CA ARG F 267 -33.76 15.77 28.20
C ARG F 267 -33.26 16.07 29.61
N ASP F 268 -33.34 15.08 30.50
CA ASP F 268 -32.89 15.27 31.88
C ASP F 268 -31.41 14.95 32.05
N LEU F 269 -30.87 14.03 31.24
CA LEU F 269 -29.46 13.64 31.39
C LEU F 269 -28.53 14.70 30.81
N ILE F 270 -28.95 15.34 29.72
CA ILE F 270 -28.08 16.33 29.07
C ILE F 270 -27.64 17.40 30.06
N PRO F 271 -28.53 18.02 30.85
CA PRO F 271 -28.07 19.04 31.80
C PRO F 271 -27.15 18.50 32.88
N GLU F 272 -27.39 17.29 33.37
CA GLU F 272 -26.52 16.72 34.38
C GLU F 272 -25.13 16.45 33.82
N HIS F 273 -25.07 15.98 32.56
CA HIS F 273 -23.79 15.78 31.91
C HIS F 273 -23.07 17.10 31.66
N ILE F 274 -23.81 18.17 31.38
CA ILE F 274 -23.20 19.49 31.24
C ILE F 274 -22.55 19.92 32.55
N GLU F 275 -23.30 19.77 33.66
CA GLU F 275 -22.78 20.19 34.96
C GLU F 275 -21.51 19.43 35.31
N ALA F 276 -21.42 18.17 34.93
CA ALA F 276 -20.31 17.34 35.35
C ALA F 276 -19.08 17.49 34.47
N THR F 277 -19.23 17.95 33.23
CA THR F 277 -18.14 17.92 32.27
C THR F 277 -17.93 19.23 31.50
N ALA F 278 -18.73 20.26 31.77
CA ALA F 278 -18.69 21.49 30.99
C ALA F 278 -18.93 21.21 29.51
N SER F 279 -19.76 20.21 29.23
CA SER F 279 -20.01 19.76 27.87
C SER F 279 -20.39 20.92 26.96
N GLU F 280 -19.95 20.84 25.70
CA GLU F 280 -20.38 21.83 24.72
C GLU F 280 -21.86 21.74 24.40
N THR F 281 -22.52 20.63 24.75
CA THR F 281 -23.97 20.56 24.59
C THR F 281 -24.71 21.60 25.42
N LYS F 282 -24.00 22.31 26.30
CA LYS F 282 -24.60 23.48 26.96
C LYS F 282 -25.02 24.53 25.95
N ALA F 283 -24.46 24.47 24.74
CA ALA F 283 -24.92 25.35 23.67
C ALA F 283 -26.38 25.09 23.33
N GLY F 284 -26.86 23.87 23.55
CA GLY F 284 -28.25 23.52 23.32
C GLY F 284 -28.56 22.94 21.96
N SER F 285 -27.56 22.75 21.11
CA SER F 285 -27.84 22.25 19.76
C SER F 285 -28.39 20.84 19.80
N LEU F 286 -27.84 19.98 20.68
CA LEU F 286 -28.33 18.62 20.77
C LEU F 286 -29.80 18.61 21.19
N THR F 287 -30.17 19.44 22.16
CA THR F 287 -31.56 19.51 22.59
C THR F 287 -32.45 20.00 21.47
N TRP F 288 -32.01 21.03 20.76
CA TRP F 288 -32.77 21.58 19.63
C TRP F 288 -33.10 20.49 18.62
N MET F 289 -32.12 19.64 18.31
CA MET F 289 -32.34 18.61 17.30
CA MET F 289 -32.34 18.61 17.30
C MET F 289 -33.30 17.54 17.81
N LEU F 290 -33.04 17.00 19.00
CA LEU F 290 -33.89 15.95 19.55
C LEU F 290 -35.32 16.45 19.72
N ALA F 291 -35.48 17.71 20.10
CA ALA F 291 -36.83 18.29 20.19
C ALA F 291 -37.47 18.38 18.81
N ALA F 292 -36.69 18.78 17.80
CA ALA F 292 -37.23 18.90 16.45
C ALA F 292 -37.68 17.54 15.90
N MET F 293 -37.00 16.47 16.30
CA MET F 293 -37.44 15.12 15.92
C MET F 293 -38.60 14.63 16.77
N GLY F 294 -39.05 15.42 17.74
CA GLY F 294 -40.13 14.98 18.60
C GLY F 294 -39.74 13.96 19.63
N TRP F 295 -38.49 13.96 20.07
CA TRP F 295 -38.00 13.02 21.07
C TRP F 295 -38.38 11.58 20.68
N PRO F 296 -37.90 11.10 19.55
CA PRO F 296 -38.33 9.77 19.09
C PRO F 296 -37.91 8.69 20.08
N LYS F 297 -38.80 7.71 20.26
CA LYS F 297 -38.53 6.56 21.13
C LYS F 297 -37.64 5.57 20.38
N VAL F 298 -36.38 5.97 20.19
CA VAL F 298 -35.42 5.20 19.43
C VAL F 298 -34.04 5.30 20.08
N ALA F 299 -33.16 4.38 19.70
CA ALA F 299 -31.77 4.43 20.11
C ALA F 299 -30.96 5.23 19.08
N GLY F 300 -29.87 5.82 19.56
CA GLY F 300 -28.94 6.51 18.67
C GLY F 300 -27.80 5.60 18.25
N ASP F 301 -27.40 5.70 16.99
CA ASP F 301 -26.26 4.96 16.46
C ASP F 301 -25.01 5.80 16.69
N VAL F 302 -24.17 5.39 17.62
CA VAL F 302 -22.92 6.08 17.91
C VAL F 302 -21.91 5.62 16.85
N LEU F 303 -21.77 6.41 15.79
CA LEU F 303 -20.86 6.07 14.71
C LEU F 303 -19.42 6.11 15.19
N GLY F 304 -19.11 6.99 16.14
CA GLY F 304 -17.77 7.05 16.68
C GLY F 304 -17.61 7.96 17.87
N TYR F 305 -16.64 7.67 18.72
CA TYR F 305 -16.26 8.53 19.82
C TYR F 305 -14.75 8.61 19.89
N GLY F 306 -14.24 9.77 20.24
CA GLY F 306 -12.82 9.98 20.42
C GLY F 306 -12.60 11.36 21.02
N THR F 307 -11.35 11.62 21.38
CA THR F 307 -11.00 12.87 22.03
C THR F 307 -10.22 13.79 21.09
N ILE F 308 -10.39 15.09 21.30
CA ILE F 308 -9.69 16.13 20.56
C ILE F 308 -9.19 17.15 21.58
N ILE F 309 -7.87 17.28 21.68
CA ILE F 309 -7.18 17.97 22.77
C ILE F 309 -7.87 17.71 24.10
N GLY F 310 -8.29 16.46 24.33
CA GLY F 310 -8.85 16.05 25.60
C GLY F 310 -10.36 16.08 25.68
N THR F 311 -11.01 16.82 24.80
CA THR F 311 -12.47 16.93 24.82
C THR F 311 -13.10 15.69 24.23
N GLY F 312 -14.29 15.34 24.74
CA GLY F 312 -15.02 14.22 24.19
C GLY F 312 -15.83 14.62 22.98
N ASN F 313 -15.81 13.76 21.96
CA ASN F 313 -16.47 14.03 20.69
C ASN F 313 -17.13 12.76 20.20
N ALA F 314 -18.44 12.81 20.00
CA ALA F 314 -19.22 11.68 19.53
C ALA F 314 -19.99 12.07 18.28
N ILE F 315 -19.97 11.18 17.29
CA ILE F 315 -20.73 11.33 16.05
C ILE F 315 -21.89 10.34 16.13
N VAL F 316 -23.11 10.85 16.17
CA VAL F 316 -24.28 10.04 16.46
C VAL F 316 -25.38 10.34 15.45
N GLU F 317 -26.13 9.30 15.06
CA GLU F 317 -27.26 9.41 14.15
C GLU F 317 -28.51 8.88 14.83
N TRP F 318 -29.58 9.67 14.81
CA TRP F 318 -30.89 9.25 15.25
C TRP F 318 -31.84 9.21 14.05
N LEU F 319 -32.79 8.30 14.09
CA LEU F 319 -33.79 8.16 13.04
C LEU F 319 -35.19 8.24 13.63
N PRO F 320 -36.17 8.64 12.82
CA PRO F 320 -37.56 8.64 13.31
C PRO F 320 -38.04 7.24 13.61
N GLU F 321 -39.10 7.16 14.42
CA GLU F 321 -39.67 5.88 14.75
C GLU F 321 -40.21 5.19 13.50
N GLY F 322 -39.93 3.90 13.38
CA GLY F 322 -40.36 3.12 12.23
C GLY F 322 -39.40 3.25 11.06
N ARG G 4 27.56 -18.31 54.75
CA ARG G 4 26.66 -18.55 55.87
C ARG G 4 25.24 -18.12 55.52
N THR G 5 25.02 -16.81 55.44
CA THR G 5 23.72 -16.25 55.10
C THR G 5 23.72 -15.77 53.64
N GLY G 6 22.52 -15.66 53.09
CA GLY G 6 22.37 -15.21 51.72
C GLY G 6 22.41 -16.34 50.72
N ILE G 7 22.75 -15.99 49.49
CA ILE G 7 22.86 -16.96 48.41
C ILE G 7 24.21 -17.66 48.54
N VAL G 8 24.18 -18.99 48.65
CA VAL G 8 25.37 -19.80 48.85
C VAL G 8 25.57 -20.85 47.78
N ALA G 9 24.62 -20.99 46.84
CA ALA G 9 24.76 -21.96 45.77
C ALA G 9 23.80 -21.61 44.64
N GLY G 10 24.16 -22.02 43.43
CA GLY G 10 23.34 -21.77 42.27
C GLY G 10 23.35 -22.96 41.32
N ALA G 11 22.30 -23.04 40.52
CA ALA G 11 22.18 -24.12 39.55
C ALA G 11 21.34 -23.66 38.36
N LEU G 12 21.65 -24.21 37.20
CA LEU G 12 20.93 -23.95 35.95
C LEU G 12 20.62 -25.28 35.30
N LEU G 13 19.38 -25.46 34.87
CA LEU G 13 18.99 -26.70 34.21
C LEU G 13 17.92 -26.40 33.17
N PRO G 14 17.70 -27.31 32.23
CA PRO G 14 16.62 -27.14 31.27
C PRO G 14 15.28 -27.49 31.90
N GLY G 15 14.21 -27.08 31.24
CA GLY G 15 12.89 -27.28 31.76
C GLY G 15 11.91 -27.96 30.82
N MET G 16 12.43 -28.55 29.74
CA MET G 16 11.53 -29.17 28.78
C MET G 16 11.08 -30.54 29.31
N PRO G 17 9.81 -30.91 29.08
CA PRO G 17 9.27 -32.11 29.73
C PRO G 17 9.89 -33.39 29.23
N HIS G 18 10.66 -33.35 28.14
CA HIS G 18 11.30 -34.55 27.62
C HIS G 18 12.22 -35.20 28.65
N LEU G 19 12.69 -34.45 29.64
CA LEU G 19 13.58 -35.03 30.65
C LEU G 19 12.88 -36.08 31.50
N LEU G 20 11.54 -36.07 31.54
CA LEU G 20 10.76 -37.05 32.26
C LEU G 20 10.24 -38.17 31.35
N ALA G 21 10.78 -38.28 30.14
CA ALA G 21 10.25 -39.22 29.16
C ALA G 21 10.48 -40.66 29.64
N GLU G 22 9.44 -41.48 29.49
CA GLU G 22 9.60 -42.92 29.72
C GLU G 22 10.56 -43.53 28.71
N HIS G 23 10.56 -43.03 27.48
CA HIS G 23 11.43 -43.51 26.41
C HIS G 23 12.29 -42.34 25.95
N PRO G 24 13.28 -41.95 26.74
CA PRO G 24 14.06 -40.76 26.41
C PRO G 24 15.15 -41.02 25.39
N ALA G 25 15.54 -39.96 24.71
CA ALA G 25 16.78 -39.97 23.96
C ALA G 25 17.95 -40.06 24.94
N PRO G 26 19.12 -40.50 24.47
CA PRO G 26 20.28 -40.57 25.38
C PRO G 26 20.58 -39.25 26.05
N SER G 27 20.40 -38.14 25.33
CA SER G 27 20.70 -36.84 25.91
C SER G 27 19.69 -36.45 26.98
N TRP G 28 18.41 -36.72 26.75
CA TRP G 28 17.40 -36.38 27.74
C TRP G 28 17.65 -37.15 29.04
N SER G 29 18.00 -38.43 28.93
CA SER G 29 18.25 -39.23 30.12
C SER G 29 19.48 -38.72 30.87
N ALA G 30 20.52 -38.32 30.15
CA ALA G 30 21.72 -37.80 30.78
C ALA G 30 21.41 -36.50 31.53
N LEU G 31 20.71 -35.57 30.88
CA LEU G 31 20.36 -34.31 31.52
C LEU G 31 19.46 -34.56 32.73
N ALA G 32 18.49 -35.46 32.59
CA ALA G 32 17.60 -35.76 33.71
C ALA G 32 18.36 -36.35 34.89
N GLY G 33 19.28 -37.30 34.61
CA GLY G 33 20.10 -37.83 35.68
C GLY G 33 20.97 -36.77 36.32
N ALA G 34 21.55 -35.88 35.50
CA ALA G 34 22.35 -34.79 36.04
C ALA G 34 21.50 -33.86 36.89
N ALA G 35 20.27 -33.57 36.45
CA ALA G 35 19.39 -32.71 37.24
C ALA G 35 19.05 -33.35 38.58
N ARG G 36 18.68 -34.64 38.56
CA ARG G 36 18.39 -35.33 39.81
C ARG G 36 19.59 -35.30 40.75
N ASP G 37 20.80 -35.37 40.19
CA ASP G 37 22.00 -35.28 41.03
C ASP G 37 22.12 -33.91 41.67
N VAL G 38 21.97 -32.84 40.89
CA VAL G 38 22.00 -31.50 41.45
C VAL G 38 20.97 -31.34 42.54
N GLY G 39 19.79 -31.95 42.35
CA GLY G 39 18.76 -31.86 43.37
C GLY G 39 19.17 -32.51 44.67
N ALA G 40 19.83 -33.67 44.60
CA ALA G 40 20.34 -34.31 45.80
C ALA G 40 21.33 -33.41 46.52
N ARG G 41 22.32 -32.89 45.79
CA ARG G 41 23.28 -31.97 46.40
C ARG G 41 22.55 -30.76 47.01
N LEU G 42 21.59 -30.20 46.27
CA LEU G 42 20.86 -29.04 46.78
C LEU G 42 20.17 -29.37 48.10
N ARG G 43 19.37 -30.45 48.11
CA ARG G 43 18.66 -30.81 49.33
C ARG G 43 19.64 -31.16 50.45
N ARG G 44 20.82 -31.69 50.11
CA ARG G 44 21.84 -31.92 51.12
C ARG G 44 22.34 -30.60 51.69
N LEU G 45 22.63 -29.63 50.83
CA LEU G 45 22.97 -28.29 51.29
C LEU G 45 21.88 -27.76 52.22
N GLU G 46 20.64 -28.02 51.89
CA GLU G 46 19.46 -27.63 52.65
C GLU G 46 19.34 -26.12 52.77
N PRO G 47 18.92 -25.47 51.69
CA PRO G 47 18.55 -24.06 51.80
C PRO G 47 17.27 -23.91 52.59
N ASP G 48 17.16 -22.78 53.30
CA ASP G 48 15.88 -22.38 53.87
C ASP G 48 14.88 -22.09 52.75
N VAL G 49 15.36 -21.50 51.66
CA VAL G 49 14.52 -21.19 50.50
C VAL G 49 15.40 -21.28 49.27
N VAL G 50 14.78 -21.60 48.14
CA VAL G 50 15.45 -21.62 46.85
C VAL G 50 14.76 -20.60 45.97
N LEU G 51 15.49 -19.54 45.62
CA LEU G 51 14.98 -18.56 44.66
C LEU G 51 14.94 -19.19 43.28
N LEU G 52 13.85 -18.94 42.55
CA LEU G 52 13.58 -19.65 41.32
C LEU G 52 13.14 -18.70 40.22
N LEU G 53 13.67 -18.92 39.02
CA LEU G 53 13.18 -18.26 37.81
C LEU G 53 13.12 -19.29 36.71
N SER G 54 11.96 -19.43 36.08
CA SER G 54 11.78 -20.30 34.92
C SER G 54 11.41 -19.46 33.72
N THR G 55 12.16 -19.61 32.63
CA THR G 55 11.89 -18.82 31.43
C THR G 55 10.48 -19.03 30.91
N GLN G 56 9.85 -20.16 31.22
CA GLN G 56 8.53 -20.46 30.68
C GLN G 56 7.39 -19.89 31.51
N TRP G 57 7.67 -19.31 32.67
CA TRP G 57 6.74 -18.37 33.31
C TRP G 57 7.28 -16.98 32.97
N PHE G 58 6.85 -16.46 31.84
CA PHE G 58 7.30 -15.17 31.36
C PHE G 58 6.25 -14.11 31.66
N THR G 59 6.69 -12.85 31.61
CA THR G 59 5.77 -11.73 31.70
C THR G 59 6.31 -10.61 30.82
N VAL G 60 5.48 -9.59 30.65
CA VAL G 60 5.88 -8.40 29.90
C VAL G 60 5.45 -7.16 30.67
N LEU G 61 5.03 -7.33 31.91
CA LEU G 61 4.49 -6.23 32.71
C LEU G 61 4.96 -6.39 34.15
N GLY G 62 5.90 -5.54 34.56
CA GLY G 62 6.41 -5.63 35.91
C GLY G 62 7.04 -6.99 36.17
N HIS G 63 7.05 -7.38 37.44
CA HIS G 63 7.68 -8.61 37.89
C HIS G 63 6.72 -9.30 38.83
N GLN G 64 6.21 -10.46 38.41
CA GLN G 64 5.18 -11.17 39.15
C GLN G 64 5.83 -12.23 40.04
N PHE G 65 5.30 -12.35 41.26
CA PHE G 65 5.81 -13.28 42.26
C PHE G 65 4.73 -14.28 42.63
N GLN G 66 5.12 -15.53 42.79
CA GLN G 66 4.19 -16.60 43.14
C GLN G 66 3.84 -16.49 44.62
N CYS G 67 2.59 -16.15 44.91
CA CYS G 67 2.13 -15.99 46.29
C CYS G 67 1.08 -17.01 46.68
N ASP G 68 0.82 -18.00 45.84
CA ASP G 68 0.05 -19.16 46.26
C ASP G 68 0.98 -20.10 47.01
N PRO G 69 0.72 -20.40 48.29
CA PRO G 69 1.67 -21.22 49.05
C PRO G 69 1.78 -22.65 48.55
N ASN G 70 0.77 -23.20 47.88
CA ASN G 70 0.76 -24.62 47.52
C ASN G 70 -0.08 -24.85 46.28
N PRO G 71 0.42 -24.43 45.11
CA PRO G 71 -0.18 -24.91 43.86
C PRO G 71 0.05 -26.40 43.69
N ARG G 72 -1.00 -27.12 43.31
CA ARG G 72 -0.89 -28.56 43.08
C ARG G 72 -1.97 -28.98 42.10
N GLY G 73 -1.71 -30.08 41.41
CA GLY G 73 -2.66 -30.64 40.48
C GLY G 73 -1.95 -31.40 39.38
N GLU G 74 -2.66 -31.55 38.26
CA GLU G 74 -2.11 -32.19 37.07
C GLU G 74 -2.15 -31.20 35.92
N HIS G 75 -1.09 -31.21 35.11
CA HIS G 75 -0.94 -30.28 33.99
C HIS G 75 -0.56 -31.08 32.76
N VAL G 76 -1.32 -30.90 31.68
CA VAL G 76 -1.03 -31.50 30.39
C VAL G 76 -0.48 -30.42 29.47
N ASP G 77 0.79 -30.57 29.08
CA ASP G 77 1.47 -29.53 28.34
C ASP G 77 0.80 -29.28 26.99
N GLU G 78 0.69 -28.00 26.62
CA GLU G 78 -0.04 -27.62 25.41
C GLU G 78 0.65 -28.07 24.14
N ASN G 79 1.94 -28.39 24.20
CA ASN G 79 2.72 -28.80 23.03
C ASN G 79 2.97 -30.30 22.97
N TRP G 80 3.14 -30.96 24.12
CA TRP G 80 3.56 -32.35 24.19
C TRP G 80 2.50 -33.27 24.78
N TYR G 81 1.23 -32.83 24.75
CA TYR G 81 0.14 -33.63 25.30
C TYR G 81 0.11 -35.04 24.75
N ALA G 82 0.59 -35.25 23.52
CA ALA G 82 0.49 -36.55 22.87
C ALA G 82 1.53 -37.55 23.36
N TYR G 83 2.42 -37.15 24.26
CA TYR G 83 3.47 -38.02 24.77
C TYR G 83 3.28 -38.25 26.26
N ASP G 84 3.92 -39.30 26.77
CA ASP G 84 3.81 -39.61 28.19
C ASP G 84 4.29 -38.45 29.04
N TYR G 85 5.39 -37.82 28.64
CA TYR G 85 5.96 -36.71 29.40
C TYR G 85 5.17 -35.41 29.25
N GLY G 86 4.09 -35.40 28.48
CA GLY G 86 3.20 -34.25 28.44
C GLY G 86 2.23 -34.20 29.60
N LEU G 87 1.99 -35.34 30.26
CA LEU G 87 1.17 -35.40 31.46
C LEU G 87 2.08 -35.22 32.67
N LEU G 88 1.86 -34.15 33.42
CA LEU G 88 2.73 -33.77 34.52
C LEU G 88 1.91 -33.48 35.76
N ASP G 89 2.19 -34.20 36.84
CA ASP G 89 1.64 -33.89 38.15
C ASP G 89 2.59 -32.96 38.89
N TYR G 90 2.03 -32.13 39.76
CA TYR G 90 2.85 -31.18 40.48
C TYR G 90 2.25 -30.90 41.84
N ASP G 91 3.13 -30.58 42.79
CA ASP G 91 2.74 -30.20 44.14
C ASP G 91 3.91 -29.36 44.67
N LEU G 92 3.73 -28.04 44.69
CA LEU G 92 4.82 -27.12 44.94
C LEU G 92 4.54 -26.32 46.21
N ARG G 93 5.60 -26.07 46.98
CA ARG G 93 5.53 -25.27 48.19
C ARG G 93 6.36 -24.02 48.00
N PHE G 94 5.74 -22.86 48.12
CA PHE G 94 6.40 -21.58 48.01
C PHE G 94 6.42 -20.90 49.36
N ASP G 95 7.58 -20.34 49.72
CA ASP G 95 7.72 -19.53 50.93
C ASP G 95 7.21 -18.14 50.59
N VAL G 96 5.90 -17.93 50.81
CA VAL G 96 5.28 -16.69 50.37
C VAL G 96 5.67 -15.51 51.25
N ASP G 97 6.17 -15.76 52.46
CA ASP G 97 6.52 -14.65 53.34
C ASP G 97 7.90 -14.09 53.01
N PHE G 98 8.86 -14.95 52.69
CA PHE G 98 10.10 -14.42 52.12
C PHE G 98 9.83 -13.77 50.77
N THR G 99 8.97 -14.38 49.96
CA THR G 99 8.59 -13.79 48.68
C THR G 99 8.09 -12.37 48.88
N GLU G 100 7.35 -12.14 49.96
CA GLU G 100 6.86 -10.79 50.25
C GLU G 100 8.01 -9.83 50.51
N ARG G 101 9.00 -10.26 51.30
CA ARG G 101 10.17 -9.42 51.54
C ARG G 101 10.88 -9.11 50.23
N TRP G 102 11.08 -10.13 49.40
CA TRP G 102 11.71 -9.95 48.09
C TRP G 102 10.93 -8.95 47.25
N ALA G 103 9.63 -9.15 47.11
CA ALA G 103 8.82 -8.23 46.33
C ALA G 103 8.91 -6.81 46.87
N ASP G 104 8.92 -6.66 48.20
CA ASP G 104 9.00 -5.32 48.80
C ASP G 104 10.31 -4.64 48.42
N ARG G 105 11.41 -5.39 48.39
CA ARG G 105 12.68 -4.81 47.98
C ARG G 105 12.66 -4.41 46.51
N VAL G 106 12.04 -5.23 45.66
CA VAL G 106 11.91 -4.90 44.24
C VAL G 106 11.09 -3.63 44.09
N GLN G 107 10.00 -3.51 44.83
CA GLN G 107 9.19 -2.29 44.79
C GLN G 107 9.99 -1.11 45.34
N ALA G 108 10.77 -1.33 46.40
CA ALA G 108 11.61 -0.26 46.93
C ALA G 108 12.63 0.23 45.90
N GLY G 109 12.97 -0.61 44.93
CA GLY G 109 13.90 -0.26 43.87
C GLY G 109 13.26 0.41 42.67
N GLY G 110 12.01 0.84 42.77
CA GLY G 110 11.36 1.52 41.67
C GLY G 110 10.73 0.62 40.64
N MET G 111 10.67 -0.68 40.88
CA MET G 111 10.07 -1.63 39.95
C MET G 111 8.69 -2.05 40.44
N GLN G 112 7.86 -2.50 39.51
CA GLN G 112 6.48 -2.89 39.80
C GLN G 112 6.48 -4.36 40.21
N ALA G 113 6.45 -4.63 41.51
CA ALA G 113 6.33 -5.98 42.04
C ALA G 113 4.85 -6.34 42.15
N ARG G 114 4.47 -7.46 41.53
CA ARG G 114 3.07 -7.87 41.42
C ARG G 114 2.88 -9.22 42.09
N ARG G 115 2.17 -9.21 43.22
CA ARG G 115 1.90 -10.45 43.94
C ARG G 115 0.80 -11.23 43.22
N THR G 116 1.01 -12.53 43.07
CA THR G 116 0.16 -13.38 42.25
C THR G 116 -0.37 -14.53 43.09
N ARG G 117 -1.68 -14.53 43.33
CA ARG G 117 -2.33 -15.61 44.08
C ARG G 117 -3.74 -15.76 43.53
N TYR G 118 -3.91 -16.65 42.55
CA TYR G 118 -5.17 -16.83 41.86
C TYR G 118 -5.47 -18.31 41.68
N ASP G 119 -6.72 -18.68 41.95
CA ASP G 119 -7.17 -20.03 41.65
C ASP G 119 -7.16 -20.23 40.15
N GLY G 120 -6.47 -21.27 39.70
CA GLY G 120 -6.37 -21.56 38.28
C GLY G 120 -5.19 -20.93 37.59
N PHE G 121 -4.34 -20.19 38.30
CA PHE G 121 -3.18 -19.59 37.67
C PHE G 121 -2.34 -20.69 37.02
N PRO G 122 -1.89 -20.53 35.78
CA PRO G 122 -1.13 -21.60 35.13
C PRO G 122 0.25 -21.74 35.73
N ILE G 123 0.65 -22.97 35.99
CA ILE G 123 2.00 -23.30 36.43
C ILE G 123 2.77 -23.81 35.22
N ASP G 124 3.93 -23.22 34.97
CA ASP G 124 4.66 -23.51 33.74
C ASP G 124 5.33 -24.87 33.81
N THR G 125 5.51 -25.48 32.64
CA THR G 125 6.07 -26.83 32.58
C THR G 125 7.48 -26.88 33.13
N GLY G 126 8.27 -25.82 32.90
CA GLY G 126 9.63 -25.80 33.39
C GLY G 126 9.73 -25.95 34.90
N THR G 127 8.88 -25.23 35.63
CA THR G 127 8.88 -25.34 37.08
C THR G 127 8.42 -26.72 37.54
N ILE G 128 7.44 -27.30 36.84
CA ILE G 128 6.93 -28.61 37.22
C ILE G 128 8.00 -29.66 37.00
N VAL G 129 8.68 -29.60 35.85
CA VAL G 129 9.74 -30.57 35.55
C VAL G 129 10.88 -30.41 36.54
N THR G 130 11.21 -29.16 36.89
CA THR G 130 12.32 -28.92 37.81
C THR G 130 12.02 -29.46 39.20
N SER G 131 10.77 -29.36 39.65
CA SER G 131 10.41 -29.89 40.96
C SER G 131 10.45 -31.41 40.97
N ALA G 132 10.01 -32.04 39.88
CA ALA G 132 10.03 -33.51 39.82
C ALA G 132 11.45 -34.05 39.80
N LEU G 133 12.37 -33.33 39.17
CA LEU G 133 13.75 -33.80 39.08
C LEU G 133 14.53 -33.48 40.36
N LEU G 134 14.50 -32.22 40.79
CA LEU G 134 15.31 -31.80 41.92
C LEU G 134 14.71 -32.17 43.27
N ASP G 135 13.40 -32.37 43.36
CA ASP G 135 12.71 -32.45 44.65
C ASP G 135 11.51 -33.39 44.53
N PRO G 136 11.76 -34.67 44.27
CA PRO G 136 10.64 -35.61 44.13
C PRO G 136 9.73 -35.67 45.33
N ASP G 137 10.26 -35.45 46.53
CA ASP G 137 9.51 -35.57 47.77
C ASP G 137 9.05 -34.22 48.32
N ARG G 138 9.19 -33.14 47.54
CA ARG G 138 8.67 -31.83 47.91
C ARG G 138 9.19 -31.37 49.27
N ARG G 139 10.52 -31.40 49.41
CA ARG G 139 11.15 -30.92 50.62
C ARG G 139 11.63 -29.47 50.51
N LEU G 140 11.83 -28.96 49.29
CA LEU G 140 12.30 -27.60 49.10
C LEU G 140 11.13 -26.62 49.23
N ARG G 141 11.48 -25.39 49.59
CA ARG G 141 10.53 -24.27 49.63
C ARG G 141 11.04 -23.21 48.66
N TRP G 142 10.22 -22.88 47.67
CA TRP G 142 10.62 -22.02 46.57
C TRP G 142 10.17 -20.58 46.79
N ALA G 143 10.89 -19.66 46.15
CA ALA G 143 10.46 -18.26 46.01
C ALA G 143 10.69 -17.91 44.54
N GLN G 144 9.61 -17.71 43.79
CA GLN G 144 9.66 -17.63 42.34
C GLN G 144 9.21 -16.26 41.83
N VAL G 145 9.97 -15.73 40.88
CA VAL G 145 9.62 -14.52 40.16
C VAL G 145 9.51 -14.85 38.68
N SER G 146 8.68 -14.08 37.98
CA SER G 146 8.51 -14.28 36.55
C SER G 146 9.78 -13.88 35.80
N CYS G 147 9.84 -14.30 34.53
CA CYS G 147 10.90 -13.90 33.60
C CYS G 147 10.34 -12.83 32.67
N ASN G 148 10.58 -11.58 33.04
CA ASN G 148 10.11 -10.47 32.20
C ASN G 148 10.94 -10.40 30.92
N LEU G 149 10.27 -10.59 29.79
CA LEU G 149 10.91 -10.56 28.48
C LEU G 149 10.91 -9.18 27.85
N TYR G 150 10.13 -8.25 28.38
CA TYR G 150 9.93 -6.94 27.75
C TYR G 150 10.96 -5.92 28.21
N ALA G 151 11.19 -5.83 29.51
CA ALA G 151 12.20 -4.91 30.01
C ALA G 151 13.61 -5.44 29.66
N ASP G 152 14.60 -4.58 29.89
CA ASP G 152 15.98 -4.94 29.61
C ASP G 152 16.44 -6.04 30.57
N ALA G 153 17.36 -6.87 30.09
CA ALA G 153 17.84 -7.99 30.89
C ALA G 153 18.47 -7.53 32.21
N ASP G 154 19.02 -6.32 32.23
CA ASP G 154 19.65 -5.83 33.45
C ASP G 154 18.63 -5.54 34.55
N THR G 155 17.37 -5.25 34.17
CA THR G 155 16.34 -5.08 35.19
C THR G 155 16.04 -6.40 35.89
N LEU G 156 16.11 -7.52 35.15
CA LEU G 156 15.99 -8.82 35.79
C LEU G 156 17.15 -9.07 36.74
N ALA G 157 18.37 -8.67 36.34
CA ALA G 157 19.51 -8.75 37.26
C ALA G 157 19.25 -7.93 38.52
N ASP G 158 18.59 -6.78 38.38
CA ASP G 158 18.22 -6.00 39.56
C ASP G 158 17.26 -6.78 40.45
N VAL G 159 16.32 -7.50 39.84
CA VAL G 159 15.40 -8.33 40.62
C VAL G 159 16.17 -9.41 41.36
N GLY G 160 17.10 -10.07 40.67
CA GLY G 160 17.93 -11.06 41.33
C GLY G 160 18.76 -10.47 42.46
N ARG G 161 19.34 -9.30 42.22
CA ARG G 161 20.10 -8.62 43.26
C ARG G 161 19.22 -8.31 44.46
N ALA G 162 17.95 -7.95 44.21
CA ALA G 162 17.02 -7.70 45.30
C ALA G 162 16.76 -8.97 46.10
N GLY G 163 16.60 -10.10 45.41
CA GLY G 163 16.37 -11.36 46.10
C GLY G 163 17.53 -11.76 47.00
N ALA G 164 18.75 -11.58 46.52
CA ALA G 164 19.91 -11.91 47.33
C ALA G 164 19.99 -11.01 48.56
N ALA G 165 19.77 -9.71 48.38
CA ALA G 165 19.75 -8.80 49.51
C ALA G 165 18.67 -9.20 50.51
N ALA G 166 17.49 -9.59 50.03
CA ALA G 166 16.41 -10.01 50.92
C ALA G 166 16.78 -11.26 51.69
N ALA G 167 17.32 -12.26 50.99
CA ALA G 167 17.75 -13.48 51.66
C ALA G 167 18.79 -13.16 52.74
N ARG G 168 19.68 -12.21 52.46
CA ARG G 168 20.69 -11.80 53.44
C ARG G 168 20.03 -11.17 54.66
N ASP G 169 19.12 -10.22 54.43
CA ASP G 169 18.45 -9.54 55.54
C ASP G 169 17.60 -10.52 56.35
N ALA G 170 17.00 -11.51 55.69
CA ALA G 170 16.21 -12.52 56.39
C ALA G 170 17.07 -13.56 57.08
N GLY G 171 18.40 -13.46 56.96
CA GLY G 171 19.27 -14.45 57.58
C GLY G 171 19.13 -15.84 57.03
N LEU G 172 18.69 -15.97 55.77
CA LEU G 172 18.41 -17.27 55.19
C LEU G 172 19.65 -17.88 54.56
N ARG G 173 19.73 -19.20 54.62
CA ARG G 173 20.66 -19.98 53.80
C ARG G 173 19.89 -20.36 52.54
N ALA G 174 20.20 -19.70 51.42
CA ALA G 174 19.39 -19.80 50.23
C ALA G 174 20.23 -20.18 49.02
N ALA G 175 19.57 -20.79 48.04
CA ALA G 175 20.17 -21.10 46.75
C ALA G 175 19.30 -20.51 45.65
N VAL G 176 19.85 -20.47 44.45
CA VAL G 176 19.15 -19.93 43.29
C VAL G 176 19.14 -21.01 42.21
N VAL G 177 17.96 -21.23 41.62
CA VAL G 177 17.80 -22.14 40.50
C VAL G 177 17.15 -21.37 39.36
N VAL G 178 17.73 -21.49 38.16
CA VAL G 178 17.15 -20.92 36.96
C VAL G 178 16.86 -22.05 35.99
N VAL G 179 15.65 -22.07 35.45
CA VAL G 179 15.21 -23.07 34.48
C VAL G 179 15.22 -22.38 33.11
N THR G 180 16.13 -22.81 32.24
CA THR G 180 16.29 -22.17 30.95
C THR G 180 16.94 -23.14 29.99
N GLY G 181 16.60 -23.01 28.72
CA GLY G 181 17.35 -23.67 27.68
C GLY G 181 18.53 -22.82 27.27
N MET G 182 19.34 -23.39 26.38
CA MET G 182 20.43 -22.65 25.74
C MET G 182 19.94 -22.25 24.35
N SER G 183 20.66 -22.62 23.29
CA SER G 183 20.15 -22.39 21.95
C SER G 183 18.75 -22.98 21.81
N SER G 184 17.92 -22.35 20.99
CA SER G 184 16.53 -22.76 20.83
C SER G 184 16.22 -23.14 19.38
N GLY G 185 17.22 -23.62 18.65
CA GLY G 185 17.00 -24.09 17.30
C GLY G 185 16.21 -25.39 17.30
N LEU G 186 14.89 -25.28 17.15
CA LEU G 186 13.99 -26.37 17.44
C LEU G 186 13.60 -27.12 16.17
N ILE G 187 13.72 -28.45 16.23
CA ILE G 187 13.36 -29.30 15.10
C ILE G 187 11.84 -29.29 14.97
N GLN G 188 11.34 -28.71 13.87
CA GLN G 188 9.90 -28.59 13.66
C GLN G 188 9.35 -29.81 12.92
N GLN G 189 9.74 -30.99 13.37
CA GLN G 189 9.22 -32.26 12.85
C GLN G 189 9.02 -33.21 14.02
N TRP G 190 8.30 -34.31 13.75
CA TRP G 190 8.01 -35.31 14.78
C TRP G 190 9.11 -36.38 14.80
N ILE G 191 10.28 -35.97 15.28
CA ILE G 191 11.45 -36.83 15.30
C ILE G 191 11.20 -37.99 16.25
N GLU G 192 12.09 -38.98 16.22
CA GLU G 192 12.14 -40.02 17.22
C GLU G 192 13.27 -39.73 18.19
N PRO G 193 13.22 -40.29 19.41
CA PRO G 193 14.25 -39.96 20.41
C PRO G 193 15.67 -40.14 19.90
N GLY G 194 15.96 -41.23 19.19
CA GLY G 194 17.30 -41.45 18.66
C GLY G 194 17.71 -40.51 17.56
N GLN G 195 16.77 -39.73 17.01
CA GLN G 195 17.06 -38.81 15.92
C GLN G 195 17.38 -37.40 16.39
N ASP G 196 17.45 -37.17 17.70
CA ASP G 196 17.63 -35.83 18.23
C ASP G 196 19.05 -35.35 18.05
N ARG G 197 19.20 -34.05 17.81
CA ARG G 197 20.49 -33.41 17.60
C ARG G 197 20.27 -31.91 17.53
N ILE G 198 21.34 -31.14 17.78
CA ILE G 198 21.28 -29.69 17.61
C ILE G 198 20.85 -29.40 16.18
N GLY G 199 19.80 -28.59 16.04
CA GLY G 199 19.13 -28.45 14.75
C GLY G 199 19.32 -27.14 14.04
N GLU G 200 20.46 -26.47 14.25
CA GLU G 200 20.73 -25.23 13.52
C GLU G 200 22.23 -25.01 13.45
N PRO G 201 22.76 -24.47 12.35
CA PRO G 201 24.20 -24.22 12.29
C PRO G 201 24.65 -23.23 13.34
N GLY G 202 25.82 -23.51 13.93
CA GLY G 202 26.42 -22.62 14.90
C GLY G 202 25.83 -22.68 16.29
N HIS G 203 24.74 -23.41 16.48
CA HIS G 203 24.10 -23.45 17.81
C HIS G 203 24.94 -24.26 18.78
N ASP G 204 25.38 -25.45 18.37
CA ASP G 204 26.18 -26.28 19.25
C ASP G 204 27.50 -25.60 19.60
N GLN G 205 28.12 -24.91 18.63
CA GLN G 205 29.35 -24.19 18.91
C GLN G 205 29.12 -23.06 19.91
N TRP G 206 28.02 -22.32 19.73
CA TRP G 206 27.71 -21.25 20.67
C TRP G 206 27.47 -21.79 22.07
N ASN G 207 26.72 -22.89 22.18
CA ASN G 207 26.50 -23.51 23.48
C ASN G 207 27.81 -23.88 24.15
N THR G 208 28.69 -24.54 23.40
CA THR G 208 29.95 -24.99 24.00
C THR G 208 30.84 -23.82 24.37
N ARG G 209 30.88 -22.77 23.53
CA ARG G 209 31.64 -21.58 23.88
C ARG G 209 31.15 -21.00 25.21
N VAL G 210 29.83 -20.81 25.33
CA VAL G 210 29.28 -20.27 26.57
C VAL G 210 29.61 -21.18 27.73
N LEU G 211 29.40 -22.49 27.56
CA LEU G 211 29.63 -23.42 28.65
C LEU G 211 31.11 -23.45 29.05
N ASP G 212 32.01 -23.37 28.08
CA ASP G 212 33.43 -23.32 28.41
C ASP G 212 33.76 -22.09 29.25
N LEU G 213 33.17 -20.94 28.90
CA LEU G 213 33.42 -19.72 29.65
C LEU G 213 32.90 -19.83 31.08
N LEU G 214 31.74 -20.47 31.26
CA LEU G 214 31.16 -20.57 32.60
C LEU G 214 31.95 -21.54 33.47
N THR G 215 32.36 -22.68 32.91
CA THR G 215 33.16 -23.63 33.68
C THR G 215 34.50 -23.03 34.11
N ALA G 216 34.97 -22.00 33.40
CA ALA G 216 36.19 -21.30 33.77
C ALA G 216 35.94 -20.15 34.73
N GLY G 217 34.69 -19.89 35.10
CA GLY G 217 34.38 -18.82 36.03
C GLY G 217 34.28 -17.45 35.41
N LYS G 218 34.01 -17.38 34.11
CA LYS G 218 33.95 -16.10 33.41
C LYS G 218 32.54 -15.76 32.97
N VAL G 219 31.62 -15.64 33.94
CA VAL G 219 30.25 -15.27 33.61
C VAL G 219 30.18 -13.84 33.09
N ASP G 220 31.04 -12.96 33.58
CA ASP G 220 31.04 -11.58 33.10
C ASP G 220 31.35 -11.51 31.61
N GLU G 221 32.15 -12.45 31.10
CA GLU G 221 32.44 -12.48 29.67
C GLU G 221 31.25 -13.04 28.88
N VAL G 222 30.58 -14.05 29.43
CA VAL G 222 29.36 -14.55 28.79
C VAL G 222 28.31 -13.43 28.73
N LEU G 223 28.17 -12.67 29.82
CA LEU G 223 27.20 -11.59 29.82
C LEU G 223 27.58 -10.52 28.80
N ALA G 224 28.87 -10.32 28.56
CA ALA G 224 29.32 -9.31 27.59
C ALA G 224 28.99 -9.72 26.17
N VAL G 225 28.78 -11.01 25.90
CA VAL G 225 28.43 -11.50 24.58
C VAL G 225 27.04 -12.15 24.60
N ARG G 226 26.23 -11.84 25.61
CA ARG G 226 24.92 -12.47 25.74
C ARG G 226 24.02 -12.10 24.56
N GLU G 227 24.01 -10.83 24.15
CA GLU G 227 23.14 -10.42 23.07
C GLU G 227 23.56 -11.04 21.74
N ASP G 228 24.87 -11.27 21.55
CA ASP G 228 25.30 -12.02 20.39
C ASP G 228 24.86 -13.47 20.48
N PHE G 229 25.04 -14.09 21.66
CA PHE G 229 24.56 -15.45 21.86
C PHE G 229 23.07 -15.56 21.57
N ALA G 230 22.30 -14.58 22.03
CA ALA G 230 20.86 -14.60 21.79
C ALA G 230 20.55 -14.46 20.30
N ARG G 231 21.22 -13.53 19.62
CA ARG G 231 20.94 -13.28 18.21
C ARG G 231 21.24 -14.49 17.34
N GLN G 232 22.47 -15.00 17.44
CA GLN G 232 22.91 -16.03 16.51
C GLN G 232 22.46 -17.43 16.90
N ALA G 233 22.30 -17.68 18.20
CA ALA G 233 21.94 -19.01 18.69
C ALA G 233 20.50 -19.10 19.16
N GLN G 234 19.73 -18.02 19.10
CA GLN G 234 18.34 -18.01 19.56
C GLN G 234 18.24 -18.52 21.00
N ALA G 235 19.12 -18.00 21.85
CA ALA G 235 19.15 -18.47 23.23
C ALA G 235 17.82 -18.21 23.92
N ASP G 236 17.36 -19.20 24.69
CA ASP G 236 16.11 -19.11 25.42
C ASP G 236 16.00 -17.76 26.12
N SER G 237 15.00 -16.97 25.73
CA SER G 237 14.73 -15.68 26.36
C SER G 237 15.98 -14.82 26.39
N GLN G 238 16.79 -14.92 25.34
CA GLN G 238 18.03 -14.16 25.22
C GLN G 238 18.96 -14.44 26.40
N PHE G 239 18.81 -15.61 27.02
CA PHE G 239 19.64 -16.04 28.14
C PHE G 239 19.60 -15.04 29.29
N ARG G 240 18.50 -14.29 29.40
CA ARG G 240 18.36 -13.38 30.54
C ARG G 240 18.26 -14.13 31.86
N ALA G 241 18.01 -15.44 31.84
CA ALA G 241 18.06 -16.24 33.06
C ALA G 241 19.45 -16.17 33.69
N LEU G 242 20.50 -16.15 32.87
CA LEU G 242 21.85 -16.03 33.40
C LEU G 242 22.03 -14.67 34.07
N ALA G 243 21.50 -13.61 33.45
CA ALA G 243 21.62 -12.27 34.04
C ALA G 243 20.94 -12.22 35.39
N PHE G 244 19.81 -12.91 35.53
CA PHE G 244 19.13 -12.98 36.82
C PHE G 244 20.00 -13.70 37.84
N ALA G 245 20.44 -14.92 37.51
CA ALA G 245 21.26 -15.69 38.44
C ALA G 245 22.52 -14.94 38.83
N ALA G 246 23.14 -14.25 37.87
CA ALA G 246 24.35 -13.49 38.19
C ALA G 246 24.04 -12.34 39.13
N GLY G 247 22.97 -11.60 38.85
CA GLY G 247 22.58 -10.53 39.76
C GLY G 247 22.25 -11.02 41.15
N ALA G 248 21.73 -12.24 41.26
CA ALA G 248 21.43 -12.84 42.54
C ALA G 248 22.66 -13.44 43.22
N GLU G 249 23.86 -13.19 42.69
CA GLU G 249 25.10 -13.65 43.30
C GLU G 249 25.20 -15.17 43.34
N ALA G 250 24.55 -15.84 42.40
CA ALA G 250 24.49 -17.29 42.37
C ALA G 250 25.50 -17.93 41.44
N THR G 251 26.16 -17.16 40.57
CA THR G 251 27.08 -17.75 39.60
C THR G 251 28.52 -17.37 39.90
N THR G 252 28.96 -17.58 41.13
CA THR G 252 30.31 -17.24 41.55
C THR G 252 31.20 -18.48 41.49
N GLY G 253 32.46 -18.26 41.12
CA GLY G 253 33.39 -19.36 40.98
C GLY G 253 33.16 -20.14 39.70
N PRO G 254 33.92 -21.21 39.52
CA PRO G 254 33.75 -22.03 38.31
C PRO G 254 32.47 -22.83 38.36
N ALA G 255 31.81 -22.93 37.20
CA ALA G 255 30.60 -23.73 37.07
C ALA G 255 30.96 -25.18 36.79
N HIS G 256 30.21 -26.09 37.39
CA HIS G 256 30.38 -27.53 37.13
C HIS G 256 29.37 -27.94 36.08
N LEU G 257 29.87 -28.39 34.92
CA LEU G 257 29.02 -28.88 33.86
C LEU G 257 28.66 -30.34 34.15
N HIS G 258 27.42 -30.58 34.57
CA HIS G 258 27.00 -31.93 34.86
C HIS G 258 26.62 -32.69 33.58
N ALA G 259 26.06 -32.00 32.60
CA ALA G 259 25.67 -32.64 31.36
C ALA G 259 25.30 -31.58 30.34
N TYR G 260 25.32 -31.98 29.07
CA TYR G 260 24.94 -31.09 27.98
C TYR G 260 24.51 -31.95 26.80
N GLY G 261 23.45 -31.53 26.13
CA GLY G 261 22.93 -32.27 24.99
C GLY G 261 21.68 -31.64 24.43
N PRO G 262 21.16 -32.19 23.34
CA PRO G 262 19.96 -31.62 22.71
C PRO G 262 18.67 -32.18 23.26
N ILE G 263 17.63 -31.34 23.20
CA ILE G 263 16.26 -31.74 23.50
C ILE G 263 15.40 -31.25 22.33
N TRP G 264 15.07 -32.16 21.42
CA TRP G 264 14.27 -31.86 20.24
C TRP G 264 14.87 -30.75 19.39
N GLY G 265 16.18 -30.50 19.51
CA GLY G 265 16.88 -29.51 18.72
C GLY G 265 17.51 -28.40 19.54
N THR G 266 16.92 -28.09 20.69
CA THR G 266 17.46 -27.03 21.53
C THR G 266 18.72 -27.50 22.24
N GLY G 267 19.56 -26.53 22.62
CA GLY G 267 20.67 -26.81 23.50
C GLY G 267 20.22 -26.82 24.95
N ALA G 268 20.74 -27.77 25.72
CA ALA G 268 20.34 -27.94 27.11
C ALA G 268 21.55 -28.35 27.92
N ALA G 269 21.71 -27.72 29.09
CA ALA G 269 22.83 -28.00 29.97
C ALA G 269 22.37 -27.94 31.41
N VAL G 270 23.02 -28.75 32.25
CA VAL G 270 22.80 -28.74 33.69
C VAL G 270 24.09 -28.25 34.34
N LEU G 271 24.01 -27.12 35.04
CA LEU G 271 25.15 -26.49 35.66
C LEU G 271 24.87 -26.26 37.14
N SER G 272 25.95 -26.11 37.91
CA SER G 272 25.84 -25.78 39.32
C SER G 272 27.07 -24.97 39.73
N TRP G 273 26.87 -24.07 40.69
CA TRP G 273 27.94 -23.29 41.29
C TRP G 273 27.97 -23.56 42.78
N ASN G 274 29.16 -23.83 43.32
CA ASN G 274 29.35 -24.00 44.76
C ASN G 274 28.41 -25.06 45.32
N LEU G 275 28.18 -26.10 44.53
CA LEU G 275 27.34 -27.23 44.93
C LEU G 275 28.13 -28.53 44.82
N PRO G 276 29.20 -28.68 45.60
CA PRO G 276 29.97 -29.91 45.56
C PRO G 276 29.16 -31.08 46.08
N ASP G 277 29.51 -32.29 45.61
CA ASP G 277 28.86 -33.48 46.13
C ASP G 277 29.11 -33.64 47.62
N HIS G 278 30.12 -32.96 48.16
CA HIS G 278 30.35 -32.90 49.60
C HIS G 278 29.28 -32.03 50.26
N THR H 30 -19.27 -21.42 -6.44
CA THR H 30 -18.82 -20.12 -6.94
C THR H 30 -18.62 -19.15 -5.78
N ARG H 31 -19.59 -19.12 -4.86
CA ARG H 31 -19.45 -18.30 -3.67
C ARG H 31 -18.57 -19.03 -2.64
N PRO H 32 -17.52 -18.40 -2.13
CA PRO H 32 -16.64 -19.10 -1.18
C PRO H 32 -17.40 -19.61 0.04
N GLY H 33 -16.97 -20.77 0.54
CA GLY H 33 -17.52 -21.28 1.78
C GLY H 33 -17.19 -20.40 2.97
N ILE H 34 -16.03 -19.75 2.94
CA ILE H 34 -15.67 -18.75 3.93
C ILE H 34 -16.41 -17.46 3.57
N VAL H 35 -17.43 -17.13 4.35
CA VAL H 35 -18.27 -15.98 4.02
C VAL H 35 -17.74 -14.67 4.58
N ALA H 36 -16.82 -14.72 5.54
CA ALA H 36 -16.23 -13.51 6.09
C ALA H 36 -14.97 -13.85 6.85
N GLY H 37 -14.01 -12.93 6.81
CA GLY H 37 -12.79 -13.06 7.59
C GLY H 37 -12.54 -11.76 8.35
N CYS H 38 -12.15 -11.90 9.61
CA CYS H 38 -12.07 -10.76 10.51
C CYS H 38 -10.71 -10.68 11.19
N LEU H 39 -10.25 -9.46 11.39
CA LEU H 39 -9.16 -9.16 12.32
C LEU H 39 -9.82 -8.90 13.68
N SER H 40 -9.55 -9.78 14.66
CA SER H 40 -10.27 -9.79 15.93
C SER H 40 -9.27 -9.85 17.08
N PRO H 41 -8.72 -8.71 17.49
CA PRO H 41 -7.74 -8.72 18.59
C PRO H 41 -8.36 -9.23 19.88
N HIS H 42 -7.49 -9.75 20.76
CA HIS H 42 -7.92 -10.45 21.95
C HIS H 42 -7.44 -9.91 23.30
N PRO H 43 -6.95 -8.67 23.41
CA PRO H 43 -6.40 -8.24 24.71
C PRO H 43 -7.43 -8.44 25.81
N PRO H 44 -7.00 -8.95 26.97
CA PRO H 44 -7.98 -9.27 28.02
C PRO H 44 -8.76 -8.07 28.50
N HIS H 45 -8.22 -6.86 28.32
CA HIS H 45 -8.92 -5.65 28.76
C HIS H 45 -10.31 -5.54 28.15
N LEU H 46 -10.49 -6.04 26.92
CA LEU H 46 -11.78 -5.92 26.25
C LEU H 46 -12.83 -6.82 26.88
N ILE H 47 -12.42 -7.99 27.37
CA ILE H 47 -13.34 -8.85 28.11
C ILE H 47 -13.58 -8.28 29.50
N TYR H 48 -12.50 -7.91 30.18
CA TYR H 48 -12.60 -7.28 31.50
C TYR H 48 -13.59 -6.12 31.49
N GLY H 49 -13.50 -5.26 30.48
CA GLY H 49 -14.37 -4.10 30.43
C GLY H 49 -15.84 -4.41 30.25
N GLU H 50 -16.17 -5.59 29.73
CA GLU H 50 -17.54 -5.97 29.48
C GLU H 50 -18.23 -6.61 30.67
N ASN H 51 -17.47 -7.14 31.62
CA ASN H 51 -17.99 -7.83 32.79
C ASN H 51 -18.97 -8.94 32.40
N PRO H 52 -18.56 -9.87 31.53
CA PRO H 52 -19.45 -10.97 31.18
C PRO H 52 -19.53 -11.96 32.33
N PRO H 53 -20.59 -12.76 32.38
CA PRO H 53 -20.73 -13.70 33.51
C PRO H 53 -19.59 -14.70 33.60
N GLN H 54 -18.95 -15.03 32.48
CA GLN H 54 -17.90 -16.05 32.48
C GLN H 54 -16.58 -15.55 33.06
N ASN H 55 -16.41 -14.24 33.20
CA ASN H 55 -15.16 -13.67 33.69
C ASN H 55 -15.31 -13.36 35.17
N GLU H 56 -14.34 -13.83 35.97
CA GLU H 56 -14.43 -13.62 37.42
C GLU H 56 -14.15 -12.17 37.80
N PRO H 57 -13.06 -11.54 37.36
CA PRO H 57 -12.81 -10.15 37.74
C PRO H 57 -13.92 -9.21 37.25
N ARG H 58 -13.99 -8.05 37.90
CA ARG H 58 -15.05 -7.09 37.64
C ARG H 58 -14.44 -5.71 37.47
N SER H 59 -14.88 -5.00 36.46
CA SER H 59 -14.40 -3.68 36.12
C SER H 59 -15.49 -2.64 36.34
N THR H 60 -15.13 -1.38 36.09
CA THR H 60 -16.07 -0.28 36.00
C THR H 60 -16.35 0.12 34.56
N GLY H 61 -15.83 -0.66 33.60
CA GLY H 61 -15.90 -0.31 32.19
C GLY H 61 -14.50 -0.23 31.59
N GLY H 62 -14.40 0.57 30.53
CA GLY H 62 -13.13 0.75 29.85
C GLY H 62 -13.16 0.32 28.41
N TRP H 63 -12.40 1.00 27.56
CA TRP H 63 -12.24 0.62 26.15
C TRP H 63 -13.59 0.45 25.47
N GLU H 64 -14.48 1.41 25.74
CA GLU H 64 -15.86 1.31 25.26
C GLU H 64 -15.93 1.27 23.74
N THR H 65 -15.18 2.13 23.06
CA THR H 65 -15.34 2.22 21.61
C THR H 65 -14.95 0.92 20.94
N LEU H 66 -13.88 0.28 21.41
CA LEU H 66 -13.51 -1.01 20.86
C LEU H 66 -14.55 -2.07 21.18
N ARG H 67 -15.08 -2.07 22.40
CA ARG H 67 -16.12 -3.03 22.75
C ARG H 67 -17.38 -2.81 21.93
N TRP H 68 -17.74 -1.54 21.71
CA TRP H 68 -18.90 -1.25 20.85
C TRP H 68 -18.65 -1.72 19.43
N ALA H 69 -17.42 -1.57 18.94
CA ALA H 69 -17.10 -2.06 17.60
C ALA H 69 -17.29 -3.57 17.54
N TYR H 70 -16.89 -4.27 18.60
CA TYR H 70 -17.09 -5.72 18.63
C TYR H 70 -18.57 -6.08 18.67
N GLU H 71 -19.39 -5.27 19.35
CA GLU H 71 -20.83 -5.51 19.30
C GLU H 71 -21.35 -5.47 17.87
N ARG H 72 -20.83 -4.55 17.05
CA ARG H 72 -21.21 -4.53 15.64
CA ARG H 72 -21.21 -4.53 15.64
C ARG H 72 -20.80 -5.81 14.93
N LEU H 73 -19.57 -6.27 15.18
CA LEU H 73 -19.10 -7.51 14.55
C LEU H 73 -19.95 -8.69 14.99
N ARG H 74 -20.32 -8.73 16.27
CA ARG H 74 -21.15 -9.82 16.77
C ARG H 74 -22.47 -9.90 16.00
N ALA H 75 -23.11 -8.75 15.78
CA ALA H 75 -24.37 -8.73 15.06
C ALA H 75 -24.19 -9.13 13.60
N ARG H 76 -23.06 -8.76 12.99
CA ARG H 76 -22.81 -9.17 11.61
C ARG H 76 -22.71 -10.69 11.51
N ILE H 77 -21.88 -11.31 12.37
CA ILE H 77 -21.81 -12.76 12.42
C ILE H 77 -23.18 -13.34 12.76
N ARG H 78 -23.81 -12.78 13.78
CA ARG H 78 -25.11 -13.26 14.25
C ARG H 78 -26.15 -13.21 13.13
N ASP H 79 -26.34 -12.03 12.53
CA ASP H 79 -27.54 -11.75 11.76
C ASP H 79 -27.34 -11.81 10.25
N VAL H 80 -26.11 -11.68 9.75
CA VAL H 80 -25.85 -11.60 8.32
C VAL H 80 -25.07 -12.82 7.83
N HIS H 81 -23.92 -13.11 8.44
CA HIS H 81 -23.08 -14.19 7.95
C HIS H 81 -23.66 -15.55 8.30
N LYS H 82 -24.18 -15.70 9.53
CA LYS H 82 -24.81 -16.93 9.98
C LYS H 82 -23.95 -18.16 9.63
N PRO H 83 -22.73 -18.24 10.14
CA PRO H 83 -21.86 -19.36 9.79
C PRO H 83 -22.24 -20.63 10.54
N ASP H 84 -21.77 -21.75 9.99
CA ASP H 84 -21.85 -23.04 10.66
C ASP H 84 -20.72 -23.23 11.67
N VAL H 85 -19.65 -22.44 11.56
CA VAL H 85 -18.46 -22.66 12.36
C VAL H 85 -17.67 -21.36 12.41
N LEU H 86 -16.97 -21.15 13.52
CA LEU H 86 -15.99 -20.09 13.67
C LEU H 86 -14.61 -20.73 13.70
N ILE H 87 -13.73 -20.31 12.79
CA ILE H 87 -12.36 -20.80 12.74
C ILE H 87 -11.47 -19.67 13.23
N VAL H 88 -10.72 -19.93 14.31
CA VAL H 88 -9.93 -18.90 14.97
C VAL H 88 -8.46 -19.32 14.97
N HIS H 89 -7.59 -18.36 14.67
CA HIS H 89 -6.15 -18.52 14.78
C HIS H 89 -5.62 -17.39 15.65
N ALA H 90 -4.93 -17.74 16.72
CA ALA H 90 -4.42 -16.79 17.69
C ALA H 90 -2.98 -17.13 18.03
N PRO H 91 -2.24 -16.18 18.61
CA PRO H 91 -0.78 -16.34 18.70
C PRO H 91 -0.22 -17.02 19.94
N HIS H 92 -1.00 -17.11 21.02
CA HIS H 92 -0.40 -17.48 22.30
C HIS H 92 -0.42 -18.97 22.61
N TRP H 93 -1.23 -19.75 21.90
CA TRP H 93 -1.05 -21.20 21.90
C TRP H 93 0.18 -21.48 21.04
N ILE H 94 1.35 -21.02 21.48
CA ILE H 94 2.56 -21.15 20.68
C ILE H 94 2.91 -22.62 20.54
N THR H 95 3.23 -23.04 19.32
CA THR H 95 3.42 -24.43 18.97
C THR H 95 4.74 -24.56 18.24
N MET H 96 5.68 -25.26 18.84
CA MET H 96 7.03 -25.31 18.29
C MET H 96 7.15 -26.29 17.14
N VAL H 97 6.40 -27.39 17.15
CA VAL H 97 6.41 -28.36 16.06
C VAL H 97 5.17 -28.07 15.23
N GLY H 98 5.34 -27.26 14.20
CA GLY H 98 4.30 -27.10 13.20
C GLY H 98 3.03 -26.45 13.75
N HIS H 99 1.91 -26.90 13.21
CA HIS H 99 0.62 -26.27 13.43
C HIS H 99 -0.36 -27.30 13.97
N HIS H 100 -0.98 -26.99 15.10
CA HIS H 100 -1.89 -27.92 15.76
C HIS H 100 -3.33 -27.47 15.58
N VAL H 101 -4.23 -28.45 15.54
CA VAL H 101 -5.67 -28.22 15.39
C VAL H 101 -6.37 -28.84 16.57
N ASN H 102 -7.10 -28.02 17.33
CA ASN H 102 -7.84 -28.51 18.48
C ASN H 102 -9.06 -29.28 18.00
N CYS H 103 -9.05 -30.61 18.19
CA CYS H 103 -10.16 -31.47 17.79
C CYS H 103 -10.89 -32.05 18.99
N VAL H 104 -10.79 -31.40 20.15
CA VAL H 104 -11.52 -31.87 21.34
C VAL H 104 -13.00 -31.56 21.16
N PRO H 105 -13.89 -32.55 21.27
CA PRO H 105 -15.31 -32.28 20.99
C PRO H 105 -15.90 -31.12 21.76
N ASN H 106 -15.56 -30.97 23.04
CA ASN H 106 -16.21 -29.99 23.92
C ASN H 106 -15.20 -29.44 24.90
N PRO H 107 -14.33 -28.53 24.47
CA PRO H 107 -13.34 -27.96 25.39
C PRO H 107 -14.01 -27.14 26.49
N ARG H 108 -13.53 -27.35 27.72
CA ARG H 108 -14.06 -26.64 28.89
C ARG H 108 -12.94 -26.48 29.90
N GLY H 109 -13.03 -25.42 30.69
CA GLY H 109 -12.01 -25.14 31.69
C GLY H 109 -12.05 -23.68 32.11
N LEU H 110 -10.99 -23.29 32.83
CA LEU H 110 -10.83 -21.94 33.34
C LEU H 110 -9.55 -21.36 32.75
N SER H 111 -9.68 -20.32 31.94
CA SER H 111 -8.55 -19.67 31.29
C SER H 111 -8.15 -18.44 32.08
N VAL H 112 -6.93 -18.44 32.61
CA VAL H 112 -6.39 -17.34 33.39
C VAL H 112 -5.24 -16.73 32.61
N GLU H 113 -5.38 -15.45 32.27
CA GLU H 113 -4.31 -14.72 31.59
C GLU H 113 -3.15 -14.55 32.55
N PRO H 114 -1.99 -15.16 32.32
CA PRO H 114 -0.93 -15.13 33.34
C PRO H 114 -0.38 -13.74 33.60
N ILE H 115 -0.36 -12.87 32.58
CA ILE H 115 0.17 -11.53 32.76
C ILE H 115 -0.87 -10.58 33.32
N PHE H 116 -2.15 -10.81 33.02
CA PHE H 116 -3.26 -9.98 33.50
C PHE H 116 -4.28 -10.86 34.23
N PRO H 117 -3.85 -11.61 35.24
CA PRO H 117 -4.81 -12.46 35.97
C PRO H 117 -5.86 -11.66 36.73
N HIS H 118 -5.57 -10.40 37.04
CA HIS H 118 -6.54 -9.51 37.64
C HIS H 118 -7.61 -9.05 36.66
N LEU H 119 -7.43 -9.33 35.36
CA LEU H 119 -8.35 -8.87 34.33
C LEU H 119 -9.13 -9.98 33.67
N PHE H 120 -8.60 -11.20 33.63
CA PHE H 120 -9.16 -12.26 32.80
C PHE H 120 -8.98 -13.59 33.51
N ARG H 121 -10.08 -14.11 34.03
CA ARG H 121 -10.16 -15.47 34.59
C ARG H 121 -11.49 -16.00 34.10
N TYR H 122 -11.48 -16.66 32.94
CA TYR H 122 -12.66 -16.88 32.13
C TYR H 122 -13.03 -18.36 32.12
N ARG H 123 -14.26 -18.66 32.51
CA ARG H 123 -14.80 -20.01 32.50
C ARG H 123 -15.43 -20.28 31.14
N TYR H 124 -14.85 -21.20 30.37
CA TYR H 124 -15.25 -21.43 29.00
C TYR H 124 -15.81 -22.82 28.78
N ASP H 125 -16.68 -22.93 27.78
CA ASP H 125 -17.30 -24.21 27.42
C ASP H 125 -17.90 -24.05 26.04
N PHE H 126 -17.35 -24.75 25.04
CA PHE H 126 -17.84 -24.62 23.68
C PHE H 126 -17.67 -25.94 22.95
N ARG H 127 -18.22 -26.00 21.75
CA ARG H 127 -18.24 -27.21 20.93
C ARG H 127 -17.31 -27.03 19.73
N THR H 128 -16.54 -28.07 19.43
CA THR H 128 -15.62 -28.06 18.30
C THR H 128 -16.27 -28.77 17.11
N ASP H 129 -16.05 -28.21 15.92
CA ASP H 129 -16.43 -28.88 14.67
C ASP H 129 -15.31 -29.86 14.34
N VAL H 130 -15.39 -31.03 14.97
CA VAL H 130 -14.30 -32.00 14.88
C VAL H 130 -14.03 -32.37 13.43
N GLU H 131 -15.08 -32.71 12.69
CA GLU H 131 -14.90 -33.12 11.30
C GLU H 131 -14.11 -32.08 10.51
N LEU H 132 -14.40 -30.79 10.71
CA LEU H 132 -13.67 -29.77 10.00
C LEU H 132 -12.24 -29.66 10.51
N GLY H 133 -12.04 -29.78 11.83
CA GLY H 133 -10.69 -29.75 12.36
C GLY H 133 -9.80 -30.82 11.78
N GLU H 134 -10.33 -32.05 11.65
CA GLU H 134 -9.55 -33.12 11.04
C GLU H 134 -9.27 -32.83 9.58
N ALA H 135 -10.24 -32.22 8.88
CA ALA H 135 -10.04 -31.88 7.48
C ALA H 135 -8.93 -30.84 7.32
N ILE H 136 -8.95 -29.79 8.15
CA ILE H 136 -7.91 -28.78 8.08
C ILE H 136 -6.55 -29.40 8.34
N ALA H 137 -6.46 -30.31 9.31
CA ALA H 137 -5.20 -30.99 9.58
C ALA H 137 -4.76 -31.82 8.38
N GLU H 138 -5.69 -32.53 7.75
CA GLU H 138 -5.34 -33.35 6.60
CA GLU H 138 -5.34 -33.35 6.60
C GLU H 138 -4.81 -32.51 5.45
N GLU H 139 -5.53 -31.43 5.10
CA GLU H 139 -5.11 -30.60 3.98
C GLU H 139 -3.80 -29.90 4.28
N ALA H 140 -3.60 -29.44 5.52
CA ALA H 140 -2.35 -28.79 5.88
C ALA H 140 -1.18 -29.76 5.71
N SER H 141 -1.34 -30.99 6.20
CA SER H 141 -0.29 -31.99 6.00
C SER H 141 -0.09 -32.28 4.52
N GLY H 142 -1.20 -32.46 3.78
CA GLY H 142 -1.11 -32.70 2.36
C GLY H 142 -0.40 -31.62 1.59
N LEU H 143 -0.35 -30.40 2.14
CA LEU H 143 0.33 -29.28 1.50
C LEU H 143 1.75 -29.09 2.00
N GLY H 144 2.25 -30.00 2.84
CA GLY H 144 3.62 -29.96 3.28
C GLY H 144 3.87 -29.38 4.65
N LEU H 145 2.81 -29.13 5.43
CA LEU H 145 2.96 -28.55 6.76
C LEU H 145 3.02 -29.65 7.81
N VAL H 146 3.88 -29.44 8.81
CA VAL H 146 3.89 -30.31 9.98
C VAL H 146 2.67 -30.01 10.84
N THR H 147 1.89 -31.04 11.14
CA THR H 147 0.61 -30.86 11.80
C THR H 147 0.44 -31.87 12.93
N ARG H 148 -0.54 -31.58 13.80
CA ARG H 148 -0.98 -32.52 14.82
C ARG H 148 -2.40 -32.14 15.23
N THR H 149 -3.21 -33.15 15.51
CA THR H 149 -4.58 -32.96 15.97
C THR H 149 -4.61 -33.18 17.48
N LEU H 150 -5.09 -32.18 18.23
CA LEU H 150 -5.19 -32.27 19.68
C LEU H 150 -6.50 -32.94 20.05
N ARG H 151 -6.40 -34.06 20.79
CA ARG H 151 -7.56 -34.82 21.22
C ARG H 151 -7.73 -34.84 22.73
N ASP H 152 -6.74 -34.38 23.50
CA ASP H 152 -6.75 -34.51 24.94
C ASP H 152 -7.60 -33.42 25.58
N PRO H 153 -8.72 -33.75 26.23
CA PRO H 153 -9.57 -32.70 26.81
C PRO H 153 -8.97 -32.05 28.05
N ARG H 154 -7.87 -32.57 28.57
CA ARG H 154 -7.21 -31.98 29.72
C ARG H 154 -6.33 -30.79 29.37
N VAL H 155 -6.04 -30.58 28.08
CA VAL H 155 -5.26 -29.42 27.67
C VAL H 155 -6.12 -28.18 27.80
N ARG H 156 -5.59 -27.16 28.45
CA ARG H 156 -6.30 -25.90 28.64
C ARG H 156 -6.23 -25.06 27.37
N VAL H 157 -7.37 -24.52 26.95
CA VAL H 157 -7.38 -23.59 25.82
C VAL H 157 -6.75 -22.28 26.24
N ASP H 158 -5.99 -21.66 25.34
CA ASP H 158 -5.24 -20.48 25.68
C ASP H 158 -6.16 -19.25 25.78
N TYR H 159 -5.65 -18.24 26.49
CA TYR H 159 -6.47 -17.08 26.86
C TYR H 159 -6.80 -16.20 25.65
N ALA H 160 -5.94 -16.18 24.63
CA ALA H 160 -6.25 -15.36 23.46
C ALA H 160 -7.35 -15.99 22.60
N THR H 161 -7.28 -17.30 22.40
CA THR H 161 -8.35 -18.00 21.69
C THR H 161 -9.68 -17.79 22.40
N ILE H 162 -9.69 -17.93 23.72
CA ILE H 162 -10.93 -17.73 24.48
C ILE H 162 -11.39 -16.29 24.36
N GLY H 163 -10.48 -15.34 24.53
CA GLY H 163 -10.85 -13.94 24.41
C GLY H 163 -11.41 -13.60 23.04
N ALA H 164 -10.68 -13.99 21.98
CA ALA H 164 -11.16 -13.74 20.63
C ALA H 164 -12.56 -14.31 20.42
N LEU H 165 -12.78 -15.55 20.88
CA LEU H 165 -14.08 -16.19 20.66
C LEU H 165 -15.18 -15.52 21.45
N HIS H 166 -14.91 -15.11 22.70
CA HIS H 166 -15.91 -14.40 23.45
C HIS H 166 -16.30 -13.10 22.75
N LEU H 167 -15.32 -12.38 22.24
CA LEU H 167 -15.60 -11.09 21.62
C LEU H 167 -16.39 -11.24 20.33
N ALA H 168 -16.13 -12.30 19.57
CA ALA H 168 -16.86 -12.52 18.33
C ALA H 168 -18.25 -13.09 18.57
N ASN H 169 -18.41 -13.94 19.58
CA ASN H 169 -19.74 -14.50 19.89
C ASN H 169 -19.79 -14.90 21.35
N PRO H 170 -20.30 -14.03 22.22
CA PRO H 170 -20.33 -14.37 23.66
C PRO H 170 -21.40 -15.39 24.03
N ALA H 171 -22.21 -15.85 23.08
CA ALA H 171 -23.17 -16.90 23.36
C ALA H 171 -22.56 -18.29 23.26
N TRP H 172 -21.44 -18.42 22.56
CA TRP H 172 -20.72 -19.68 22.41
C TRP H 172 -21.57 -20.77 21.77
N ASP H 173 -22.60 -20.38 21.02
CA ASP H 173 -23.54 -21.31 20.41
C ASP H 173 -23.23 -21.58 18.94
N ILE H 174 -21.99 -21.37 18.51
CA ILE H 174 -21.54 -21.66 17.15
C ILE H 174 -20.35 -22.60 17.26
N PRO H 175 -20.35 -23.74 16.55
CA PRO H 175 -19.19 -24.62 16.59
C PRO H 175 -17.90 -23.88 16.28
N VAL H 176 -16.79 -24.38 16.82
CA VAL H 176 -15.50 -23.71 16.73
C VAL H 176 -14.45 -24.68 16.21
N VAL H 177 -13.46 -24.14 15.51
CA VAL H 177 -12.22 -24.84 15.22
C VAL H 177 -11.10 -23.91 15.62
N SER H 178 -10.35 -24.29 16.65
CA SER H 178 -9.23 -23.51 17.16
C SER H 178 -7.93 -24.02 16.56
N LEU H 179 -7.13 -23.11 16.02
CA LEU H 179 -5.84 -23.44 15.43
C LEU H 179 -4.73 -22.85 16.27
N SER H 180 -3.64 -23.61 16.43
CA SER H 180 -2.48 -23.14 17.15
C SER H 180 -1.62 -22.26 16.25
N ALA H 181 -0.64 -21.61 16.86
CA ALA H 181 0.25 -20.68 16.17
C ALA H 181 1.67 -21.24 16.19
N ASN H 182 2.17 -21.62 15.02
CA ASN H 182 3.54 -22.09 14.90
C ASN H 182 4.50 -20.94 15.23
N ASN H 183 5.34 -21.14 16.23
CA ASN H 183 6.33 -20.15 16.62
C ASN H 183 7.29 -20.81 17.60
N ASN H 184 8.31 -20.05 18.01
CA ASN H 184 9.28 -20.53 18.98
C ASN H 184 8.90 -20.01 20.36
N PRO H 185 8.47 -20.86 21.29
CA PRO H 185 8.08 -20.34 22.62
C PRO H 185 9.27 -19.87 23.46
N TYR H 186 10.50 -20.24 23.08
CA TYR H 186 11.69 -19.85 23.83
C TYR H 186 12.43 -18.69 23.22
N PHE H 187 12.16 -18.34 21.96
CA PHE H 187 12.81 -17.23 21.25
C PHE H 187 11.82 -16.72 20.21
N TYR H 188 10.81 -15.97 20.68
CA TYR H 188 9.73 -15.54 19.80
C TYR H 188 10.29 -14.75 18.62
N SER H 189 9.83 -15.10 17.42
CA SER H 189 10.35 -14.51 16.19
C SER H 189 9.19 -14.28 15.23
N ASP H 190 9.50 -13.61 14.12
CA ASP H 190 8.51 -13.42 13.07
C ASP H 190 8.08 -14.77 12.51
N ALA H 191 6.79 -15.06 12.58
CA ALA H 191 6.28 -16.32 12.03
C ALA H 191 6.55 -16.38 10.53
N SER H 192 6.55 -17.60 10.01
CA SER H 192 6.71 -17.81 8.56
C SER H 192 5.39 -17.48 7.90
N LEU H 193 5.30 -16.30 7.29
CA LEU H 193 4.06 -15.90 6.63
C LEU H 193 3.72 -16.84 5.47
N THR H 194 4.74 -17.39 4.81
CA THR H 194 4.48 -18.37 3.76
C THR H 194 3.73 -19.57 4.31
N GLU H 195 4.20 -20.11 5.44
CA GLU H 195 3.53 -21.24 6.06
C GLU H 195 2.08 -20.89 6.40
N MET H 196 1.86 -19.69 6.92
CA MET H 196 0.49 -19.27 7.23
C MET H 196 -0.36 -19.21 5.97
N GLU H 197 0.21 -18.73 4.86
CA GLU H 197 -0.51 -18.77 3.59
C GLU H 197 -0.93 -20.19 3.26
N VAL H 198 0.00 -21.16 3.42
CA VAL H 198 -0.34 -22.55 3.14
C VAL H 198 -1.41 -23.04 4.10
N LEU H 199 -1.31 -22.65 5.38
CA LEU H 199 -2.35 -23.03 6.33
C LEU H 199 -3.70 -22.48 5.91
N GLY H 200 -3.72 -21.23 5.44
CA GLY H 200 -4.98 -20.65 4.98
C GLY H 200 -5.58 -21.44 3.83
N GLU H 201 -4.76 -21.79 2.84
CA GLU H 201 -5.24 -22.60 1.74
C GLU H 201 -5.79 -23.94 2.25
N ALA H 202 -5.05 -24.59 3.15
CA ALA H 202 -5.56 -25.82 3.76
C ALA H 202 -6.91 -25.57 4.41
N THR H 203 -7.05 -24.43 5.09
CA THR H 203 -8.34 -24.10 5.70
C THR H 203 -9.41 -23.93 4.64
N ARG H 204 -9.09 -23.18 3.57
CA ARG H 204 -10.04 -23.01 2.48
C ARG H 204 -10.49 -24.35 1.91
N LEU H 205 -9.52 -25.19 1.55
CA LEU H 205 -9.86 -26.49 0.96
C LEU H 205 -10.74 -27.30 1.91
N ALA H 206 -10.35 -27.36 3.19
CA ALA H 206 -11.12 -28.14 4.15
C ALA H 206 -12.54 -27.61 4.27
N VAL H 207 -12.72 -26.28 4.23
CA VAL H 207 -14.06 -25.72 4.34
C VAL H 207 -14.90 -26.11 3.12
N GLU H 208 -14.32 -25.99 1.93
CA GLU H 208 -15.05 -26.37 0.72
C GLU H 208 -15.33 -27.87 0.71
N ALA H 209 -14.35 -28.68 1.11
CA ALA H 209 -14.53 -30.12 1.10
C ALA H 209 -15.69 -30.54 2.00
N THR H 210 -15.74 -29.99 3.22
CA THR H 210 -16.78 -30.36 4.18
C THR H 210 -18.07 -29.58 4.00
N GLY H 211 -18.11 -28.64 3.06
CA GLY H 211 -19.33 -27.89 2.81
C GLY H 211 -19.75 -27.00 3.96
N ARG H 212 -18.79 -26.39 4.65
CA ARG H 212 -19.09 -25.57 5.81
C ARG H 212 -19.25 -24.11 5.43
N ARG H 213 -20.09 -23.41 6.20
CA ARG H 213 -20.26 -21.96 6.09
C ARG H 213 -19.50 -21.35 7.27
N ALA H 214 -18.34 -20.77 6.99
CA ALA H 214 -17.38 -20.44 8.04
C ALA H 214 -17.07 -18.94 8.08
N VAL H 215 -16.88 -18.43 9.29
CA VAL H 215 -16.30 -17.12 9.53
C VAL H 215 -14.93 -17.33 10.17
N LEU H 216 -13.92 -16.63 9.66
CA LEU H 216 -12.56 -16.76 10.17
C LEU H 216 -12.24 -15.60 11.10
N LEU H 217 -11.51 -15.90 12.18
CA LEU H 217 -11.12 -14.92 13.18
C LEU H 217 -9.60 -14.92 13.28
N ALA H 218 -8.98 -13.85 12.81
CA ALA H 218 -7.52 -13.69 12.88
C ALA H 218 -7.23 -12.78 14.07
N SER H 219 -6.86 -13.38 15.21
CA SER H 219 -6.78 -12.63 16.46
C SER H 219 -5.37 -12.09 16.66
N ASN H 220 -5.11 -10.94 16.04
CA ASN H 220 -3.83 -10.24 16.15
C ASN H 220 -4.09 -8.77 16.42
N SER H 221 -3.35 -8.21 17.37
CA SER H 221 -3.25 -6.76 17.49
C SER H 221 -2.32 -6.23 16.41
N LEU H 222 -2.25 -4.90 16.31
CA LEU H 222 -1.33 -4.23 15.40
C LEU H 222 -0.08 -3.83 16.17
N SER H 223 0.38 -2.58 16.12
CA SER H 223 1.54 -2.15 16.90
C SER H 223 1.47 -2.68 18.32
N HIS H 224 2.56 -3.31 18.78
CA HIS H 224 2.52 -4.16 19.96
C HIS H 224 3.49 -3.72 21.05
N LEU H 225 4.01 -2.50 21.00
CA LEU H 225 4.73 -1.93 22.12
C LEU H 225 3.72 -1.36 23.11
N HIS H 226 3.99 -1.53 24.40
CA HIS H 226 3.00 -1.27 25.43
C HIS H 226 3.67 -0.71 26.68
N TRP H 227 2.82 -0.26 27.62
CA TRP H 227 3.32 0.27 28.87
C TRP H 227 4.14 -0.77 29.61
N HIS H 228 5.25 -0.32 30.20
CA HIS H 228 6.01 -1.16 31.11
C HIS H 228 5.46 -1.12 32.54
N GLU H 229 4.54 -0.19 32.81
CA GLU H 229 3.84 -0.10 34.09
C GLU H 229 2.35 0.04 33.84
N GLU H 230 1.56 -0.64 34.64
CA GLU H 230 0.11 -0.56 34.53
C GLU H 230 -0.41 0.59 35.38
N PRO H 231 -1.32 1.43 34.88
CA PRO H 231 -1.89 2.48 35.73
C PRO H 231 -2.56 1.87 36.96
N GLU H 232 -2.65 2.69 38.02
CA GLU H 232 -3.28 2.24 39.26
C GLU H 232 -4.65 1.64 38.99
N LEU H 233 -5.48 2.34 38.21
CA LEU H 233 -6.76 1.82 37.78
C LEU H 233 -6.61 1.31 36.36
N PRO H 234 -6.70 0.00 36.11
CA PRO H 234 -6.46 -0.49 34.74
C PRO H 234 -7.27 0.23 33.68
N GLU H 235 -8.54 0.52 33.93
CA GLU H 235 -9.42 1.15 32.97
C GLU H 235 -9.40 2.68 33.04
N ASP H 236 -8.36 3.27 33.64
CA ASP H 236 -8.19 4.72 33.64
C ASP H 236 -7.92 5.14 32.20
N MET H 237 -8.95 5.64 31.51
CA MET H 237 -8.82 5.90 30.09
C MET H 237 -7.97 7.13 29.80
N GLU H 238 -7.69 7.96 30.80
CA GLU H 238 -6.74 9.05 30.60
C GLU H 238 -5.37 8.52 30.19
N ARG H 239 -4.96 7.38 30.77
CA ARG H 239 -3.66 6.79 30.51
C ARG H 239 -3.67 5.89 29.28
N GLU H 240 -4.78 5.83 28.55
CA GLU H 240 -4.88 4.98 27.36
C GLU H 240 -4.67 5.86 26.13
N HIS H 241 -3.59 5.62 25.41
CA HIS H 241 -3.27 6.39 24.23
C HIS H 241 -2.15 5.67 23.49
N PRO H 242 -1.89 6.02 22.23
CA PRO H 242 -0.82 5.35 21.48
C PRO H 242 0.51 5.40 22.21
N TYR H 243 1.27 4.30 22.09
CA TYR H 243 2.60 4.24 22.67
C TYR H 243 3.44 5.43 22.22
N ASN H 244 3.41 5.72 20.93
CA ASN H 244 3.97 6.95 20.38
C ASN H 244 3.37 7.16 18.99
N ASN H 245 3.62 8.34 18.42
CA ASN H 245 3.01 8.67 17.14
C ASN H 245 3.60 7.86 15.99
N HIS H 246 4.83 7.39 16.14
CA HIS H 246 5.40 6.50 15.12
C HIS H 246 4.61 5.21 15.02
N GLN H 247 4.34 4.57 16.16
CA GLN H 247 3.50 3.37 16.15
C GLN H 247 2.13 3.67 15.55
N TYR H 248 1.53 4.80 15.94
CA TYR H 248 0.20 5.14 15.45
C TYR H 248 0.22 5.38 13.94
N ARG H 249 1.17 6.18 13.47
CA ARG H 249 1.21 6.48 12.03
C ARG H 249 1.34 5.21 11.20
N TRP H 250 2.13 4.24 11.68
CA TRP H 250 2.27 3.00 10.92
C TRP H 250 1.00 2.18 10.94
N ASP H 251 0.30 2.16 12.08
CA ASP H 251 -1.00 1.50 12.13
C ASP H 251 -1.95 2.10 11.11
N MET H 252 -1.93 3.43 10.97
CA MET H 252 -2.84 4.08 10.04
C MET H 252 -2.44 3.83 8.59
N LYS H 253 -1.14 3.73 8.32
CA LYS H 253 -0.68 3.38 6.97
C LYS H 253 -1.23 2.03 6.56
N LEU H 254 -1.14 1.04 7.46
CA LEU H 254 -1.69 -0.28 7.18
C LEU H 254 -3.20 -0.22 7.05
N LEU H 255 -3.87 0.48 7.97
CA LEU H 255 -5.32 0.52 7.96
C LEU H 255 -5.85 1.28 6.74
N GLU H 256 -5.14 2.31 6.30
CA GLU H 256 -5.57 3.02 5.11
CA GLU H 256 -5.57 3.02 5.11
C GLU H 256 -5.51 2.11 3.88
N ALA H 257 -4.45 1.29 3.78
CA ALA H 257 -4.38 0.34 2.69
C ALA H 257 -5.46 -0.74 2.80
N ILE H 258 -5.85 -1.09 4.03
CA ILE H 258 -6.90 -2.08 4.21
C ILE H 258 -8.24 -1.54 3.73
N ARG H 259 -8.59 -0.33 4.18
CA ARG H 259 -9.91 0.19 3.83
C ARG H 259 -10.01 0.65 2.38
N ARG H 260 -8.89 0.75 1.67
CA ARG H 260 -8.94 1.22 0.28
C ARG H 260 -8.79 0.09 -0.72
N GLY H 261 -7.59 -0.50 -0.80
CA GLY H 261 -7.24 -1.33 -1.93
C GLY H 261 -7.61 -2.78 -1.76
N PRO H 262 -7.16 -3.60 -2.70
CA PRO H 262 -7.32 -5.06 -2.55
C PRO H 262 -6.36 -5.58 -1.49
N THR H 263 -6.54 -6.87 -1.16
CA THR H 263 -5.77 -7.46 -0.08
C THR H 263 -4.40 -7.96 -0.51
N ALA H 264 -4.19 -8.18 -1.81
CA ALA H 264 -2.91 -8.72 -2.25
C ALA H 264 -1.73 -7.85 -1.89
N PRO H 265 -1.78 -6.52 -2.03
CA PRO H 265 -0.63 -5.69 -1.61
C PRO H 265 -0.34 -5.75 -0.13
N LEU H 266 -1.24 -6.30 0.69
CA LEU H 266 -0.95 -6.46 2.11
C LEU H 266 0.13 -7.50 2.37
N ARG H 267 0.31 -8.44 1.44
CA ARG H 267 1.37 -9.43 1.60
C ARG H 267 2.72 -8.78 1.82
N ASP H 268 2.96 -7.64 1.17
CA ASP H 268 4.22 -6.92 1.34
C ASP H 268 4.13 -5.84 2.42
N LEU H 269 2.95 -5.23 2.60
CA LEU H 269 2.81 -4.20 3.63
C LEU H 269 2.84 -4.80 5.02
N ILE H 270 2.31 -6.01 5.19
CA ILE H 270 2.27 -6.62 6.52
C ILE H 270 3.67 -6.78 7.10
N PRO H 271 4.65 -7.35 6.38
CA PRO H 271 5.99 -7.46 6.96
C PRO H 271 6.63 -6.13 7.33
N GLU H 272 6.52 -5.11 6.47
CA GLU H 272 7.20 -3.85 6.79
C GLU H 272 6.53 -3.16 7.97
N HIS H 273 5.21 -3.26 8.07
CA HIS H 273 4.53 -2.77 9.28
C HIS H 273 5.03 -3.50 10.52
N ILE H 274 5.19 -4.82 10.42
CA ILE H 274 5.76 -5.59 11.53
C ILE H 274 7.14 -5.08 11.88
N GLU H 275 8.00 -4.92 10.87
CA GLU H 275 9.35 -4.43 11.10
C GLU H 275 9.36 -3.09 11.83
N ALA H 276 8.37 -2.25 11.55
CA ALA H 276 8.37 -0.90 12.09
C ALA H 276 7.66 -0.77 13.43
N THR H 277 6.78 -1.71 13.78
CA THR H 277 5.96 -1.57 14.98
C THR H 277 5.98 -2.78 15.90
N ALA H 278 6.70 -3.83 15.56
CA ALA H 278 6.68 -5.08 16.34
C ALA H 278 5.26 -5.63 16.42
N SER H 279 4.48 -5.42 15.37
CA SER H 279 3.06 -5.74 15.36
C SER H 279 2.84 -7.20 15.74
N GLU H 280 1.71 -7.46 16.40
CA GLU H 280 1.34 -8.84 16.69
C GLU H 280 0.96 -9.62 15.45
N THR H 281 0.71 -8.93 14.32
CA THR H 281 0.50 -9.63 13.06
C THR H 281 1.69 -10.49 12.68
N LYS H 282 2.85 -10.27 13.30
CA LYS H 282 3.99 -11.17 13.11
C LYS H 282 3.61 -12.61 13.42
N ALA H 283 2.58 -12.81 14.25
CA ALA H 283 2.13 -14.17 14.54
C ALA H 283 1.60 -14.86 13.29
N GLY H 284 1.12 -14.07 12.33
CA GLY H 284 0.72 -14.60 11.03
C GLY H 284 -0.75 -14.91 10.87
N SER H 285 -1.57 -14.65 11.88
CA SER H 285 -2.99 -15.00 11.78
C SER H 285 -3.69 -14.19 10.69
N LEU H 286 -3.34 -12.91 10.56
CA LEU H 286 -3.96 -12.08 9.52
C LEU H 286 -3.63 -12.63 8.14
N THR H 287 -2.37 -12.97 7.90
CA THR H 287 -1.98 -13.57 6.63
C THR H 287 -2.75 -14.86 6.38
N TRP H 288 -2.81 -15.73 7.39
CA TRP H 288 -3.56 -16.98 7.26
C TRP H 288 -4.98 -16.74 6.79
N MET H 289 -5.65 -15.76 7.39
CA MET H 289 -7.04 -15.48 7.02
C MET H 289 -7.14 -14.94 5.60
N LEU H 290 -6.30 -13.96 5.26
CA LEU H 290 -6.38 -13.38 3.92
C LEU H 290 -6.05 -14.42 2.86
N ALA H 291 -5.13 -15.34 3.17
CA ALA H 291 -4.84 -16.43 2.23
C ALA H 291 -6.02 -17.36 2.07
N ALA H 292 -6.68 -17.72 3.18
CA ALA H 292 -7.84 -18.61 3.11
C ALA H 292 -8.95 -17.99 2.28
N MET H 293 -9.08 -16.68 2.30
CA MET H 293 -10.08 -15.99 1.51
C MET H 293 -9.65 -15.80 0.06
N GLY H 294 -8.45 -16.24 -0.29
CA GLY H 294 -7.97 -16.10 -1.65
C GLY H 294 -7.46 -14.72 -2.00
N TRP H 295 -7.03 -13.95 -1.02
CA TRP H 295 -6.58 -12.57 -1.23
C TRP H 295 -7.59 -11.81 -2.09
N PRO H 296 -8.82 -11.63 -1.59
CA PRO H 296 -9.87 -11.07 -2.44
C PRO H 296 -9.60 -9.61 -2.80
N LYS H 297 -10.11 -9.22 -3.97
CA LYS H 297 -9.95 -7.86 -4.48
C LYS H 297 -10.98 -6.93 -3.85
N VAL H 298 -10.88 -6.77 -2.52
CA VAL H 298 -11.87 -6.04 -1.76
C VAL H 298 -11.19 -5.17 -0.71
N ALA H 299 -11.94 -4.19 -0.22
CA ALA H 299 -11.50 -3.39 0.91
C ALA H 299 -11.98 -4.03 2.21
N GLY H 300 -11.27 -3.72 3.29
CA GLY H 300 -11.65 -4.17 4.62
C GLY H 300 -12.44 -3.08 5.33
N ASP H 301 -13.52 -3.48 5.97
CA ASP H 301 -14.33 -2.57 6.77
C ASP H 301 -13.72 -2.48 8.17
N VAL H 302 -13.09 -1.35 8.47
CA VAL H 302 -12.49 -1.14 9.79
C VAL H 302 -13.60 -0.73 10.75
N LEU H 303 -14.16 -1.71 11.47
CA LEU H 303 -15.25 -1.42 12.38
C LEU H 303 -14.80 -0.54 13.53
N GLY H 304 -13.52 -0.59 13.90
CA GLY H 304 -13.03 0.23 14.97
C GLY H 304 -11.54 0.11 15.17
N TYR H 305 -10.92 1.16 15.69
CA TYR H 305 -9.52 1.14 16.10
C TYR H 305 -9.35 1.90 17.39
N GLY H 306 -8.52 1.36 18.28
CA GLY H 306 -8.20 2.01 19.54
C GLY H 306 -6.96 1.38 20.10
N THR H 307 -6.49 1.93 21.21
CA THR H 307 -5.28 1.43 21.86
C THR H 307 -5.62 0.73 23.16
N ILE H 308 -4.80 -0.26 23.50
CA ILE H 308 -4.91 -0.99 24.76
C ILE H 308 -3.51 -1.08 25.35
N ILE H 309 -3.33 -0.45 26.52
CA ILE H 309 -2.02 -0.19 27.12
C ILE H 309 -1.02 0.22 26.05
N GLY H 310 -1.46 1.07 25.12
CA GLY H 310 -0.58 1.63 24.12
C GLY H 310 -0.53 0.88 22.81
N THR H 311 -0.87 -0.40 22.80
CA THR H 311 -0.84 -1.18 21.57
C THR H 311 -2.00 -0.80 20.68
N GLY H 312 -1.79 -0.95 19.37
CA GLY H 312 -2.83 -0.68 18.40
C GLY H 312 -3.71 -1.89 18.17
N ASN H 313 -5.02 -1.65 18.09
CA ASN H 313 -5.98 -2.73 17.95
C ASN H 313 -7.05 -2.33 16.96
N ALA H 314 -7.19 -3.11 15.90
CA ALA H 314 -8.17 -2.85 14.85
C ALA H 314 -9.10 -4.05 14.71
N ILE H 315 -10.39 -3.78 14.62
CA ILE H 315 -11.41 -4.79 14.34
C ILE H 315 -11.86 -4.56 12.90
N VAL H 316 -11.63 -5.57 12.04
CA VAL H 316 -11.83 -5.42 10.61
C VAL H 316 -12.64 -6.60 10.09
N GLU H 317 -13.43 -6.34 9.05
CA GLU H 317 -14.21 -7.38 8.37
C GLU H 317 -13.94 -7.31 6.89
N TRP H 318 -13.54 -8.44 6.32
CA TRP H 318 -13.42 -8.62 4.88
C TRP H 318 -14.48 -9.59 4.41
N LEU H 319 -15.07 -9.31 3.24
CA LEU H 319 -16.05 -10.18 2.61
C LEU H 319 -15.54 -10.68 1.27
N PRO H 320 -16.10 -11.77 0.75
CA PRO H 320 -15.69 -12.24 -0.58
C PRO H 320 -16.02 -11.24 -1.66
N GLU H 321 -15.33 -11.37 -2.79
CA GLU H 321 -15.54 -10.49 -3.94
C GLU H 321 -17.02 -10.44 -4.34
#